data_7HNN
# 
_entry.id   7HNN 
# 
_audit_conform.dict_name       mmcif_pdbx.dic 
_audit_conform.dict_version    5.399 
_audit_conform.dict_location   http://mmcif.pdb.org/dictionaries/ascii/mmcif_pdbx.dic 
# 
loop_
_database_2.database_id 
_database_2.database_code 
_database_2.pdbx_database_accession 
_database_2.pdbx_DOI 
PDB   7HNN         pdb_00007hnn 10.2210/pdb7hnn/pdb 
WWPDB D_1001407701 ?            ?                   
# 
_pdbx_audit_revision_history.ordinal             1 
_pdbx_audit_revision_history.data_content_type   'Structure model' 
_pdbx_audit_revision_history.major_revision      1 
_pdbx_audit_revision_history.minor_revision      0 
_pdbx_audit_revision_history.revision_date       2024-11-27 
# 
_pdbx_audit_revision_details.ordinal             1 
_pdbx_audit_revision_details.revision_ordinal    1 
_pdbx_audit_revision_details.data_content_type   'Structure model' 
_pdbx_audit_revision_details.provider            repository 
_pdbx_audit_revision_details.type                'Initial release' 
_pdbx_audit_revision_details.description         ? 
_pdbx_audit_revision_details.details             ? 
# 
_database_PDB_caveat.id     1 
_database_PDB_caveat.text   'PHE B 177 HAS WRONG CHIRALITY AT ATOM CA' 
# 
_pdbx_database_status.entry_id                        7HNN 
_pdbx_database_status.status_code                     REL 
_pdbx_database_status.status_code_sf                  REL 
_pdbx_database_status.status_code_mr                  ? 
_pdbx_database_status.status_code_cs                  ? 
_pdbx_database_status.recvd_initial_deposition_date   2024-11-04 
_pdbx_database_status.status_code_nmr_data            ? 
_pdbx_database_status.deposit_site                    RCSB 
_pdbx_database_status.process_site                    RCSB 
_pdbx_database_status.SG_entry                        ? 
_pdbx_database_status.pdb_format_compatible           Y 
_pdbx_database_status.methods_development_category    ? 
# 
_pdbx_contact_author.id                 1 
_pdbx_contact_author.email              knapp@pharmchem.uni-frankfurt.de 
_pdbx_contact_author.name_first         Stefan 
_pdbx_contact_author.name_last          Knapp 
_pdbx_contact_author.role               'principal investigator/group leader' 
_pdbx_contact_author.identifier_ORCID   0000-0001-5995-6494 
_pdbx_contact_author.name_mi            ? 
# 
loop_
_audit_author.name 
_audit_author.pdbx_ordinal 
'Kim, Y.'                              1 
'Marples, P.'                          2 
'Fearon, D.'                           3 
'von Delft, F.'                        4 
'Knapp, S.'                            5 
'Kraemer, A.'                          6 
'Structural Genomics Consortium (SGC)' 7 
# 
_citation.id                        primary 
_citation.title                     'PanDDA analysis group deposition' 
_citation.journal_abbrev            'To Be Published' 
_citation.journal_volume            ? 
_citation.page_first                ? 
_citation.page_last                 ? 
_citation.year                      ? 
_citation.journal_id_ASTM           ? 
_citation.country                   ? 
_citation.journal_id_ISSN           ? 
_citation.journal_id_CSD            0353 
_citation.book_publisher            ? 
_citation.pdbx_database_id_PubMed   ? 
_citation.pdbx_database_id_DOI      ? 
# 
loop_
_citation_author.citation_id 
_citation_author.name 
_citation_author.identifier_ORCID 
_citation_author.ordinal 
primary 'Kim, Y.'                              ? 1 
primary 'Marples, P.'                          ? 2 
primary 'Fearon, D.'                           ? 3 
primary 'von Delft, F.'                        ? 4 
primary 'Knapp, S.'                            ? 5 
primary 'Kraemer, A.'                          ? 6 
primary 'Structural Genomics Consortium (SGC)' ? 7 
# 
loop_
_entity.id 
_entity.type 
_entity.src_method 
_entity.pdbx_description 
_entity.formula_weight 
_entity.pdbx_number_of_molecules 
_entity.pdbx_ec 
_entity.pdbx_mutation 
_entity.pdbx_fragment 
_entity.details 
1 polymer     man 'E3 ubiquitin-protein ligase TRIM21'              21596.361 1   2.3.2.27 ? ? ? 
2 non-polymer syn '(azepan-1-yl)(2H-1,3-benzodioxol-5-yl)methanone' 247.290   1   ?        ? ? ? 
3 non-polymer syn 1,2-ETHANEDIOL                                    62.068    1   ?        ? ? ? 
4 non-polymer syn 'SULFATE ION'                                     96.063    1   ?        ? ? ? 
5 water       nat water                                             18.015    143 ?        ? ? ? 
# 
_entity_name_com.entity_id   1 
_entity_name_com.name        
;52 kDa Ro protein,52 kDa ribonucleoprotein autoantigen Ro/SS-A,Ro(SS-A),Sjoegren syndrome type A antigen,SS-A,Tripartite motif-containing protein 21
;
# 
_entity_poly.entity_id                      1 
_entity_poly.type                           'polypeptide(L)' 
_entity_poly.nstd_linkage                   no 
_entity_poly.nstd_monomer                   no 
_entity_poly.pdbx_seq_one_letter_code       
;MHHHHHHMVHITLDRNTANSWLIISKDRRQVRMGDTHQNVSDNKERFSNYPMVLGAQRFSSGKMYWEVDVTQKEAWDLGV
CRDSVQRKGQFSLSPENGFWTIWLWQDSYEAGTSPQTTLHIQVPPCQIGIFVDYEAGVVSFYNITDHGSLIYTFSECVFA
GPLRPFFNVGFNYSGGNAAPLKLCPLKM
;
_entity_poly.pdbx_seq_one_letter_code_can   
;MHHHHHHMVHITLDRNTANSWLIISKDRRQVRMGDTHQNVSDNKERFSNYPMVLGAQRFSSGKMYWEVDVTQKEAWDLGV
CRDSVQRKGQFSLSPENGFWTIWLWQDSYEAGTSPQTTLHIQVPPCQIGIFVDYEAGVVSFYNITDHGSLIYTFSECVFA
GPLRPFFNVGFNYSGGNAAPLKLCPLKM
;
_entity_poly.pdbx_strand_id                 B 
_entity_poly.pdbx_target_identifier         ? 
# 
loop_
_pdbx_entity_nonpoly.entity_id 
_pdbx_entity_nonpoly.name 
_pdbx_entity_nonpoly.comp_id 
2 '(azepan-1-yl)(2H-1,3-benzodioxol-5-yl)methanone' JGP 
3 1,2-ETHANEDIOL                                    EDO 
4 'SULFATE ION'                                     SO4 
5 water                                             HOH 
# 
loop_
_entity_poly_seq.entity_id 
_entity_poly_seq.num 
_entity_poly_seq.mon_id 
_entity_poly_seq.hetero 
1 1   MET n 
1 2   HIS n 
1 3   HIS n 
1 4   HIS n 
1 5   HIS n 
1 6   HIS n 
1 7   HIS n 
1 8   MET n 
1 9   VAL n 
1 10  HIS n 
1 11  ILE n 
1 12  THR n 
1 13  LEU n 
1 14  ASP n 
1 15  ARG n 
1 16  ASN n 
1 17  THR n 
1 18  ALA n 
1 19  ASN n 
1 20  SER n 
1 21  TRP n 
1 22  LEU n 
1 23  ILE n 
1 24  ILE n 
1 25  SER n 
1 26  LYS n 
1 27  ASP n 
1 28  ARG n 
1 29  ARG n 
1 30  GLN n 
1 31  VAL n 
1 32  ARG n 
1 33  MET n 
1 34  GLY n 
1 35  ASP n 
1 36  THR n 
1 37  HIS n 
1 38  GLN n 
1 39  ASN n 
1 40  VAL n 
1 41  SER n 
1 42  ASP n 
1 43  ASN n 
1 44  LYS n 
1 45  GLU n 
1 46  ARG n 
1 47  PHE n 
1 48  SER n 
1 49  ASN n 
1 50  TYR n 
1 51  PRO n 
1 52  MET n 
1 53  VAL n 
1 54  LEU n 
1 55  GLY n 
1 56  ALA n 
1 57  GLN n 
1 58  ARG n 
1 59  PHE n 
1 60  SER n 
1 61  SER n 
1 62  GLY n 
1 63  LYS n 
1 64  MET n 
1 65  TYR n 
1 66  TRP n 
1 67  GLU n 
1 68  VAL n 
1 69  ASP n 
1 70  VAL n 
1 71  THR n 
1 72  GLN n 
1 73  LYS n 
1 74  GLU n 
1 75  ALA n 
1 76  TRP n 
1 77  ASP n 
1 78  LEU n 
1 79  GLY n 
1 80  VAL n 
1 81  CYS n 
1 82  ARG n 
1 83  ASP n 
1 84  SER n 
1 85  VAL n 
1 86  GLN n 
1 87  ARG n 
1 88  LYS n 
1 89  GLY n 
1 90  GLN n 
1 91  PHE n 
1 92  SER n 
1 93  LEU n 
1 94  SER n 
1 95  PRO n 
1 96  GLU n 
1 97  ASN n 
1 98  GLY n 
1 99  PHE n 
1 100 TRP n 
1 101 THR n 
1 102 ILE n 
1 103 TRP n 
1 104 LEU n 
1 105 TRP n 
1 106 GLN n 
1 107 ASP n 
1 108 SER n 
1 109 TYR n 
1 110 GLU n 
1 111 ALA n 
1 112 GLY n 
1 113 THR n 
1 114 SER n 
1 115 PRO n 
1 116 GLN n 
1 117 THR n 
1 118 THR n 
1 119 LEU n 
1 120 HIS n 
1 121 ILE n 
1 122 GLN n 
1 123 VAL n 
1 124 PRO n 
1 125 PRO n 
1 126 CYS n 
1 127 GLN n 
1 128 ILE n 
1 129 GLY n 
1 130 ILE n 
1 131 PHE n 
1 132 VAL n 
1 133 ASP n 
1 134 TYR n 
1 135 GLU n 
1 136 ALA n 
1 137 GLY n 
1 138 VAL n 
1 139 VAL n 
1 140 SER n 
1 141 PHE n 
1 142 TYR n 
1 143 ASN n 
1 144 ILE n 
1 145 THR n 
1 146 ASP n 
1 147 HIS n 
1 148 GLY n 
1 149 SER n 
1 150 LEU n 
1 151 ILE n 
1 152 TYR n 
1 153 THR n 
1 154 PHE n 
1 155 SER n 
1 156 GLU n 
1 157 CYS n 
1 158 VAL n 
1 159 PHE n 
1 160 ALA n 
1 161 GLY n 
1 162 PRO n 
1 163 LEU n 
1 164 ARG n 
1 165 PRO n 
1 166 PHE n 
1 167 PHE n 
1 168 ASN n 
1 169 VAL n 
1 170 GLY n 
1 171 PHE n 
1 172 ASN n 
1 173 TYR n 
1 174 SER n 
1 175 GLY n 
1 176 GLY n 
1 177 ASN n 
1 178 ALA n 
1 179 ALA n 
1 180 PRO n 
1 181 LEU n 
1 182 LYS n 
1 183 LEU n 
1 184 CYS n 
1 185 PRO n 
1 186 LEU n 
1 187 LYS n 
1 188 MET n 
# 
_entity_src_gen.entity_id                          1 
_entity_src_gen.pdbx_src_id                        1 
_entity_src_gen.pdbx_alt_source_flag               sample 
_entity_src_gen.pdbx_seq_type                      'Biological sequence' 
_entity_src_gen.pdbx_beg_seq_num                   1 
_entity_src_gen.pdbx_end_seq_num                   188 
_entity_src_gen.gene_src_common_name               'house mouse' 
_entity_src_gen.gene_src_genus                     ? 
_entity_src_gen.pdbx_gene_src_gene                 'Trim21, Ro52, Ssa1' 
_entity_src_gen.gene_src_species                   ? 
_entity_src_gen.gene_src_strain                    ? 
_entity_src_gen.gene_src_tissue                    ? 
_entity_src_gen.gene_src_tissue_fraction           ? 
_entity_src_gen.gene_src_details                   ? 
_entity_src_gen.pdbx_gene_src_fragment             ? 
_entity_src_gen.pdbx_gene_src_scientific_name      'Mus musculus' 
_entity_src_gen.pdbx_gene_src_ncbi_taxonomy_id     10090 
_entity_src_gen.pdbx_gene_src_variant              ? 
_entity_src_gen.pdbx_gene_src_cell_line            ? 
_entity_src_gen.pdbx_gene_src_atcc                 ? 
_entity_src_gen.pdbx_gene_src_organ                ? 
_entity_src_gen.pdbx_gene_src_organelle            ? 
_entity_src_gen.pdbx_gene_src_cell                 ? 
_entity_src_gen.pdbx_gene_src_cellular_location    ? 
_entity_src_gen.host_org_common_name               ? 
_entity_src_gen.pdbx_host_org_scientific_name      'Escherichia coli' 
_entity_src_gen.pdbx_host_org_ncbi_taxonomy_id     562 
_entity_src_gen.host_org_genus                     ? 
_entity_src_gen.pdbx_host_org_gene                 ? 
_entity_src_gen.pdbx_host_org_organ                ? 
_entity_src_gen.host_org_species                   ? 
_entity_src_gen.pdbx_host_org_tissue               ? 
_entity_src_gen.pdbx_host_org_tissue_fraction      ? 
_entity_src_gen.pdbx_host_org_strain               ? 
_entity_src_gen.pdbx_host_org_variant              ? 
_entity_src_gen.pdbx_host_org_cell_line            ? 
_entity_src_gen.pdbx_host_org_atcc                 ? 
_entity_src_gen.pdbx_host_org_culture_collection   ? 
_entity_src_gen.pdbx_host_org_cell                 ? 
_entity_src_gen.pdbx_host_org_organelle            ? 
_entity_src_gen.pdbx_host_org_cellular_location    ? 
_entity_src_gen.pdbx_host_org_vector_type          ? 
_entity_src_gen.pdbx_host_org_vector               ? 
_entity_src_gen.host_org_details                   ? 
_entity_src_gen.expression_system_id               ? 
_entity_src_gen.plasmid_name                       ? 
_entity_src_gen.plasmid_details                    ? 
_entity_src_gen.pdbx_description                   ? 
# 
loop_
_chem_comp.id 
_chem_comp.type 
_chem_comp.mon_nstd_flag 
_chem_comp.name 
_chem_comp.pdbx_synonyms 
_chem_comp.formula 
_chem_comp.formula_weight 
ALA 'L-peptide linking' y ALANINE                                           ?                 'C3 H7 N O2'     89.093  
ARG 'L-peptide linking' y ARGININE                                          ?                 'C6 H15 N4 O2 1' 175.209 
ASN 'L-peptide linking' y ASPARAGINE                                        ?                 'C4 H8 N2 O3'    132.118 
ASP 'L-peptide linking' y 'ASPARTIC ACID'                                   ?                 'C4 H7 N O4'     133.103 
CYS 'L-peptide linking' y CYSTEINE                                          ?                 'C3 H7 N O2 S'   121.158 
EDO non-polymer         . 1,2-ETHANEDIOL                                    'ETHYLENE GLYCOL' 'C2 H6 O2'       62.068  
GLN 'L-peptide linking' y GLUTAMINE                                         ?                 'C5 H10 N2 O3'   146.144 
GLU 'L-peptide linking' y 'GLUTAMIC ACID'                                   ?                 'C5 H9 N O4'     147.129 
GLY 'peptide linking'   y GLYCINE                                           ?                 'C2 H5 N O2'     75.067  
HIS 'L-peptide linking' y HISTIDINE                                         ?                 'C6 H10 N3 O2 1' 156.162 
HOH non-polymer         . WATER                                             ?                 'H2 O'           18.015  
ILE 'L-peptide linking' y ISOLEUCINE                                        ?                 'C6 H13 N O2'    131.173 
JGP non-polymer         . '(azepan-1-yl)(2H-1,3-benzodioxol-5-yl)methanone' ?                 'C14 H17 N O3'   247.290 
LEU 'L-peptide linking' y LEUCINE                                           ?                 'C6 H13 N O2'    131.173 
LYS 'L-peptide linking' y LYSINE                                            ?                 'C6 H15 N2 O2 1' 147.195 
MET 'L-peptide linking' y METHIONINE                                        ?                 'C5 H11 N O2 S'  149.211 
PHE 'L-peptide linking' y PHENYLALANINE                                     ?                 'C9 H11 N O2'    165.189 
PRO 'L-peptide linking' y PROLINE                                           ?                 'C5 H9 N O2'     115.130 
SER 'L-peptide linking' y SERINE                                            ?                 'C3 H7 N O3'     105.093 
SO4 non-polymer         . 'SULFATE ION'                                     ?                 'O4 S -2'        96.063  
THR 'L-peptide linking' y THREONINE                                         ?                 'C4 H9 N O3'     119.119 
TRP 'L-peptide linking' y TRYPTOPHAN                                        ?                 'C11 H12 N2 O2'  204.225 
TYR 'L-peptide linking' y TYROSINE                                          ?                 'C9 H11 N O3'    181.189 
VAL 'L-peptide linking' y VALINE                                            ?                 'C5 H11 N O2'    117.146 
# 
loop_
_pdbx_poly_seq_scheme.asym_id 
_pdbx_poly_seq_scheme.entity_id 
_pdbx_poly_seq_scheme.seq_id 
_pdbx_poly_seq_scheme.mon_id 
_pdbx_poly_seq_scheme.ndb_seq_num 
_pdbx_poly_seq_scheme.pdb_seq_num 
_pdbx_poly_seq_scheme.auth_seq_num 
_pdbx_poly_seq_scheme.pdb_mon_id 
_pdbx_poly_seq_scheme.auth_mon_id 
_pdbx_poly_seq_scheme.pdb_strand_id 
_pdbx_poly_seq_scheme.pdb_ins_code 
_pdbx_poly_seq_scheme.hetero 
A 1 1   MET 1   7   ?   ?   ?   B . n 
A 1 2   HIS 2   8   8   HIS HIS B . n 
A 1 3   HIS 3   9   9   HIS HIS B . n 
A 1 4   HIS 4   10  10  HIS HIS B . n 
A 1 5   HIS 5   11  11  HIS HIS B . n 
A 1 6   HIS 6   12  12  HIS HIS B . n 
A 1 7   HIS 7   13  13  HIS HIS B . n 
A 1 8   MET 8   14  14  MET MET B . n 
A 1 9   VAL 9   15  15  VAL VAL B . n 
A 1 10  HIS 10  16  16  HIS HIS B . n 
A 1 11  ILE 11  17  17  ILE ILE B . n 
A 1 12  THR 12  18  18  THR THR B . n 
A 1 13  LEU 13  19  19  LEU LEU B . n 
A 1 14  ASP 14  20  20  ASP ASP B . n 
A 1 15  ARG 15  21  21  ARG ARG B . n 
A 1 16  ASN 16  22  22  ASN ASN B . n 
A 1 17  THR 17  23  23  THR THR B . n 
A 1 18  ALA 18  24  24  ALA ALA B . n 
A 1 19  ASN 19  25  25  ASN ASN B . n 
A 1 20  SER 20  26  26  SER SER B . n 
A 1 21  TRP 21  27  27  TRP TRP B . n 
A 1 22  LEU 22  28  28  LEU LEU B . n 
A 1 23  ILE 23  29  29  ILE ILE B . n 
A 1 24  ILE 24  30  30  ILE ILE B . n 
A 1 25  SER 25  31  31  SER SER B . n 
A 1 26  LYS 26  32  32  LYS LYS B . n 
A 1 27  ASP 27  33  33  ASP ASP B . n 
A 1 28  ARG 28  34  34  ARG ARG B . n 
A 1 29  ARG 29  35  35  ARG ARG B . n 
A 1 30  GLN 30  36  36  GLN GLN B . n 
A 1 31  VAL 31  37  37  VAL VAL B . n 
A 1 32  ARG 32  38  38  ARG ARG B . n 
A 1 33  MET 33  39  39  MET MET B . n 
A 1 34  GLY 34  40  40  GLY GLY B . n 
A 1 35  ASP 35  41  41  ASP ASP B . n 
A 1 36  THR 36  42  42  THR THR B . n 
A 1 37  HIS 37  43  43  HIS HIS B . n 
A 1 38  GLN 38  44  44  GLN GLN B . n 
A 1 39  ASN 39  45  45  ASN ASN B . n 
A 1 40  VAL 40  46  46  VAL VAL B . n 
A 1 41  SER 41  47  47  SER SER B . n 
A 1 42  ASP 42  48  48  ASP ASP B . n 
A 1 43  ASN 43  49  49  ASN ASN B . n 
A 1 44  LYS 44  50  50  LYS LYS B . n 
A 1 45  GLU 45  51  51  GLU GLU B . n 
A 1 46  ARG 46  52  52  ARG ARG B . n 
A 1 47  PHE 47  53  53  PHE PHE B . n 
A 1 48  SER 48  54  54  SER SER B . n 
A 1 49  ASN 49  55  55  ASN ASN B . n 
A 1 50  TYR 50  56  56  TYR TYR B . n 
A 1 51  PRO 51  57  57  PRO PRO B . n 
A 1 52  MET 52  58  58  MET MET B . n 
A 1 53  VAL 53  59  59  VAL VAL B . n 
A 1 54  LEU 54  60  60  LEU LEU B . n 
A 1 55  GLY 55  61  61  GLY GLY B . n 
A 1 56  ALA 56  62  62  ALA ALA B . n 
A 1 57  GLN 57  63  63  GLN GLN B . n 
A 1 58  ARG 58  64  64  ARG ARG B . n 
A 1 59  PHE 59  65  65  PHE PHE B . n 
A 1 60  SER 60  66  66  SER SER B . n 
A 1 61  SER 61  67  67  SER SER B . n 
A 1 62  GLY 62  68  68  GLY GLY B . n 
A 1 63  LYS 63  69  69  LYS LYS B . n 
A 1 64  MET 64  70  70  MET MET B . n 
A 1 65  TYR 65  71  71  TYR TYR B . n 
A 1 66  TRP 66  72  72  TRP TRP B . n 
A 1 67  GLU 67  73  73  GLU GLU B . n 
A 1 68  VAL 68  74  74  VAL VAL B . n 
A 1 69  ASP 69  75  75  ASP ASP B . n 
A 1 70  VAL 70  76  76  VAL VAL B . n 
A 1 71  THR 71  77  77  THR THR B . n 
A 1 72  GLN 72  78  78  GLN GLN B . n 
A 1 73  LYS 73  79  79  LYS LYS B . n 
A 1 74  GLU 74  80  80  GLU GLU B . n 
A 1 75  ALA 75  81  81  ALA ALA B . n 
A 1 76  TRP 76  82  82  TRP TRP B . n 
A 1 77  ASP 77  83  83  ASP ASP B . n 
A 1 78  LEU 78  84  84  LEU LEU B . n 
A 1 79  GLY 79  85  85  GLY GLY B . n 
A 1 80  VAL 80  86  86  VAL VAL B . n 
A 1 81  CYS 81  87  87  CYS CYS B . n 
A 1 82  ARG 82  88  88  ARG ARG B . n 
A 1 83  ASP 83  89  89  ASP ASP B . n 
A 1 84  SER 84  90  90  SER SER B . n 
A 1 85  VAL 85  91  91  VAL VAL B . n 
A 1 86  GLN 86  92  92  GLN GLN B . n 
A 1 87  ARG 87  93  93  ARG ARG B . n 
A 1 88  LYS 88  94  94  LYS LYS B . n 
A 1 89  GLY 89  95  95  GLY GLY B . n 
A 1 90  GLN 90  96  96  GLN GLN B . n 
A 1 91  PHE 91  97  97  PHE PHE B . n 
A 1 92  SER 92  98  98  SER SER B . n 
A 1 93  LEU 93  99  99  LEU LEU B . n 
A 1 94  SER 94  100 100 SER SER B . n 
A 1 95  PRO 95  101 101 PRO PRO B . n 
A 1 96  GLU 96  102 102 GLU GLU B . n 
A 1 97  ASN 97  103 103 ASN ASN B . n 
A 1 98  GLY 98  104 104 GLY GLY B . n 
A 1 99  PHE 99  105 105 PHE PHE B . n 
A 1 100 TRP 100 106 106 TRP TRP B . n 
A 1 101 THR 101 107 107 THR THR B . n 
A 1 102 ILE 102 108 108 ILE ILE B . n 
A 1 103 TRP 103 109 109 TRP TRP B . n 
A 1 104 LEU 104 110 110 LEU LEU B . n 
A 1 105 TRP 105 111 111 TRP TRP B . n 
A 1 106 GLN 106 112 112 GLN GLN B . n 
A 1 107 ASP 107 113 113 ASP ASP B . n 
A 1 108 SER 108 114 114 SER SER B . n 
A 1 109 TYR 109 115 115 TYR TYR B . n 
A 1 110 GLU 110 116 116 GLU GLU B . n 
A 1 111 ALA 111 117 117 ALA ALA B . n 
A 1 112 GLY 112 118 118 GLY GLY B . n 
A 1 113 THR 113 119 119 THR THR B . n 
A 1 114 SER 114 120 120 SER SER B . n 
A 1 115 PRO 115 121 121 PRO PRO B . n 
A 1 116 GLN 116 122 122 GLN GLN B . n 
A 1 117 THR 117 123 123 THR THR B . n 
A 1 118 THR 118 124 124 THR THR B . n 
A 1 119 LEU 119 125 125 LEU LEU B . n 
A 1 120 HIS 120 126 126 HIS HIS B . n 
A 1 121 ILE 121 127 127 ILE ILE B . n 
A 1 122 GLN 122 128 128 GLN GLN B . n 
A 1 123 VAL 123 129 129 VAL VAL B . n 
A 1 124 PRO 124 130 130 PRO PRO B . n 
A 1 125 PRO 125 131 131 PRO PRO B . n 
A 1 126 CYS 126 132 132 CYS CYS B . n 
A 1 127 GLN 127 133 133 GLN GLN B . n 
A 1 128 ILE 128 134 134 ILE ILE B . n 
A 1 129 GLY 129 135 135 GLY GLY B . n 
A 1 130 ILE 130 136 136 ILE ILE B . n 
A 1 131 PHE 131 137 137 PHE PHE B . n 
A 1 132 VAL 132 138 138 VAL VAL B . n 
A 1 133 ASP 133 139 139 ASP ASP B . n 
A 1 134 TYR 134 140 140 TYR TYR B . n 
A 1 135 GLU 135 141 141 GLU GLU B . n 
A 1 136 ALA 136 142 142 ALA ALA B . n 
A 1 137 GLY 137 143 143 GLY GLY B . n 
A 1 138 VAL 138 144 144 VAL VAL B . n 
A 1 139 VAL 139 145 145 VAL VAL B . n 
A 1 140 SER 140 146 146 SER SER B . n 
A 1 141 PHE 141 147 147 PHE PHE B . n 
A 1 142 TYR 142 148 148 TYR TYR B . n 
A 1 143 ASN 143 149 149 ASN ASN B . n 
A 1 144 ILE 144 150 150 ILE ILE B . n 
A 1 145 THR 145 151 151 THR THR B . n 
A 1 146 ASP 146 152 152 ASP ASP B . n 
A 1 147 HIS 147 153 153 HIS HIS B . n 
A 1 148 GLY 148 154 154 GLY GLY B . n 
A 1 149 SER 149 155 155 SER SER B . n 
A 1 150 LEU 150 156 156 LEU LEU B . n 
A 1 151 ILE 151 157 157 ILE ILE B . n 
A 1 152 TYR 152 158 158 TYR TYR B . n 
A 1 153 THR 153 159 159 THR THR B . n 
A 1 154 PHE 154 160 160 PHE PHE B . n 
A 1 155 SER 155 161 161 SER SER B . n 
A 1 156 GLU 156 162 162 GLU GLU B . n 
A 1 157 CYS 157 163 163 CYS CYS B . n 
A 1 158 VAL 158 164 164 VAL VAL B . n 
A 1 159 PHE 159 165 165 PHE PHE B . n 
A 1 160 ALA 160 166 166 ALA ALA B . n 
A 1 161 GLY 161 167 167 GLY GLY B . n 
A 1 162 PRO 162 168 168 PRO PRO B . n 
A 1 163 LEU 163 169 169 LEU LEU B . n 
A 1 164 ARG 164 170 170 ARG ARG B . n 
A 1 165 PRO 165 171 171 PRO PRO B . n 
A 1 166 PHE 166 172 172 PHE PHE B . n 
A 1 167 PHE 167 173 173 PHE PHE B . n 
A 1 168 ASN 168 174 174 ASN ASN B . n 
A 1 169 VAL 169 175 175 VAL VAL B . n 
A 1 170 GLY 170 176 176 GLY GLY B . n 
A 1 171 PHE 171 177 177 PHE PHE B . n 
A 1 172 ASN 172 178 178 ASN ASN B . n 
A 1 173 TYR 173 179 179 TYR TYR B . n 
A 1 174 SER 174 180 180 SER SER B . n 
A 1 175 GLY 175 181 181 GLY GLY B . n 
A 1 176 GLY 176 182 182 GLY GLY B . n 
A 1 177 ASN 177 183 183 ASN ASN B . n 
A 1 178 ALA 178 184 184 ALA ALA B . n 
A 1 179 ALA 179 185 185 ALA ALA B . n 
A 1 180 PRO 180 186 186 PRO PRO B . n 
A 1 181 LEU 181 187 187 LEU LEU B . n 
A 1 182 LYS 182 188 188 LYS LYS B . n 
A 1 183 LEU 183 189 189 LEU LEU B . n 
A 1 184 CYS 184 190 190 CYS CYS B . n 
A 1 185 PRO 185 191 191 PRO PRO B . n 
A 1 186 LEU 186 192 192 LEU LEU B . n 
A 1 187 LYS 187 193 ?   ?   ?   B . n 
A 1 188 MET 188 194 ?   ?   ?   B . n 
# 
_pdbx_entity_instance_feature.ordinal        1 
_pdbx_entity_instance_feature.comp_id        JGP 
_pdbx_entity_instance_feature.asym_id        ? 
_pdbx_entity_instance_feature.seq_num        ? 
_pdbx_entity_instance_feature.auth_comp_id   JGP 
_pdbx_entity_instance_feature.auth_asym_id   ? 
_pdbx_entity_instance_feature.auth_seq_num   ? 
_pdbx_entity_instance_feature.feature_type   'SUBJECT OF INVESTIGATION' 
_pdbx_entity_instance_feature.details        ? 
# 
loop_
_pdbx_nonpoly_scheme.asym_id 
_pdbx_nonpoly_scheme.entity_id 
_pdbx_nonpoly_scheme.mon_id 
_pdbx_nonpoly_scheme.ndb_seq_num 
_pdbx_nonpoly_scheme.pdb_seq_num 
_pdbx_nonpoly_scheme.auth_seq_num 
_pdbx_nonpoly_scheme.pdb_mon_id 
_pdbx_nonpoly_scheme.auth_mon_id 
_pdbx_nonpoly_scheme.pdb_strand_id 
_pdbx_nonpoly_scheme.pdb_ins_code 
B 2 JGP 1   201 201 JGP LIG B . 
C 3 EDO 1   202 305 EDO EDO B . 
D 4 SO4 1   203 1   SO4 SO4 B . 
E 5 HOH 1   301 12  HOH HOH B . 
E 5 HOH 2   302 29  HOH HOH B . 
E 5 HOH 3   303 2   HOH HOH B . 
E 5 HOH 4   304 11  HOH HOH B . 
E 5 HOH 5   305 22  HOH HOH B . 
E 5 HOH 6   306 26  HOH HOH B . 
E 5 HOH 7   307 27  HOH HOH B . 
E 5 HOH 8   308 33  HOH HOH B . 
E 5 HOH 9   309 184 HOH HOH B . 
E 5 HOH 10  310 66  HOH HOH B . 
E 5 HOH 11  311 21  HOH HOH B . 
E 5 HOH 12  312 51  HOH HOH B . 
E 5 HOH 13  313 1   HOH HOH B . 
E 5 HOH 14  314 102 HOH HOH B . 
E 5 HOH 15  315 40  HOH HOH B . 
E 5 HOH 16  316 59  HOH HOH B . 
E 5 HOH 17  317 16  HOH HOH B . 
E 5 HOH 18  318 5   HOH HOH B . 
E 5 HOH 19  319 10  HOH HOH B . 
E 5 HOH 20  320 25  HOH HOH B . 
E 5 HOH 21  321 90  HOH HOH B . 
E 5 HOH 22  322 214 HOH HOH B . 
E 5 HOH 23  323 70  HOH HOH B . 
E 5 HOH 24  324 95  HOH HOH B . 
E 5 HOH 25  325 114 HOH HOH B . 
E 5 HOH 26  326 11  HOH HOH B . 
E 5 HOH 27  327 58  HOH HOH B . 
E 5 HOH 28  328 27  HOH HOH B . 
E 5 HOH 29  329 9   HOH HOH B . 
E 5 HOH 30  330 34  HOH HOH B . 
E 5 HOH 31  331 80  HOH HOH B . 
E 5 HOH 32  332 36  HOH HOH B . 
E 5 HOH 33  333 99  HOH HOH B . 
E 5 HOH 34  334 100 HOH HOH B . 
E 5 HOH 35  335 18  HOH HOH B . 
E 5 HOH 36  336 4   HOH HOH B . 
E 5 HOH 37  337 16  HOH HOH B . 
E 5 HOH 38  338 7   HOH HOH B . 
E 5 HOH 39  339 50  HOH HOH B . 
E 5 HOH 40  340 2   HOH HOH B . 
E 5 HOH 41  341 39  HOH HOH B . 
E 5 HOH 42  342 29  HOH HOH B . 
E 5 HOH 43  343 211 HOH HOH B . 
E 5 HOH 44  344 33  HOH HOH B . 
E 5 HOH 45  345 26  HOH HOH B . 
E 5 HOH 46  346 63  HOH HOH B . 
E 5 HOH 47  347 81  HOH HOH B . 
E 5 HOH 48  348 125 HOH HOH B . 
E 5 HOH 49  349 89  HOH HOH B . 
E 5 HOH 50  350 22  HOH HOH B . 
E 5 HOH 51  351 20  HOH HOH B . 
E 5 HOH 52  352 3   HOH HOH B . 
E 5 HOH 53  353 31  HOH HOH B . 
E 5 HOH 54  354 267 HOH HOH B . 
E 5 HOH 55  355 19  HOH HOH B . 
E 5 HOH 56  356 68  HOH HOH B . 
E 5 HOH 57  357 10  HOH HOH B . 
E 5 HOH 58  358 62  HOH HOH B . 
E 5 HOH 59  359 30  HOH HOH B . 
E 5 HOH 60  360 1   HOH HOH B . 
E 5 HOH 61  361 15  HOH HOH B . 
E 5 HOH 62  362 112 HOH HOH B . 
E 5 HOH 63  363 157 HOH HOH B . 
E 5 HOH 64  364 76  HOH HOH B . 
E 5 HOH 65  365 86  HOH HOH B . 
E 5 HOH 66  366 47  HOH HOH B . 
E 5 HOH 67  367 172 HOH HOH B . 
E 5 HOH 68  368 6   HOH HOH B . 
E 5 HOH 69  369 72  HOH HOH B . 
E 5 HOH 70  370 71  HOH HOH B . 
E 5 HOH 71  371 4   HOH HOH B . 
E 5 HOH 72  372 61  HOH HOH B . 
E 5 HOH 73  373 14  HOH HOH B . 
E 5 HOH 74  374 43  HOH HOH B . 
E 5 HOH 75  375 137 HOH HOH B . 
E 5 HOH 76  376 28  HOH HOH B . 
E 5 HOH 77  377 8   HOH HOH B . 
E 5 HOH 78  378 93  HOH HOH B . 
E 5 HOH 79  379 5   HOH HOH B . 
E 5 HOH 80  380 45  HOH HOH B . 
E 5 HOH 81  381 24  HOH HOH B . 
E 5 HOH 82  382 55  HOH HOH B . 
E 5 HOH 83  383 46  HOH HOH B . 
E 5 HOH 84  384 126 HOH HOH B . 
E 5 HOH 85  385 115 HOH HOH B . 
E 5 HOH 86  386 48  HOH HOH B . 
E 5 HOH 87  387 3   HOH HOH B . 
E 5 HOH 88  388 17  HOH HOH B . 
E 5 HOH 89  389 32  HOH HOH B . 
E 5 HOH 90  390 304 HOH HOH B . 
E 5 HOH 91  391 32  HOH HOH B . 
E 5 HOH 92  392 60  HOH HOH B . 
E 5 HOH 93  393 42  HOH HOH B . 
E 5 HOH 94  394 64  HOH HOH B . 
E 5 HOH 95  395 97  HOH HOH B . 
E 5 HOH 96  396 23  HOH HOH B . 
E 5 HOH 97  397 85  HOH HOH B . 
E 5 HOH 98  398 303 HOH HOH B . 
E 5 HOH 99  399 156 HOH HOH B . 
E 5 HOH 100 400 103 HOH HOH B . 
E 5 HOH 101 401 25  HOH HOH B . 
E 5 HOH 102 402 49  HOH HOH B . 
E 5 HOH 103 403 57  HOH HOH B . 
E 5 HOH 104 404 12  HOH HOH B . 
E 5 HOH 105 405 8   HOH HOH B . 
E 5 HOH 106 406 54  HOH HOH B . 
E 5 HOH 107 407 120 HOH HOH B . 
E 5 HOH 108 408 257 HOH HOH B . 
E 5 HOH 109 409 13  HOH HOH B . 
E 5 HOH 110 410 56  HOH HOH B . 
E 5 HOH 111 411 154 HOH HOH B . 
E 5 HOH 112 412 15  HOH HOH B . 
E 5 HOH 113 413 20  HOH HOH B . 
E 5 HOH 114 414 41  HOH HOH B . 
E 5 HOH 115 415 7   HOH HOH B . 
E 5 HOH 116 416 69  HOH HOH B . 
E 5 HOH 117 417 38  HOH HOH B . 
E 5 HOH 118 418 133 HOH HOH B . 
E 5 HOH 119 419 73  HOH HOH B . 
E 5 HOH 120 420 140 HOH HOH B . 
E 5 HOH 121 421 281 HOH HOH B . 
E 5 HOH 122 422 18  HOH HOH B . 
E 5 HOH 123 423 53  HOH HOH B . 
E 5 HOH 124 424 19  HOH HOH B . 
E 5 HOH 125 425 44  HOH HOH B . 
E 5 HOH 126 426 266 HOH HOH B . 
E 5 HOH 127 427 30  HOH HOH B . 
E 5 HOH 128 428 263 HOH HOH B . 
E 5 HOH 129 429 197 HOH HOH B . 
E 5 HOH 130 430 23  HOH HOH B . 
E 5 HOH 131 431 21  HOH HOH B . 
E 5 HOH 132 432 205 HOH HOH B . 
E 5 HOH 133 433 13  HOH HOH B . 
E 5 HOH 134 434 98  HOH HOH B . 
E 5 HOH 135 435 82  HOH HOH B . 
E 5 HOH 136 436 104 HOH HOH B . 
E 5 HOH 137 437 166 HOH HOH B . 
E 5 HOH 138 438 127 HOH HOH B . 
E 5 HOH 139 439 107 HOH HOH B . 
E 5 HOH 140 440 14  HOH HOH B . 
E 5 HOH 141 441 131 HOH HOH B . 
E 5 HOH 142 442 270 HOH HOH B . 
E 5 HOH 143 443 259 HOH HOH B . 
# 
loop_
_pdbx_unobs_or_zero_occ_atoms.id 
_pdbx_unobs_or_zero_occ_atoms.PDB_model_num 
_pdbx_unobs_or_zero_occ_atoms.polymer_flag 
_pdbx_unobs_or_zero_occ_atoms.occupancy_flag 
_pdbx_unobs_or_zero_occ_atoms.auth_asym_id 
_pdbx_unobs_or_zero_occ_atoms.auth_comp_id 
_pdbx_unobs_or_zero_occ_atoms.auth_seq_id 
_pdbx_unobs_or_zero_occ_atoms.PDB_ins_code 
_pdbx_unobs_or_zero_occ_atoms.auth_atom_id 
_pdbx_unobs_or_zero_occ_atoms.label_alt_id 
_pdbx_unobs_or_zero_occ_atoms.label_asym_id 
_pdbx_unobs_or_zero_occ_atoms.label_comp_id 
_pdbx_unobs_or_zero_occ_atoms.label_seq_id 
_pdbx_unobs_or_zero_occ_atoms.label_atom_id 
1 1 Y 1 B LEU 192 ? CG  ? A LEU 186 CG  
2 1 Y 1 B LEU 192 ? CD1 ? A LEU 186 CD1 
3 1 Y 1 B LEU 192 ? CD2 ? A LEU 186 CD2 
# 
loop_
_software.pdbx_ordinal 
_software.name 
_software.version 
_software.date 
_software.type 
_software.contact_author 
_software.contact_author_email 
_software.classification 
_software.location 
_software.language 
_software.citation_id 
1 REFMAC      5.8.0267 ?               program 'Garib N. Murshudov' garib@ysbl.york.ac.uk    refinement        
http://www.ccp4.ac.uk/dist/html/refmac5.html        Fortran_77 ? 
2 Aimless     0.7.7    23/04/21        program 'Phil Evans'         ?                        'data scaling'    
http://www.mrc-lmb.cam.ac.uk/harry/pre/aimless.html ?          ? 
3 PDB_EXTRACT 3.23     'SEP. 23, 2016' package PDB                  deposit@deposit.rcsb.org 'data extraction' 
http://sw-tools.pdb.org/apps/PDB_EXTRACT/           C++        ? 
4 XDS         .        ?               program ?                    ?                        'data reduction'  ? ?          ? 
5 REFMAC      .        ?               program ?                    ?                        phasing           ? ?          ? 
# 
_cell.entry_id           7HNN 
_cell.length_a           95.476 
_cell.length_b           95.476 
_cell.length_c           45.903 
_cell.angle_alpha        90.000 
_cell.angle_beta         90.000 
_cell.angle_gamma        90.000 
_cell.Z_PDB              8 
_cell.pdbx_unique_axis   ? 
# 
_symmetry.entry_id                         7HNN 
_symmetry.space_group_name_H-M             'I 4' 
_symmetry.pdbx_full_space_group_name_H-M   ? 
_symmetry.cell_setting                     ? 
_symmetry.Int_Tables_number                79 
# 
_exptl.crystals_number   1 
_exptl.entry_id          7HNN 
_exptl.method            'X-RAY DIFFRACTION' 
# 
_exptl_crystal.id                    1 
_exptl_crystal.pdbx_mosaicity        0.000 
_exptl_crystal.pdbx_mosaicity_esd    ? 
_exptl_crystal.density_Matthews      2.42 
_exptl_crystal.density_diffrn        ? 
_exptl_crystal.density_meas          ? 
_exptl_crystal.density_meas_temp     ? 
_exptl_crystal.density_percent_sol   49.21 
_exptl_crystal.size_max              ? 
_exptl_crystal.size_mid              ? 
_exptl_crystal.size_min              ? 
_exptl_crystal.size_rad              ? 
_exptl_crystal.description           ? 
# 
_exptl_crystal_grow.crystal_id      1 
_exptl_crystal_grow.method          'VAPOR DIFFUSION, SITTING DROP' 
_exptl_crystal_grow.pH              8 
_exptl_crystal_grow.temp            293 
_exptl_crystal_grow.pdbx_details    '4 % PEG 400, 2 M AmmSO4, 0.1 M HEPES pH 8' 
_exptl_crystal_grow.temp_details    ? 
_exptl_crystal_grow.pdbx_pH_range   ? 
# 
_diffrn.id                     1 
_diffrn.ambient_temp           100 
_diffrn.crystal_id             1 
_diffrn.ambient_temp_details   ? 
# 
_diffrn_detector.detector               PIXEL 
_diffrn_detector.type                   'DECTRIS EIGER2 XE 9M' 
_diffrn_detector.pdbx_collection_date   2024-07-04 
_diffrn_detector.diffrn_id              1 
_diffrn_detector.details                ? 
# 
_diffrn_radiation.diffrn_id                        1 
_diffrn_radiation.wavelength_id                    1 
_diffrn_radiation.pdbx_diffrn_protocol             'SINGLE WAVELENGTH' 
_diffrn_radiation.pdbx_monochromatic_or_laue_m_l   ? 
_diffrn_radiation.monochromator                    ? 
_diffrn_radiation.pdbx_scattering_type             x-ray 
# 
_diffrn_radiation_wavelength.id           1 
_diffrn_radiation_wavelength.wavelength   0.92134 
_diffrn_radiation_wavelength.wt           1.0 
# 
_diffrn_source.diffrn_id                   1 
_diffrn_source.source                      SYNCHROTRON 
_diffrn_source.type                        'DIAMOND BEAMLINE I04-1' 
_diffrn_source.pdbx_wavelength_list        0.92134 
_diffrn_source.pdbx_synchrotron_site       Diamond 
_diffrn_source.pdbx_synchrotron_beamline   I04-1 
_diffrn_source.pdbx_wavelength             ? 
# 
_reflns.entry_id                     7HNN 
_reflns.pdbx_diffrn_id               1 
_reflns.pdbx_ordinal                 1 
_reflns.observed_criterion_sigma_I   ? 
_reflns.observed_criterion_sigma_F   ? 
_reflns.d_resolution_low             33.750 
_reflns.d_resolution_high            1.310 
_reflns.number_obs                   49694 
_reflns.number_all                   ? 
_reflns.percent_possible_obs         99.900 
_reflns.pdbx_Rmerge_I_obs            0.084 
_reflns.pdbx_Rsym_value              ? 
_reflns.pdbx_netI_over_sigmaI        13.400 
_reflns.B_iso_Wilson_estimate        ? 
_reflns.pdbx_redundancy              11.300 
_reflns.pdbx_Rrim_I_all              0.088 
_reflns.pdbx_Rpim_I_all              0.025 
_reflns.pdbx_CC_half                 0.999 
_reflns.pdbx_netI_over_av_sigmaI     ? 
_reflns.pdbx_number_measured_all     561139 
_reflns.pdbx_scaling_rejects         0 
_reflns.pdbx_chi_squared             ? 
_reflns.Rmerge_F_all                 ? 
_reflns.Rmerge_F_obs                 ? 
_reflns.observed_criterion_F_max     ? 
_reflns.observed_criterion_F_min     ? 
_reflns.observed_criterion_I_max     ? 
_reflns.observed_criterion_I_min     ? 
_reflns.pdbx_d_res_high_opt          ? 
_reflns.pdbx_d_res_low_opt           ? 
_reflns.details                      ? 
# 
loop_
_reflns_shell.pdbx_diffrn_id 
_reflns_shell.pdbx_ordinal 
_reflns_shell.d_res_high 
_reflns_shell.d_res_low 
_reflns_shell.number_measured_obs 
_reflns_shell.number_measured_all 
_reflns_shell.number_unique_obs 
_reflns_shell.pdbx_rejects 
_reflns_shell.Rmerge_I_obs 
_reflns_shell.meanI_over_sigI_obs 
_reflns_shell.pdbx_Rsym_value 
_reflns_shell.pdbx_chi_squared 
_reflns_shell.pdbx_redundancy 
_reflns_shell.percent_possible_obs 
_reflns_shell.pdbx_netI_over_sigmaI_obs 
_reflns_shell.number_possible 
_reflns_shell.number_unique_all 
_reflns_shell.Rmerge_F_all 
_reflns_shell.Rmerge_F_obs 
_reflns_shell.Rmerge_I_all 
_reflns_shell.meanI_over_sigI_all 
_reflns_shell.percent_possible_all 
_reflns_shell.pdbx_Rrim_I_all 
_reflns_shell.pdbx_Rpim_I_all 
_reflns_shell.pdbx_CC_half 
1 1 1.310 1.330  ? 9839 2369 ? 1.540 ? ? ? 4.200  ? 0.500  ? ? ? ? ? ? 97.700 1.775 0.861 0.266 
1 2 7.180 33.750 ? 4045 331  ? 0.047 ? ? ? 12.200 ? 59.100 ? ? ? ? ? ? 99.200 0.049 0.014 0.998 
# 
_refine.entry_id                                 7HNN 
_refine.pdbx_refine_id                           'X-RAY DIFFRACTION' 
_refine.ls_d_res_high                            1.3100 
_refine.ls_d_res_low                             33.7800 
_refine.pdbx_ls_sigma_F                          0.000 
_refine.pdbx_data_cutoff_high_absF               ? 
_refine.pdbx_data_cutoff_low_absF                ? 
_refine.ls_percent_reflns_obs                    99.4500 
_refine.ls_number_reflns_obs                     47116 
_refine.ls_number_reflns_all                     ? 
_refine.pdbx_ls_cross_valid_method               THROUGHOUT 
_refine.ls_matrix_type                           ? 
_refine.pdbx_R_Free_selection_details            RANDOM 
_refine.details                                  
'HYDROGENS HAVE BEEN ADDED IN THE RIDING POSITIONS U VALUES      : REFINED INDIVIDUALLY' 
_refine.ls_R_factor_all                          ? 
_refine.ls_R_factor_obs                          0.1788 
_refine.ls_R_factor_R_work                       0.1776 
_refine.ls_wR_factor_R_work                      ? 
_refine.ls_R_factor_R_free                       0.2019 
_refine.ls_wR_factor_R_free                      ? 
_refine.ls_percent_reflns_R_free                 4.8000 
_refine.ls_number_reflns_R_free                  2370 
_refine.ls_number_reflns_R_work                  ? 
_refine.ls_R_factor_R_free_error                 ? 
_refine.B_iso_mean                               18.0740 
_refine.solvent_model_param_bsol                 ? 
_refine.solvent_model_param_ksol                 ? 
_refine.pdbx_isotropic_thermal_model             ? 
_refine.aniso_B[1][1]                            0.1100 
_refine.aniso_B[2][2]                            0.1100 
_refine.aniso_B[3][3]                            -0.2200 
_refine.aniso_B[1][2]                            -0.0000 
_refine.aniso_B[1][3]                            -0.0000 
_refine.aniso_B[2][3]                            -0.0000 
_refine.correlation_coeff_Fo_to_Fc               0.9710 
_refine.correlation_coeff_Fo_to_Fc_free          0.9610 
_refine.overall_SU_R_Cruickshank_DPI             ? 
_refine.pdbx_overall_SU_R_free_Cruickshank_DPI   ? 
_refine.pdbx_overall_SU_R_Blow_DPI               ? 
_refine.pdbx_overall_SU_R_free_Blow_DPI          ? 
_refine.overall_SU_R_free                        ? 
_refine.pdbx_overall_ESU_R                       0.0560 
_refine.pdbx_overall_ESU_R_Free                  0.0570 
_refine.overall_SU_ML                            0.0490 
_refine.overall_SU_B                             1.2850 
_refine.solvent_model_details                    MASK 
_refine.pdbx_solvent_vdw_probe_radii             1.2000 
_refine.pdbx_solvent_ion_probe_radii             0.8000 
_refine.pdbx_solvent_shrinkage_radii             0.8000 
_refine.ls_number_parameters                     ? 
_refine.ls_number_restraints                     ? 
_refine.pdbx_starting_model                      ? 
_refine.pdbx_method_to_determine_struct          'FOURIER SYNTHESIS' 
_refine.pdbx_stereochemistry_target_values       'MAXIMUM LIKELIHOOD' 
_refine.pdbx_stereochem_target_val_spec_case     ? 
_refine.overall_FOM_work_R_set                   ? 
_refine.B_iso_max                                87.910 
_refine.B_iso_min                                9.660 
_refine.pdbx_overall_phase_error                 ? 
_refine.occupancy_max                            ? 
_refine.occupancy_min                            ? 
_refine.pdbx_diffrn_id                           1 
_refine.pdbx_TLS_residual_ADP_flag               ? 
_refine.pdbx_ls_sigma_I                          ? 
_refine.pdbx_data_cutoff_high_rms_absF           ? 
_refine.ls_R_factor_R_free_error_details         ? 
# 
_refine_hist.cycle_id                         final 
_refine_hist.pdbx_refine_id                   'X-RAY DIFFRACTION' 
_refine_hist.d_res_high                       1.3100 
_refine_hist.d_res_low                        33.7800 
_refine_hist.pdbx_number_atoms_ligand         27 
_refine_hist.number_atoms_solvent             143 
_refine_hist.number_atoms_total               1663 
_refine_hist.pdbx_number_residues_total       185 
_refine_hist.pdbx_B_iso_mean_ligand           31.37 
_refine_hist.pdbx_B_iso_mean_solvent          29.79 
_refine_hist.pdbx_number_atoms_protein        1493 
_refine_hist.pdbx_number_atoms_nucleic_acid   0 
# 
loop_
_refine_ls_restr.pdbx_refine_id 
_refine_ls_restr.type 
_refine_ls_restr.number 
_refine_ls_restr.dev_ideal 
_refine_ls_restr.dev_ideal_target 
_refine_ls_restr.weight 
_refine_ls_restr.pdbx_restraint_function 
'X-RAY DIFFRACTION' r_bond_refined_d       2397 0.011  0.014  ? ? 
'X-RAY DIFFRACTION' r_bond_other_d         1781 0.001  0.015  ? ? 
'X-RAY DIFFRACTION' r_angle_refined_deg    2879 1.829  1.641  ? ? 
'X-RAY DIFFRACTION' r_angle_other_deg      4135 1.505  1.583  ? ? 
'X-RAY DIFFRACTION' r_dihedral_angle_1_deg 277  7.285  5.000  ? ? 
'X-RAY DIFFRACTION' r_dihedral_angle_2_deg 130  29.584 22.000 ? ? 
'X-RAY DIFFRACTION' r_dihedral_angle_3_deg 318  14.601 15.000 ? ? 
'X-RAY DIFFRACTION' r_dihedral_angle_4_deg 15   19.982 15.000 ? ? 
'X-RAY DIFFRACTION' r_chiral_restr         244  0.359  0.200  ? ? 
'X-RAY DIFFRACTION' r_gen_planes_refined   2639 0.010  0.020  ? ? 
'X-RAY DIFFRACTION' r_gen_planes_other     567  0.002  0.020  ? ? 
'X-RAY DIFFRACTION' r_mcbond_it            1140 1.447  1.676  ? ? 
'X-RAY DIFFRACTION' r_mcbond_other         1133 1.437  1.660  ? ? 
'X-RAY DIFFRACTION' r_mcangle_it           1309 2.340  2.472  ? ? 
# 
_refine_ls_shell.d_res_high                       1.3100 
_refine_ls_shell.d_res_low                        1.3440 
_refine_ls_shell.pdbx_total_number_of_bins_used   20 
_refine_ls_shell.percent_reflns_obs               93.0500 
_refine_ls_shell.number_reflns_R_work             3264 
_refine_ls_shell.R_factor_all                     ? 
_refine_ls_shell.R_factor_R_work                  0.3500 
_refine_ls_shell.R_factor_R_free                  0.3350 
_refine_ls_shell.percent_reflns_R_free            ? 
_refine_ls_shell.number_reflns_R_free             152 
_refine_ls_shell.R_factor_R_free_error            ? 
_refine_ls_shell.number_reflns_all                3416 
_refine_ls_shell.number_reflns_obs                ? 
_refine_ls_shell.pdbx_refine_id                   'X-RAY DIFFRACTION' 
# 
_struct.entry_id                  7HNN 
_struct.title                     'PanDDA analysis group deposition -- Crystal Structure of TRIM21 in complex with Z31432226' 
_struct.pdbx_model_details        ? 
_struct.pdbx_CASP_flag            ? 
_struct.pdbx_model_type_details   ? 
# 
_struct_keywords.entry_id        7HNN 
_struct_keywords.text            'SGC - Diamond I04-1 fragment screening, PanDDA, XChemExplorer, TRIM21, LIGASE' 
_struct_keywords.pdbx_keywords   LIGASE 
# 
loop_
_struct_asym.id 
_struct_asym.pdbx_blank_PDB_chainid_flag 
_struct_asym.pdbx_modified 
_struct_asym.entity_id 
_struct_asym.details 
A N N 1 ? 
B N N 2 ? 
C N N 3 ? 
D N N 4 ? 
E N N 5 ? 
# 
_struct_ref.id                         1 
_struct_ref.db_name                    UNP 
_struct_ref.db_code                    RO52_MOUSE 
_struct_ref.pdbx_db_accession          Q62191 
_struct_ref.pdbx_db_isoform            ? 
_struct_ref.entity_id                  1 
_struct_ref.pdbx_seq_one_letter_code   
;VHITLDRNTANSWLIISKDRRQVRMGDTHQNVSDNKERFSNYPMVLGAQRFSSGKMYWEVDVTQKEAWDLGVCRDSVQRK
GQFSLSPENGFWTIWLWQDSYEAGTSPQTTLHIQVPPCQIGIFVDYEAGVVSFYNITDHGSLIYTFSECVFAGPLRPFFN
VGFNYSGGNAAPLKLCPLKM
;
_struct_ref.pdbx_align_begin           291 
# 
_struct_ref_seq.align_id                      1 
_struct_ref_seq.ref_id                        1 
_struct_ref_seq.pdbx_PDB_id_code              7HNN 
_struct_ref_seq.pdbx_strand_id                B 
_struct_ref_seq.seq_align_beg                 9 
_struct_ref_seq.pdbx_seq_align_beg_ins_code   ? 
_struct_ref_seq.seq_align_end                 188 
_struct_ref_seq.pdbx_seq_align_end_ins_code   ? 
_struct_ref_seq.pdbx_db_accession             Q62191 
_struct_ref_seq.db_align_beg                  291 
_struct_ref_seq.pdbx_db_align_beg_ins_code    ? 
_struct_ref_seq.db_align_end                  470 
_struct_ref_seq.pdbx_db_align_end_ins_code    ? 
_struct_ref_seq.pdbx_auth_seq_align_beg       15 
_struct_ref_seq.pdbx_auth_seq_align_end       194 
# 
loop_
_struct_ref_seq_dif.align_id 
_struct_ref_seq_dif.pdbx_pdb_id_code 
_struct_ref_seq_dif.mon_id 
_struct_ref_seq_dif.pdbx_pdb_strand_id 
_struct_ref_seq_dif.seq_num 
_struct_ref_seq_dif.pdbx_pdb_ins_code 
_struct_ref_seq_dif.pdbx_seq_db_name 
_struct_ref_seq_dif.pdbx_seq_db_accession_code 
_struct_ref_seq_dif.db_mon_id 
_struct_ref_seq_dif.pdbx_seq_db_seq_num 
_struct_ref_seq_dif.details 
_struct_ref_seq_dif.pdbx_auth_seq_num 
_struct_ref_seq_dif.pdbx_ordinal 
1 7HNN MET B 1 ? UNP Q62191 ? ? 'initiating methionine' 7  1 
1 7HNN HIS B 2 ? UNP Q62191 ? ? 'expression tag'        8  2 
1 7HNN HIS B 3 ? UNP Q62191 ? ? 'expression tag'        9  3 
1 7HNN HIS B 4 ? UNP Q62191 ? ? 'expression tag'        10 4 
1 7HNN HIS B 5 ? UNP Q62191 ? ? 'expression tag'        11 5 
1 7HNN HIS B 6 ? UNP Q62191 ? ? 'expression tag'        12 6 
1 7HNN HIS B 7 ? UNP Q62191 ? ? 'expression tag'        13 7 
1 7HNN MET B 8 ? UNP Q62191 ? ? 'expression tag'        14 8 
# 
_pdbx_struct_assembly.id                   1 
_pdbx_struct_assembly.details              author_defined_assembly 
_pdbx_struct_assembly.method_details       ? 
_pdbx_struct_assembly.oligomeric_details   monomeric 
_pdbx_struct_assembly.oligomeric_count     1 
# 
_pdbx_struct_assembly_gen.assembly_id       1 
_pdbx_struct_assembly_gen.oper_expression   1 
_pdbx_struct_assembly_gen.asym_id_list      A,B,C,D,E 
# 
_pdbx_struct_oper_list.id                   1 
_pdbx_struct_oper_list.type                 'identity operation' 
_pdbx_struct_oper_list.name                 1_555 
_pdbx_struct_oper_list.symmetry_operation   x,y,z 
_pdbx_struct_oper_list.matrix[1][1]         1.0000000000 
_pdbx_struct_oper_list.matrix[1][2]         0.0000000000 
_pdbx_struct_oper_list.matrix[1][3]         0.0000000000 
_pdbx_struct_oper_list.vector[1]            0.0000000000 
_pdbx_struct_oper_list.matrix[2][1]         0.0000000000 
_pdbx_struct_oper_list.matrix[2][2]         1.0000000000 
_pdbx_struct_oper_list.matrix[2][3]         0.0000000000 
_pdbx_struct_oper_list.vector[2]            0.0000000000 
_pdbx_struct_oper_list.matrix[3][1]         0.0000000000 
_pdbx_struct_oper_list.matrix[3][2]         0.0000000000 
_pdbx_struct_oper_list.matrix[3][3]         1.0000000000 
_pdbx_struct_oper_list.vector[3]            0.0000000000 
# 
loop_
_struct_conf.conf_type_id 
_struct_conf.id 
_struct_conf.pdbx_PDB_helix_id 
_struct_conf.beg_label_comp_id 
_struct_conf.beg_label_asym_id 
_struct_conf.beg_label_seq_id 
_struct_conf.pdbx_beg_PDB_ins_code 
_struct_conf.end_label_comp_id 
_struct_conf.end_label_asym_id 
_struct_conf.end_label_seq_id 
_struct_conf.pdbx_end_PDB_ins_code 
_struct_conf.beg_auth_comp_id 
_struct_conf.beg_auth_asym_id 
_struct_conf.beg_auth_seq_id 
_struct_conf.end_auth_comp_id 
_struct_conf.end_auth_asym_id 
_struct_conf.end_auth_seq_id 
_struct_conf.pdbx_PDB_helix_class 
_struct_conf.details 
_struct_conf.pdbx_PDB_helix_length 
HELX_P HELX_P1 AA1 HIS A 4  ? MET A 8  ? HIS B 10  MET B 14  5 ? 5 
HELX_P HELX_P2 AA2 ASP A 14 ? ALA A 18 ? ASP B 20  ALA B 24  5 ? 5 
HELX_P HELX_P3 AA3 SER A 94 ? ASN A 97 ? SER B 100 ASN B 103 5 ? 4 
# 
_struct_conf_type.id          HELX_P 
_struct_conf_type.criteria    ? 
_struct_conf_type.reference   ? 
# 
_struct_mon_prot_cis.pdbx_id                1 
_struct_mon_prot_cis.label_comp_id          SER 
_struct_mon_prot_cis.label_seq_id           114 
_struct_mon_prot_cis.label_asym_id          A 
_struct_mon_prot_cis.label_alt_id           . 
_struct_mon_prot_cis.pdbx_PDB_ins_code      ? 
_struct_mon_prot_cis.auth_comp_id           SER 
_struct_mon_prot_cis.auth_seq_id            120 
_struct_mon_prot_cis.auth_asym_id           B 
_struct_mon_prot_cis.pdbx_label_comp_id_2   PRO 
_struct_mon_prot_cis.pdbx_label_seq_id_2    115 
_struct_mon_prot_cis.pdbx_label_asym_id_2   A 
_struct_mon_prot_cis.pdbx_PDB_ins_code_2    ? 
_struct_mon_prot_cis.pdbx_auth_comp_id_2    PRO 
_struct_mon_prot_cis.pdbx_auth_seq_id_2     121 
_struct_mon_prot_cis.pdbx_auth_asym_id_2    B 
_struct_mon_prot_cis.pdbx_PDB_model_num     1 
_struct_mon_prot_cis.pdbx_omega_angle       -3.12 
# 
loop_
_struct_sheet.id 
_struct_sheet.type 
_struct_sheet.number_strands 
_struct_sheet.details 
AA1 ? 7 ? 
AA2 ? 6 ? 
# 
loop_
_struct_sheet_order.sheet_id 
_struct_sheet_order.range_id_1 
_struct_sheet_order.range_id_2 
_struct_sheet_order.offset 
_struct_sheet_order.sense 
AA1 1 2 ? anti-parallel 
AA1 2 3 ? anti-parallel 
AA1 3 4 ? anti-parallel 
AA1 4 5 ? anti-parallel 
AA1 5 6 ? anti-parallel 
AA1 6 7 ? anti-parallel 
AA2 1 2 ? anti-parallel 
AA2 2 3 ? anti-parallel 
AA2 3 4 ? anti-parallel 
AA2 4 5 ? anti-parallel 
AA2 5 6 ? anti-parallel 
# 
loop_
_struct_sheet_range.sheet_id 
_struct_sheet_range.id 
_struct_sheet_range.beg_label_comp_id 
_struct_sheet_range.beg_label_asym_id 
_struct_sheet_range.beg_label_seq_id 
_struct_sheet_range.pdbx_beg_PDB_ins_code 
_struct_sheet_range.end_label_comp_id 
_struct_sheet_range.end_label_asym_id 
_struct_sheet_range.end_label_seq_id 
_struct_sheet_range.pdbx_end_PDB_ins_code 
_struct_sheet_range.beg_auth_comp_id 
_struct_sheet_range.beg_auth_asym_id 
_struct_sheet_range.beg_auth_seq_id 
_struct_sheet_range.end_auth_comp_id 
_struct_sheet_range.end_auth_asym_id 
_struct_sheet_range.end_auth_seq_id 
AA1 1 LEU A 22  ? ILE A 24  ? LEU B 28  ILE B 30  
AA1 2 GLN A 30  ? MET A 33  ? GLN B 36  MET B 39  
AA1 3 LEU A 181 ? LEU A 183 ? LEU B 187 LEU B 189 
AA1 4 LYS A 63  ? ASP A 69  ? LYS B 69  ASP B 75  
AA1 5 GLN A 127 ? ASP A 133 ? GLN B 133 ASP B 139 
AA1 6 VAL A 138 ? ASN A 143 ? VAL B 144 ASN B 149 
AA1 7 SER A 149 ? PHE A 154 ? SER B 155 PHE B 160 
AA2 1 MET A 52  ? LEU A 54  ? MET B 58  LEU B 60  
AA2 2 LEU A 163 ? ASN A 168 ? LEU B 169 ASN B 174 
AA2 3 TRP A 76  ? ARG A 82  ? TRP B 82  ARG B 88  
AA2 4 PHE A 99  ? TRP A 105 ? PHE B 105 TRP B 111 
AA2 5 SER A 108 ? ALA A 111 ? SER B 114 ALA B 117 
AA2 6 THR A 117 ? THR A 118 ? THR B 123 THR B 124 
# 
loop_
_pdbx_struct_sheet_hbond.sheet_id 
_pdbx_struct_sheet_hbond.range_id_1 
_pdbx_struct_sheet_hbond.range_id_2 
_pdbx_struct_sheet_hbond.range_1_label_atom_id 
_pdbx_struct_sheet_hbond.range_1_label_comp_id 
_pdbx_struct_sheet_hbond.range_1_label_asym_id 
_pdbx_struct_sheet_hbond.range_1_label_seq_id 
_pdbx_struct_sheet_hbond.range_1_PDB_ins_code 
_pdbx_struct_sheet_hbond.range_1_auth_atom_id 
_pdbx_struct_sheet_hbond.range_1_auth_comp_id 
_pdbx_struct_sheet_hbond.range_1_auth_asym_id 
_pdbx_struct_sheet_hbond.range_1_auth_seq_id 
_pdbx_struct_sheet_hbond.range_2_label_atom_id 
_pdbx_struct_sheet_hbond.range_2_label_comp_id 
_pdbx_struct_sheet_hbond.range_2_label_asym_id 
_pdbx_struct_sheet_hbond.range_2_label_seq_id 
_pdbx_struct_sheet_hbond.range_2_PDB_ins_code 
_pdbx_struct_sheet_hbond.range_2_auth_atom_id 
_pdbx_struct_sheet_hbond.range_2_auth_comp_id 
_pdbx_struct_sheet_hbond.range_2_auth_asym_id 
_pdbx_struct_sheet_hbond.range_2_auth_seq_id 
AA1 1 2 N ILE A 23  ? N ILE B 29  O ARG A 32  ? O ARG B 38  
AA1 2 3 N VAL A 31  ? N VAL B 37  O LEU A 181 ? O LEU B 187 
AA1 3 4 O LYS A 182 ? O LYS B 188 N ASP A 69  ? N ASP B 75  
AA1 4 5 N TRP A 66  ? N TRP B 72  O ILE A 130 ? O ILE B 136 
AA1 5 6 N PHE A 131 ? N PHE B 137 O SER A 140 ? O SER B 146 
AA1 6 7 N PHE A 141 ? N PHE B 147 O ILE A 151 ? O ILE B 157 
AA2 1 2 N VAL A 53  ? N VAL B 59  O PHE A 167 ? O PHE B 173 
AA2 2 3 O ARG A 164 ? O ARG B 170 N CYS A 81  ? N CYS B 87  
AA2 3 4 N VAL A 80  ? N VAL B 86  O TRP A 100 ? O TRP B 106 
AA2 4 5 N TRP A 103 ? N TRP B 109 O GLU A 110 ? O GLU B 116 
AA2 5 6 N ALA A 111 ? N ALA B 117 O THR A 117 ? O THR B 123 
# 
_pdbx_entry_details.entry_id                   7HNN 
_pdbx_entry_details.compound_details           ? 
_pdbx_entry_details.source_details             ? 
_pdbx_entry_details.nonpolymer_details         ? 
_pdbx_entry_details.sequence_details           ? 
_pdbx_entry_details.has_ligand_of_interest     Y 
_pdbx_entry_details.has_protein_modification   N 
# 
_pdbx_validate_symm_contact.id                1 
_pdbx_validate_symm_contact.PDB_model_num     1 
_pdbx_validate_symm_contact.auth_atom_id_1    O 
_pdbx_validate_symm_contact.auth_asym_id_1    B 
_pdbx_validate_symm_contact.auth_comp_id_1    HOH 
_pdbx_validate_symm_contact.auth_seq_id_1     325 
_pdbx_validate_symm_contact.PDB_ins_code_1    ? 
_pdbx_validate_symm_contact.label_alt_id_1    ? 
_pdbx_validate_symm_contact.site_symmetry_1   1_555 
_pdbx_validate_symm_contact.auth_atom_id_2    O 
_pdbx_validate_symm_contact.auth_asym_id_2    B 
_pdbx_validate_symm_contact.auth_comp_id_2    HOH 
_pdbx_validate_symm_contact.auth_seq_id_2     325 
_pdbx_validate_symm_contact.PDB_ins_code_2    ? 
_pdbx_validate_symm_contact.label_alt_id_2    ? 
_pdbx_validate_symm_contact.site_symmetry_2   2_455 
_pdbx_validate_symm_contact.dist              0.52 
# 
_pdbx_validate_rmsd_bond.id                        1 
_pdbx_validate_rmsd_bond.PDB_model_num             1 
_pdbx_validate_rmsd_bond.auth_atom_id_1            CD 
_pdbx_validate_rmsd_bond.auth_asym_id_1            B 
_pdbx_validate_rmsd_bond.auth_comp_id_1            GLU 
_pdbx_validate_rmsd_bond.auth_seq_id_1             141 
_pdbx_validate_rmsd_bond.PDB_ins_code_1            ? 
_pdbx_validate_rmsd_bond.label_alt_id_1            ? 
_pdbx_validate_rmsd_bond.auth_atom_id_2            OE1 
_pdbx_validate_rmsd_bond.auth_asym_id_2            B 
_pdbx_validate_rmsd_bond.auth_comp_id_2            GLU 
_pdbx_validate_rmsd_bond.auth_seq_id_2             141 
_pdbx_validate_rmsd_bond.PDB_ins_code_2            ? 
_pdbx_validate_rmsd_bond.label_alt_id_2            ? 
_pdbx_validate_rmsd_bond.bond_value                1.185 
_pdbx_validate_rmsd_bond.bond_target_value         1.252 
_pdbx_validate_rmsd_bond.bond_deviation            -0.067 
_pdbx_validate_rmsd_bond.bond_standard_deviation   0.011 
_pdbx_validate_rmsd_bond.linker_flag               N 
# 
loop_
_pdbx_validate_rmsd_angle.id 
_pdbx_validate_rmsd_angle.PDB_model_num 
_pdbx_validate_rmsd_angle.auth_atom_id_1 
_pdbx_validate_rmsd_angle.auth_asym_id_1 
_pdbx_validate_rmsd_angle.auth_comp_id_1 
_pdbx_validate_rmsd_angle.auth_seq_id_1 
_pdbx_validate_rmsd_angle.PDB_ins_code_1 
_pdbx_validate_rmsd_angle.label_alt_id_1 
_pdbx_validate_rmsd_angle.auth_atom_id_2 
_pdbx_validate_rmsd_angle.auth_asym_id_2 
_pdbx_validate_rmsd_angle.auth_comp_id_2 
_pdbx_validate_rmsd_angle.auth_seq_id_2 
_pdbx_validate_rmsd_angle.PDB_ins_code_2 
_pdbx_validate_rmsd_angle.label_alt_id_2 
_pdbx_validate_rmsd_angle.auth_atom_id_3 
_pdbx_validate_rmsd_angle.auth_asym_id_3 
_pdbx_validate_rmsd_angle.auth_comp_id_3 
_pdbx_validate_rmsd_angle.auth_seq_id_3 
_pdbx_validate_rmsd_angle.PDB_ins_code_3 
_pdbx_validate_rmsd_angle.label_alt_id_3 
_pdbx_validate_rmsd_angle.angle_value 
_pdbx_validate_rmsd_angle.angle_target_value 
_pdbx_validate_rmsd_angle.angle_deviation 
_pdbx_validate_rmsd_angle.angle_standard_deviation 
_pdbx_validate_rmsd_angle.linker_flag 
1 1 CG B ARG 64  ? ? CD B ARG 64  ? ? NE B ARG 64  ? ? 127.47 111.80 15.67 2.10 N 
2 1 CB B PHE 177 ? ? CA B PHE 177 ? ? C  B PHE 177 ? ? 126.65 110.40 16.25 2.00 N 
# 
loop_
_pdbx_validate_torsion.id 
_pdbx_validate_torsion.PDB_model_num 
_pdbx_validate_torsion.auth_comp_id 
_pdbx_validate_torsion.auth_asym_id 
_pdbx_validate_torsion.auth_seq_id 
_pdbx_validate_torsion.PDB_ins_code 
_pdbx_validate_torsion.label_alt_id 
_pdbx_validate_torsion.phi 
_pdbx_validate_torsion.psi 
1 1 GLN B 44  ? ? -79.56  20.07  
2 1 ASN B 45  ? ? 71.27   35.09  
3 1 ASP B 152 ? ? -105.66 49.89  
4 1 PHE B 177 ? ? -49.68  151.46 
# 
_pdbx_validate_chiral.id              1 
_pdbx_validate_chiral.PDB_model_num   1 
_pdbx_validate_chiral.auth_atom_id    CA 
_pdbx_validate_chiral.label_alt_id    ? 
_pdbx_validate_chiral.auth_asym_id    B 
_pdbx_validate_chiral.auth_comp_id    PHE 
_pdbx_validate_chiral.auth_seq_id     177 
_pdbx_validate_chiral.PDB_ins_code    ? 
_pdbx_validate_chiral.details         'WRONG HAND' 
_pdbx_validate_chiral.omega           . 
# 
_phasing.method   MR 
# 
loop_
_pdbx_unobs_or_zero_occ_residues.id 
_pdbx_unobs_or_zero_occ_residues.PDB_model_num 
_pdbx_unobs_or_zero_occ_residues.polymer_flag 
_pdbx_unobs_or_zero_occ_residues.occupancy_flag 
_pdbx_unobs_or_zero_occ_residues.auth_asym_id 
_pdbx_unobs_or_zero_occ_residues.auth_comp_id 
_pdbx_unobs_or_zero_occ_residues.auth_seq_id 
_pdbx_unobs_or_zero_occ_residues.PDB_ins_code 
_pdbx_unobs_or_zero_occ_residues.label_asym_id 
_pdbx_unobs_or_zero_occ_residues.label_comp_id 
_pdbx_unobs_or_zero_occ_residues.label_seq_id 
1 1 Y 1 B MET 7   ? A MET 1   
2 1 Y 1 B LYS 193 ? A LYS 187 
3 1 Y 1 B MET 194 ? A MET 188 
# 
loop_
_chem_comp_atom.comp_id 
_chem_comp_atom.atom_id 
_chem_comp_atom.type_symbol 
_chem_comp_atom.pdbx_aromatic_flag 
_chem_comp_atom.pdbx_stereo_config 
_chem_comp_atom.pdbx_ordinal 
ALA N    N N N 1   
ALA CA   C N S 2   
ALA C    C N N 3   
ALA O    O N N 4   
ALA CB   C N N 5   
ALA OXT  O N N 6   
ALA H    H N N 7   
ALA H2   H N N 8   
ALA HA   H N N 9   
ALA HB1  H N N 10  
ALA HB2  H N N 11  
ALA HB3  H N N 12  
ALA HXT  H N N 13  
ARG N    N N N 14  
ARG CA   C N S 15  
ARG C    C N N 16  
ARG O    O N N 17  
ARG CB   C N N 18  
ARG CG   C N N 19  
ARG CD   C N N 20  
ARG NE   N N N 21  
ARG CZ   C N N 22  
ARG NH1  N N N 23  
ARG NH2  N N N 24  
ARG OXT  O N N 25  
ARG H    H N N 26  
ARG H2   H N N 27  
ARG HA   H N N 28  
ARG HB2  H N N 29  
ARG HB3  H N N 30  
ARG HG2  H N N 31  
ARG HG3  H N N 32  
ARG HD2  H N N 33  
ARG HD3  H N N 34  
ARG HE   H N N 35  
ARG HH11 H N N 36  
ARG HH12 H N N 37  
ARG HH21 H N N 38  
ARG HH22 H N N 39  
ARG HXT  H N N 40  
ASN N    N N N 41  
ASN CA   C N S 42  
ASN C    C N N 43  
ASN O    O N N 44  
ASN CB   C N N 45  
ASN CG   C N N 46  
ASN OD1  O N N 47  
ASN ND2  N N N 48  
ASN OXT  O N N 49  
ASN H    H N N 50  
ASN H2   H N N 51  
ASN HA   H N N 52  
ASN HB2  H N N 53  
ASN HB3  H N N 54  
ASN HD21 H N N 55  
ASN HD22 H N N 56  
ASN HXT  H N N 57  
ASP N    N N N 58  
ASP CA   C N S 59  
ASP C    C N N 60  
ASP O    O N N 61  
ASP CB   C N N 62  
ASP CG   C N N 63  
ASP OD1  O N N 64  
ASP OD2  O N N 65  
ASP OXT  O N N 66  
ASP H    H N N 67  
ASP H2   H N N 68  
ASP HA   H N N 69  
ASP HB2  H N N 70  
ASP HB3  H N N 71  
ASP HD2  H N N 72  
ASP HXT  H N N 73  
CYS N    N N N 74  
CYS CA   C N R 75  
CYS C    C N N 76  
CYS O    O N N 77  
CYS CB   C N N 78  
CYS SG   S N N 79  
CYS OXT  O N N 80  
CYS H    H N N 81  
CYS H2   H N N 82  
CYS HA   H N N 83  
CYS HB2  H N N 84  
CYS HB3  H N N 85  
CYS HG   H N N 86  
CYS HXT  H N N 87  
EDO C1   C N N 88  
EDO O1   O N N 89  
EDO C2   C N N 90  
EDO O2   O N N 91  
EDO H11  H N N 92  
EDO H12  H N N 93  
EDO HO1  H N N 94  
EDO H21  H N N 95  
EDO H22  H N N 96  
EDO HO2  H N N 97  
GLN N    N N N 98  
GLN CA   C N S 99  
GLN C    C N N 100 
GLN O    O N N 101 
GLN CB   C N N 102 
GLN CG   C N N 103 
GLN CD   C N N 104 
GLN OE1  O N N 105 
GLN NE2  N N N 106 
GLN OXT  O N N 107 
GLN H    H N N 108 
GLN H2   H N N 109 
GLN HA   H N N 110 
GLN HB2  H N N 111 
GLN HB3  H N N 112 
GLN HG2  H N N 113 
GLN HG3  H N N 114 
GLN HE21 H N N 115 
GLN HE22 H N N 116 
GLN HXT  H N N 117 
GLU N    N N N 118 
GLU CA   C N S 119 
GLU C    C N N 120 
GLU O    O N N 121 
GLU CB   C N N 122 
GLU CG   C N N 123 
GLU CD   C N N 124 
GLU OE1  O N N 125 
GLU OE2  O N N 126 
GLU OXT  O N N 127 
GLU H    H N N 128 
GLU H2   H N N 129 
GLU HA   H N N 130 
GLU HB2  H N N 131 
GLU HB3  H N N 132 
GLU HG2  H N N 133 
GLU HG3  H N N 134 
GLU HE2  H N N 135 
GLU HXT  H N N 136 
GLY N    N N N 137 
GLY CA   C N N 138 
GLY C    C N N 139 
GLY O    O N N 140 
GLY OXT  O N N 141 
GLY H    H N N 142 
GLY H2   H N N 143 
GLY HA2  H N N 144 
GLY HA3  H N N 145 
GLY HXT  H N N 146 
HIS N    N N N 147 
HIS CA   C N S 148 
HIS C    C N N 149 
HIS O    O N N 150 
HIS CB   C N N 151 
HIS CG   C Y N 152 
HIS ND1  N Y N 153 
HIS CD2  C Y N 154 
HIS CE1  C Y N 155 
HIS NE2  N Y N 156 
HIS OXT  O N N 157 
HIS H    H N N 158 
HIS H2   H N N 159 
HIS HA   H N N 160 
HIS HB2  H N N 161 
HIS HB3  H N N 162 
HIS HD1  H N N 163 
HIS HD2  H N N 164 
HIS HE1  H N N 165 
HIS HE2  H N N 166 
HIS HXT  H N N 167 
HOH O    O N N 168 
HOH H1   H N N 169 
HOH H2   H N N 170 
ILE N    N N N 171 
ILE CA   C N S 172 
ILE C    C N N 173 
ILE O    O N N 174 
ILE CB   C N S 175 
ILE CG1  C N N 176 
ILE CG2  C N N 177 
ILE CD1  C N N 178 
ILE OXT  O N N 179 
ILE H    H N N 180 
ILE H2   H N N 181 
ILE HA   H N N 182 
ILE HB   H N N 183 
ILE HG12 H N N 184 
ILE HG13 H N N 185 
ILE HG21 H N N 186 
ILE HG22 H N N 187 
ILE HG23 H N N 188 
ILE HD11 H N N 189 
ILE HD12 H N N 190 
ILE HD13 H N N 191 
ILE HXT  H N N 192 
JGP C10  C N N 193 
JGP C13  C N N 194 
JGP C15  C N N 195 
JGP C17  C N N 196 
JGP C01  C Y N 197 
JGP C02  C Y N 198 
JGP C03  C Y N 199 
JGP C04  C Y N 200 
JGP C05  C Y N 201 
JGP C06  C Y N 202 
JGP C07  C N N 203 
JGP O08  O N N 204 
JGP N09  N N N 205 
JGP C11  C N N 206 
JGP C12  C N N 207 
JGP C14  C N N 208 
JGP O16  O N N 209 
JGP O18  O N N 210 
JGP H101 H N N 211 
JGP H102 H N N 212 
JGP H132 H N N 213 
JGP H131 H N N 214 
JGP H152 H N N 215 
JGP H151 H N N 216 
JGP H171 H N N 217 
JGP H172 H N N 218 
JGP H011 H N N 219 
JGP H021 H N N 220 
JGP H051 H N N 221 
JGP H111 H N N 222 
JGP H112 H N N 223 
JGP H121 H N N 224 
JGP H122 H N N 225 
JGP H142 H N N 226 
JGP H141 H N N 227 
LEU N    N N N 228 
LEU CA   C N S 229 
LEU C    C N N 230 
LEU O    O N N 231 
LEU CB   C N N 232 
LEU CG   C N N 233 
LEU CD1  C N N 234 
LEU CD2  C N N 235 
LEU OXT  O N N 236 
LEU H    H N N 237 
LEU H2   H N N 238 
LEU HA   H N N 239 
LEU HB2  H N N 240 
LEU HB3  H N N 241 
LEU HG   H N N 242 
LEU HD11 H N N 243 
LEU HD12 H N N 244 
LEU HD13 H N N 245 
LEU HD21 H N N 246 
LEU HD22 H N N 247 
LEU HD23 H N N 248 
LEU HXT  H N N 249 
LYS N    N N N 250 
LYS CA   C N S 251 
LYS C    C N N 252 
LYS O    O N N 253 
LYS CB   C N N 254 
LYS CG   C N N 255 
LYS CD   C N N 256 
LYS CE   C N N 257 
LYS NZ   N N N 258 
LYS OXT  O N N 259 
LYS H    H N N 260 
LYS H2   H N N 261 
LYS HA   H N N 262 
LYS HB2  H N N 263 
LYS HB3  H N N 264 
LYS HG2  H N N 265 
LYS HG3  H N N 266 
LYS HD2  H N N 267 
LYS HD3  H N N 268 
LYS HE2  H N N 269 
LYS HE3  H N N 270 
LYS HZ1  H N N 271 
LYS HZ2  H N N 272 
LYS HZ3  H N N 273 
LYS HXT  H N N 274 
MET N    N N N 275 
MET CA   C N S 276 
MET C    C N N 277 
MET O    O N N 278 
MET CB   C N N 279 
MET CG   C N N 280 
MET SD   S N N 281 
MET CE   C N N 282 
MET OXT  O N N 283 
MET H    H N N 284 
MET H2   H N N 285 
MET HA   H N N 286 
MET HB2  H N N 287 
MET HB3  H N N 288 
MET HG2  H N N 289 
MET HG3  H N N 290 
MET HE1  H N N 291 
MET HE2  H N N 292 
MET HE3  H N N 293 
MET HXT  H N N 294 
PHE N    N N N 295 
PHE CA   C N S 296 
PHE C    C N N 297 
PHE O    O N N 298 
PHE CB   C N N 299 
PHE CG   C Y N 300 
PHE CD1  C Y N 301 
PHE CD2  C Y N 302 
PHE CE1  C Y N 303 
PHE CE2  C Y N 304 
PHE CZ   C Y N 305 
PHE OXT  O N N 306 
PHE H    H N N 307 
PHE H2   H N N 308 
PHE HA   H N N 309 
PHE HB2  H N N 310 
PHE HB3  H N N 311 
PHE HD1  H N N 312 
PHE HD2  H N N 313 
PHE HE1  H N N 314 
PHE HE2  H N N 315 
PHE HZ   H N N 316 
PHE HXT  H N N 317 
PRO N    N N N 318 
PRO CA   C N S 319 
PRO C    C N N 320 
PRO O    O N N 321 
PRO CB   C N N 322 
PRO CG   C N N 323 
PRO CD   C N N 324 
PRO OXT  O N N 325 
PRO H    H N N 326 
PRO HA   H N N 327 
PRO HB2  H N N 328 
PRO HB3  H N N 329 
PRO HG2  H N N 330 
PRO HG3  H N N 331 
PRO HD2  H N N 332 
PRO HD3  H N N 333 
PRO HXT  H N N 334 
SER N    N N N 335 
SER CA   C N S 336 
SER C    C N N 337 
SER O    O N N 338 
SER CB   C N N 339 
SER OG   O N N 340 
SER OXT  O N N 341 
SER H    H N N 342 
SER H2   H N N 343 
SER HA   H N N 344 
SER HB2  H N N 345 
SER HB3  H N N 346 
SER HG   H N N 347 
SER HXT  H N N 348 
SO4 S    S N N 349 
SO4 O1   O N N 350 
SO4 O2   O N N 351 
SO4 O3   O N N 352 
SO4 O4   O N N 353 
THR N    N N N 354 
THR CA   C N S 355 
THR C    C N N 356 
THR O    O N N 357 
THR CB   C N R 358 
THR OG1  O N N 359 
THR CG2  C N N 360 
THR OXT  O N N 361 
THR H    H N N 362 
THR H2   H N N 363 
THR HA   H N N 364 
THR HB   H N N 365 
THR HG1  H N N 366 
THR HG21 H N N 367 
THR HG22 H N N 368 
THR HG23 H N N 369 
THR HXT  H N N 370 
TRP N    N N N 371 
TRP CA   C N S 372 
TRP C    C N N 373 
TRP O    O N N 374 
TRP CB   C N N 375 
TRP CG   C Y N 376 
TRP CD1  C Y N 377 
TRP CD2  C Y N 378 
TRP NE1  N Y N 379 
TRP CE2  C Y N 380 
TRP CE3  C Y N 381 
TRP CZ2  C Y N 382 
TRP CZ3  C Y N 383 
TRP CH2  C Y N 384 
TRP OXT  O N N 385 
TRP H    H N N 386 
TRP H2   H N N 387 
TRP HA   H N N 388 
TRP HB2  H N N 389 
TRP HB3  H N N 390 
TRP HD1  H N N 391 
TRP HE1  H N N 392 
TRP HE3  H N N 393 
TRP HZ2  H N N 394 
TRP HZ3  H N N 395 
TRP HH2  H N N 396 
TRP HXT  H N N 397 
TYR N    N N N 398 
TYR CA   C N S 399 
TYR C    C N N 400 
TYR O    O N N 401 
TYR CB   C N N 402 
TYR CG   C Y N 403 
TYR CD1  C Y N 404 
TYR CD2  C Y N 405 
TYR CE1  C Y N 406 
TYR CE2  C Y N 407 
TYR CZ   C Y N 408 
TYR OH   O N N 409 
TYR OXT  O N N 410 
TYR H    H N N 411 
TYR H2   H N N 412 
TYR HA   H N N 413 
TYR HB2  H N N 414 
TYR HB3  H N N 415 
TYR HD1  H N N 416 
TYR HD2  H N N 417 
TYR HE1  H N N 418 
TYR HE2  H N N 419 
TYR HH   H N N 420 
TYR HXT  H N N 421 
VAL N    N N N 422 
VAL CA   C N S 423 
VAL C    C N N 424 
VAL O    O N N 425 
VAL CB   C N N 426 
VAL CG1  C N N 427 
VAL CG2  C N N 428 
VAL OXT  O N N 429 
VAL H    H N N 430 
VAL H2   H N N 431 
VAL HA   H N N 432 
VAL HB   H N N 433 
VAL HG11 H N N 434 
VAL HG12 H N N 435 
VAL HG13 H N N 436 
VAL HG21 H N N 437 
VAL HG22 H N N 438 
VAL HG23 H N N 439 
VAL HXT  H N N 440 
# 
loop_
_chem_comp_bond.comp_id 
_chem_comp_bond.atom_id_1 
_chem_comp_bond.atom_id_2 
_chem_comp_bond.value_order 
_chem_comp_bond.pdbx_aromatic_flag 
_chem_comp_bond.pdbx_stereo_config 
_chem_comp_bond.pdbx_ordinal 
ALA N   CA   sing N N 1   
ALA N   H    sing N N 2   
ALA N   H2   sing N N 3   
ALA CA  C    sing N N 4   
ALA CA  CB   sing N N 5   
ALA CA  HA   sing N N 6   
ALA C   O    doub N N 7   
ALA C   OXT  sing N N 8   
ALA CB  HB1  sing N N 9   
ALA CB  HB2  sing N N 10  
ALA CB  HB3  sing N N 11  
ALA OXT HXT  sing N N 12  
ARG N   CA   sing N N 13  
ARG N   H    sing N N 14  
ARG N   H2   sing N N 15  
ARG CA  C    sing N N 16  
ARG CA  CB   sing N N 17  
ARG CA  HA   sing N N 18  
ARG C   O    doub N N 19  
ARG C   OXT  sing N N 20  
ARG CB  CG   sing N N 21  
ARG CB  HB2  sing N N 22  
ARG CB  HB3  sing N N 23  
ARG CG  CD   sing N N 24  
ARG CG  HG2  sing N N 25  
ARG CG  HG3  sing N N 26  
ARG CD  NE   sing N N 27  
ARG CD  HD2  sing N N 28  
ARG CD  HD3  sing N N 29  
ARG NE  CZ   sing N N 30  
ARG NE  HE   sing N N 31  
ARG CZ  NH1  sing N N 32  
ARG CZ  NH2  doub N N 33  
ARG NH1 HH11 sing N N 34  
ARG NH1 HH12 sing N N 35  
ARG NH2 HH21 sing N N 36  
ARG NH2 HH22 sing N N 37  
ARG OXT HXT  sing N N 38  
ASN N   CA   sing N N 39  
ASN N   H    sing N N 40  
ASN N   H2   sing N N 41  
ASN CA  C    sing N N 42  
ASN CA  CB   sing N N 43  
ASN CA  HA   sing N N 44  
ASN C   O    doub N N 45  
ASN C   OXT  sing N N 46  
ASN CB  CG   sing N N 47  
ASN CB  HB2  sing N N 48  
ASN CB  HB3  sing N N 49  
ASN CG  OD1  doub N N 50  
ASN CG  ND2  sing N N 51  
ASN ND2 HD21 sing N N 52  
ASN ND2 HD22 sing N N 53  
ASN OXT HXT  sing N N 54  
ASP N   CA   sing N N 55  
ASP N   H    sing N N 56  
ASP N   H2   sing N N 57  
ASP CA  C    sing N N 58  
ASP CA  CB   sing N N 59  
ASP CA  HA   sing N N 60  
ASP C   O    doub N N 61  
ASP C   OXT  sing N N 62  
ASP CB  CG   sing N N 63  
ASP CB  HB2  sing N N 64  
ASP CB  HB3  sing N N 65  
ASP CG  OD1  doub N N 66  
ASP CG  OD2  sing N N 67  
ASP OD2 HD2  sing N N 68  
ASP OXT HXT  sing N N 69  
CYS N   CA   sing N N 70  
CYS N   H    sing N N 71  
CYS N   H2   sing N N 72  
CYS CA  C    sing N N 73  
CYS CA  CB   sing N N 74  
CYS CA  HA   sing N N 75  
CYS C   O    doub N N 76  
CYS C   OXT  sing N N 77  
CYS CB  SG   sing N N 78  
CYS CB  HB2  sing N N 79  
CYS CB  HB3  sing N N 80  
CYS SG  HG   sing N N 81  
CYS OXT HXT  sing N N 82  
EDO C1  O1   sing N N 83  
EDO C1  C2   sing N N 84  
EDO C1  H11  sing N N 85  
EDO C1  H12  sing N N 86  
EDO O1  HO1  sing N N 87  
EDO C2  O2   sing N N 88  
EDO C2  H21  sing N N 89  
EDO C2  H22  sing N N 90  
EDO O2  HO2  sing N N 91  
GLN N   CA   sing N N 92  
GLN N   H    sing N N 93  
GLN N   H2   sing N N 94  
GLN CA  C    sing N N 95  
GLN CA  CB   sing N N 96  
GLN CA  HA   sing N N 97  
GLN C   O    doub N N 98  
GLN C   OXT  sing N N 99  
GLN CB  CG   sing N N 100 
GLN CB  HB2  sing N N 101 
GLN CB  HB3  sing N N 102 
GLN CG  CD   sing N N 103 
GLN CG  HG2  sing N N 104 
GLN CG  HG3  sing N N 105 
GLN CD  OE1  doub N N 106 
GLN CD  NE2  sing N N 107 
GLN NE2 HE21 sing N N 108 
GLN NE2 HE22 sing N N 109 
GLN OXT HXT  sing N N 110 
GLU N   CA   sing N N 111 
GLU N   H    sing N N 112 
GLU N   H2   sing N N 113 
GLU CA  C    sing N N 114 
GLU CA  CB   sing N N 115 
GLU CA  HA   sing N N 116 
GLU C   O    doub N N 117 
GLU C   OXT  sing N N 118 
GLU CB  CG   sing N N 119 
GLU CB  HB2  sing N N 120 
GLU CB  HB3  sing N N 121 
GLU CG  CD   sing N N 122 
GLU CG  HG2  sing N N 123 
GLU CG  HG3  sing N N 124 
GLU CD  OE1  doub N N 125 
GLU CD  OE2  sing N N 126 
GLU OE2 HE2  sing N N 127 
GLU OXT HXT  sing N N 128 
GLY N   CA   sing N N 129 
GLY N   H    sing N N 130 
GLY N   H2   sing N N 131 
GLY CA  C    sing N N 132 
GLY CA  HA2  sing N N 133 
GLY CA  HA3  sing N N 134 
GLY C   O    doub N N 135 
GLY C   OXT  sing N N 136 
GLY OXT HXT  sing N N 137 
HIS N   CA   sing N N 138 
HIS N   H    sing N N 139 
HIS N   H2   sing N N 140 
HIS CA  C    sing N N 141 
HIS CA  CB   sing N N 142 
HIS CA  HA   sing N N 143 
HIS C   O    doub N N 144 
HIS C   OXT  sing N N 145 
HIS CB  CG   sing N N 146 
HIS CB  HB2  sing N N 147 
HIS CB  HB3  sing N N 148 
HIS CG  ND1  sing Y N 149 
HIS CG  CD2  doub Y N 150 
HIS ND1 CE1  doub Y N 151 
HIS ND1 HD1  sing N N 152 
HIS CD2 NE2  sing Y N 153 
HIS CD2 HD2  sing N N 154 
HIS CE1 NE2  sing Y N 155 
HIS CE1 HE1  sing N N 156 
HIS NE2 HE2  sing N N 157 
HIS OXT HXT  sing N N 158 
HOH O   H1   sing N N 159 
HOH O   H2   sing N N 160 
ILE N   CA   sing N N 161 
ILE N   H    sing N N 162 
ILE N   H2   sing N N 163 
ILE CA  C    sing N N 164 
ILE CA  CB   sing N N 165 
ILE CA  HA   sing N N 166 
ILE C   O    doub N N 167 
ILE C   OXT  sing N N 168 
ILE CB  CG1  sing N N 169 
ILE CB  CG2  sing N N 170 
ILE CB  HB   sing N N 171 
ILE CG1 CD1  sing N N 172 
ILE CG1 HG12 sing N N 173 
ILE CG1 HG13 sing N N 174 
ILE CG2 HG21 sing N N 175 
ILE CG2 HG22 sing N N 176 
ILE CG2 HG23 sing N N 177 
ILE CD1 HD11 sing N N 178 
ILE CD1 HD12 sing N N 179 
ILE CD1 HD13 sing N N 180 
ILE OXT HXT  sing N N 181 
JGP C14 C15  sing N N 182 
JGP C14 C13  sing N N 183 
JGP C15 N09  sing N N 184 
JGP C11 C10  sing N N 185 
JGP C11 C12  sing N N 186 
JGP C13 C12  sing N N 187 
JGP C10 N09  sing N N 188 
JGP N09 C07  sing N N 189 
JGP O16 C04  sing N N 190 
JGP O16 C17  sing N N 191 
JGP C05 C04  doub Y N 192 
JGP C05 C06  sing Y N 193 
JGP C07 C06  sing N N 194 
JGP C07 O08  doub N N 195 
JGP C04 C03  sing Y N 196 
JGP C06 C01  doub Y N 197 
JGP C17 O18  sing N N 198 
JGP C03 O18  sing N N 199 
JGP C03 C02  doub Y N 200 
JGP C01 C02  sing Y N 201 
JGP C10 H101 sing N N 202 
JGP C10 H102 sing N N 203 
JGP C13 H132 sing N N 204 
JGP C13 H131 sing N N 205 
JGP C15 H152 sing N N 206 
JGP C15 H151 sing N N 207 
JGP C17 H171 sing N N 208 
JGP C17 H172 sing N N 209 
JGP C01 H011 sing N N 210 
JGP C02 H021 sing N N 211 
JGP C05 H051 sing N N 212 
JGP C11 H111 sing N N 213 
JGP C11 H112 sing N N 214 
JGP C12 H121 sing N N 215 
JGP C12 H122 sing N N 216 
JGP C14 H142 sing N N 217 
JGP C14 H141 sing N N 218 
LEU N   CA   sing N N 219 
LEU N   H    sing N N 220 
LEU N   H2   sing N N 221 
LEU CA  C    sing N N 222 
LEU CA  CB   sing N N 223 
LEU CA  HA   sing N N 224 
LEU C   O    doub N N 225 
LEU C   OXT  sing N N 226 
LEU CB  CG   sing N N 227 
LEU CB  HB2  sing N N 228 
LEU CB  HB3  sing N N 229 
LEU CG  CD1  sing N N 230 
LEU CG  CD2  sing N N 231 
LEU CG  HG   sing N N 232 
LEU CD1 HD11 sing N N 233 
LEU CD1 HD12 sing N N 234 
LEU CD1 HD13 sing N N 235 
LEU CD2 HD21 sing N N 236 
LEU CD2 HD22 sing N N 237 
LEU CD2 HD23 sing N N 238 
LEU OXT HXT  sing N N 239 
LYS N   CA   sing N N 240 
LYS N   H    sing N N 241 
LYS N   H2   sing N N 242 
LYS CA  C    sing N N 243 
LYS CA  CB   sing N N 244 
LYS CA  HA   sing N N 245 
LYS C   O    doub N N 246 
LYS C   OXT  sing N N 247 
LYS CB  CG   sing N N 248 
LYS CB  HB2  sing N N 249 
LYS CB  HB3  sing N N 250 
LYS CG  CD   sing N N 251 
LYS CG  HG2  sing N N 252 
LYS CG  HG3  sing N N 253 
LYS CD  CE   sing N N 254 
LYS CD  HD2  sing N N 255 
LYS CD  HD3  sing N N 256 
LYS CE  NZ   sing N N 257 
LYS CE  HE2  sing N N 258 
LYS CE  HE3  sing N N 259 
LYS NZ  HZ1  sing N N 260 
LYS NZ  HZ2  sing N N 261 
LYS NZ  HZ3  sing N N 262 
LYS OXT HXT  sing N N 263 
MET N   CA   sing N N 264 
MET N   H    sing N N 265 
MET N   H2   sing N N 266 
MET CA  C    sing N N 267 
MET CA  CB   sing N N 268 
MET CA  HA   sing N N 269 
MET C   O    doub N N 270 
MET C   OXT  sing N N 271 
MET CB  CG   sing N N 272 
MET CB  HB2  sing N N 273 
MET CB  HB3  sing N N 274 
MET CG  SD   sing N N 275 
MET CG  HG2  sing N N 276 
MET CG  HG3  sing N N 277 
MET SD  CE   sing N N 278 
MET CE  HE1  sing N N 279 
MET CE  HE2  sing N N 280 
MET CE  HE3  sing N N 281 
MET OXT HXT  sing N N 282 
PHE N   CA   sing N N 283 
PHE N   H    sing N N 284 
PHE N   H2   sing N N 285 
PHE CA  C    sing N N 286 
PHE CA  CB   sing N N 287 
PHE CA  HA   sing N N 288 
PHE C   O    doub N N 289 
PHE C   OXT  sing N N 290 
PHE CB  CG   sing N N 291 
PHE CB  HB2  sing N N 292 
PHE CB  HB3  sing N N 293 
PHE CG  CD1  doub Y N 294 
PHE CG  CD2  sing Y N 295 
PHE CD1 CE1  sing Y N 296 
PHE CD1 HD1  sing N N 297 
PHE CD2 CE2  doub Y N 298 
PHE CD2 HD2  sing N N 299 
PHE CE1 CZ   doub Y N 300 
PHE CE1 HE1  sing N N 301 
PHE CE2 CZ   sing Y N 302 
PHE CE2 HE2  sing N N 303 
PHE CZ  HZ   sing N N 304 
PHE OXT HXT  sing N N 305 
PRO N   CA   sing N N 306 
PRO N   CD   sing N N 307 
PRO N   H    sing N N 308 
PRO CA  C    sing N N 309 
PRO CA  CB   sing N N 310 
PRO CA  HA   sing N N 311 
PRO C   O    doub N N 312 
PRO C   OXT  sing N N 313 
PRO CB  CG   sing N N 314 
PRO CB  HB2  sing N N 315 
PRO CB  HB3  sing N N 316 
PRO CG  CD   sing N N 317 
PRO CG  HG2  sing N N 318 
PRO CG  HG3  sing N N 319 
PRO CD  HD2  sing N N 320 
PRO CD  HD3  sing N N 321 
PRO OXT HXT  sing N N 322 
SER N   CA   sing N N 323 
SER N   H    sing N N 324 
SER N   H2   sing N N 325 
SER CA  C    sing N N 326 
SER CA  CB   sing N N 327 
SER CA  HA   sing N N 328 
SER C   O    doub N N 329 
SER C   OXT  sing N N 330 
SER CB  OG   sing N N 331 
SER CB  HB2  sing N N 332 
SER CB  HB3  sing N N 333 
SER OG  HG   sing N N 334 
SER OXT HXT  sing N N 335 
SO4 S   O1   doub N N 336 
SO4 S   O2   doub N N 337 
SO4 S   O3   sing N N 338 
SO4 S   O4   sing N N 339 
THR N   CA   sing N N 340 
THR N   H    sing N N 341 
THR N   H2   sing N N 342 
THR CA  C    sing N N 343 
THR CA  CB   sing N N 344 
THR CA  HA   sing N N 345 
THR C   O    doub N N 346 
THR C   OXT  sing N N 347 
THR CB  OG1  sing N N 348 
THR CB  CG2  sing N N 349 
THR CB  HB   sing N N 350 
THR OG1 HG1  sing N N 351 
THR CG2 HG21 sing N N 352 
THR CG2 HG22 sing N N 353 
THR CG2 HG23 sing N N 354 
THR OXT HXT  sing N N 355 
TRP N   CA   sing N N 356 
TRP N   H    sing N N 357 
TRP N   H2   sing N N 358 
TRP CA  C    sing N N 359 
TRP CA  CB   sing N N 360 
TRP CA  HA   sing N N 361 
TRP C   O    doub N N 362 
TRP C   OXT  sing N N 363 
TRP CB  CG   sing N N 364 
TRP CB  HB2  sing N N 365 
TRP CB  HB3  sing N N 366 
TRP CG  CD1  doub Y N 367 
TRP CG  CD2  sing Y N 368 
TRP CD1 NE1  sing Y N 369 
TRP CD1 HD1  sing N N 370 
TRP CD2 CE2  doub Y N 371 
TRP CD2 CE3  sing Y N 372 
TRP NE1 CE2  sing Y N 373 
TRP NE1 HE1  sing N N 374 
TRP CE2 CZ2  sing Y N 375 
TRP CE3 CZ3  doub Y N 376 
TRP CE3 HE3  sing N N 377 
TRP CZ2 CH2  doub Y N 378 
TRP CZ2 HZ2  sing N N 379 
TRP CZ3 CH2  sing Y N 380 
TRP CZ3 HZ3  sing N N 381 
TRP CH2 HH2  sing N N 382 
TRP OXT HXT  sing N N 383 
TYR N   CA   sing N N 384 
TYR N   H    sing N N 385 
TYR N   H2   sing N N 386 
TYR CA  C    sing N N 387 
TYR CA  CB   sing N N 388 
TYR CA  HA   sing N N 389 
TYR C   O    doub N N 390 
TYR C   OXT  sing N N 391 
TYR CB  CG   sing N N 392 
TYR CB  HB2  sing N N 393 
TYR CB  HB3  sing N N 394 
TYR CG  CD1  doub Y N 395 
TYR CG  CD2  sing Y N 396 
TYR CD1 CE1  sing Y N 397 
TYR CD1 HD1  sing N N 398 
TYR CD2 CE2  doub Y N 399 
TYR CD2 HD2  sing N N 400 
TYR CE1 CZ   doub Y N 401 
TYR CE1 HE1  sing N N 402 
TYR CE2 CZ   sing Y N 403 
TYR CE2 HE2  sing N N 404 
TYR CZ  OH   sing N N 405 
TYR OH  HH   sing N N 406 
TYR OXT HXT  sing N N 407 
VAL N   CA   sing N N 408 
VAL N   H    sing N N 409 
VAL N   H2   sing N N 410 
VAL CA  C    sing N N 411 
VAL CA  CB   sing N N 412 
VAL CA  HA   sing N N 413 
VAL C   O    doub N N 414 
VAL C   OXT  sing N N 415 
VAL CB  CG1  sing N N 416 
VAL CB  CG2  sing N N 417 
VAL CB  HB   sing N N 418 
VAL CG1 HG11 sing N N 419 
VAL CG1 HG12 sing N N 420 
VAL CG1 HG13 sing N N 421 
VAL CG2 HG21 sing N N 422 
VAL CG2 HG22 sing N N 423 
VAL CG2 HG23 sing N N 424 
VAL OXT HXT  sing N N 425 
# 
_pdbx_audit_support.ordinal                1 
_pdbx_audit_support.funding_organization   'European Union (EU)' 
_pdbx_audit_support.grant_number           875510 
_pdbx_audit_support.country                'European Union' 
# 
_pdbx_deposit_group.group_id            G_1002320 
_pdbx_deposit_group.group_description   
;PRYSPRY domain of murine TRIM21 screened against the DSI-poised Fragment Library by X-ray Crystallography at the XChem facility of Diamon Light Source
;
_pdbx_deposit_group.group_title         'PanDDA analysis group deposition' 
_pdbx_deposit_group.group_type          'changed state' 
# 
_pdbx_initial_refinement_model.id               1 
_pdbx_initial_refinement_model.entity_id_list   ? 
_pdbx_initial_refinement_model.type             'experimental model' 
_pdbx_initial_refinement_model.source_name      PDB 
_pdbx_initial_refinement_model.accession_code   2VOK 
_pdbx_initial_refinement_model.details          ? 
# 
_atom_sites.entry_id                    7HNN 
_atom_sites.fract_transf_matrix[1][1]   0.00523303 
_atom_sites.fract_transf_matrix[1][2]   -0.00764398 
_atom_sites.fract_transf_matrix[1][3]   -0.00488770 
_atom_sites.fract_transf_matrix[2][1]   0.00068438 
_atom_sites.fract_transf_matrix[2][2]   -0.00529378 
_atom_sites.fract_transf_matrix[2][3]   0.00901178 
_atom_sites.fract_transf_matrix[3][1]   -0.01881737 
_atom_sites.fract_transf_matrix[3][2]   -0.01002901 
_atom_sites.fract_transf_matrix[3][3]   -0.00446228 
_atom_sites.fract_transf_vector[1]      -0.298030 
_atom_sites.fract_transf_vector[2]      -0.118236 
_atom_sites.fract_transf_vector[3]      -0.503380 
# 
loop_
_atom_type.symbol 
C 
N 
O 
S 
# 
loop_
_atom_site.group_PDB 
_atom_site.id 
_atom_site.type_symbol 
_atom_site.label_atom_id 
_atom_site.label_alt_id 
_atom_site.label_comp_id 
_atom_site.label_asym_id 
_atom_site.label_entity_id 
_atom_site.label_seq_id 
_atom_site.pdbx_PDB_ins_code 
_atom_site.Cartn_x 
_atom_site.Cartn_y 
_atom_site.Cartn_z 
_atom_site.occupancy 
_atom_site.B_iso_or_equiv 
_atom_site.pdbx_formal_charge 
_atom_site.auth_seq_id 
_atom_site.auth_comp_id 
_atom_site.auth_asym_id 
_atom_site.auth_atom_id 
_atom_site.pdbx_PDB_model_num 
ATOM   1    N N   . HIS A 1 2   ? -3.812  -16.358 -10.795 1.00 65.96 ? 8   HIS B N   1 
ATOM   2    C CA  . HIS A 1 2   ? -2.568  -15.866 -11.482 1.00 61.89 ? 8   HIS B CA  1 
ATOM   3    C C   . HIS A 1 2   ? -1.413  -16.848 -11.239 1.00 60.82 ? 8   HIS B C   1 
ATOM   4    O O   . HIS A 1 2   ? -1.603  -17.824 -10.471 1.00 65.42 ? 8   HIS B O   1 
ATOM   5    C CB  . HIS A 1 2   ? -2.218  -14.443 -11.007 1.00 53.39 ? 8   HIS B CB  1 
ATOM   6    C CG  . HIS A 1 2   ? -1.982  -14.322 -9.535  1.00 49.48 ? 8   HIS B CG  1 
ATOM   7    N ND1 . HIS A 1 2   ? -0.750  -14.576 -8.956  1.00 50.01 ? 8   HIS B ND1 1 
ATOM   8    C CD2 . HIS A 1 2   ? -2.802  -13.963 -8.521  1.00 47.35 ? 8   HIS B CD2 1 
ATOM   9    C CE1 . HIS A 1 2   ? -0.826  -14.392 -7.652  1.00 49.23 ? 8   HIS B CE1 1 
ATOM   10   N NE2 . HIS A 1 2   ? -2.074  -14.015 -7.353  1.00 43.53 ? 8   HIS B NE2 1 
ATOM   11   N N   . HIS A 1 3   ? -0.255  -16.579 -11.847 1.00 55.27 ? 9   HIS B N   1 
ATOM   12   C CA  . HIS A 1 3   ? 0.996   -17.371 -11.696 1.00 58.64 ? 9   HIS B CA  1 
ATOM   13   C C   . HIS A 1 3   ? 2.180   -16.422 -11.446 1.00 50.35 ? 9   HIS B C   1 
ATOM   14   O O   . HIS A 1 3   ? 3.246   -16.648 -12.042 1.00 49.05 ? 9   HIS B O   1 
ATOM   15   C CB  . HIS A 1 3   ? 1.155   -18.303 -12.916 1.00 67.68 ? 9   HIS B CB  1 
ATOM   16   C CG  . HIS A 1 3   ? -0.050  -19.159 -13.164 1.00 79.16 ? 9   HIS B CG  1 
ATOM   17   N ND1 . HIS A 1 3   ? -0.378  -20.240 -12.356 1.00 82.20 ? 9   HIS B ND1 1 
ATOM   18   C CD2 . HIS A 1 3   ? -1.020  -19.088 -14.104 1.00 84.97 ? 9   HIS B CD2 1 
ATOM   19   C CE1 . HIS A 1 3   ? -1.487  -20.801 -12.795 1.00 83.29 ? 9   HIS B CE1 1 
ATOM   20   N NE2 . HIS A 1 3   ? -1.899  -20.117 -13.871 1.00 87.91 ? 9   HIS B NE2 1 
ATOM   21   N N   . HIS A 1 4   ? 1.994   -15.414 -10.573 1.00 41.44 ? 10  HIS B N   1 
ATOM   22   C CA  . HIS A 1 4   ? 2.980   -14.338 -10.246 1.00 35.40 ? 10  HIS B CA  1 
ATOM   23   C C   . HIS A 1 4   ? 3.750   -14.666 -8.967  1.00 35.54 ? 10  HIS B C   1 
ATOM   24   O O   . HIS A 1 4   ? 4.725   -13.943 -8.661  1.00 30.36 ? 10  HIS B O   1 
ATOM   25   C CB  . HIS A 1 4   ? 2.267   -12.984 -10.064 1.00 32.67 ? 10  HIS B CB  1 
ATOM   26   C CG  . HIS A 1 4   ? 1.635   -12.475 -11.312 1.00 33.28 ? 10  HIS B CG  1 
ATOM   27   N ND1 . HIS A 1 4   ? 2.273   -12.522 -12.550 1.00 33.94 ? 10  HIS B ND1 1 
ATOM   28   C CD2 . HIS A 1 4   ? 0.433   -11.911 -11.528 1.00 30.87 ? 10  HIS B CD2 1 
ATOM   29   C CE1 . HIS A 1 4   ? 1.483   -11.995 -13.464 1.00 38.92 ? 10  HIS B CE1 1 
ATOM   30   N NE2 . HIS A 1 4   ? 0.350   -11.620 -12.863 1.00 36.23 ? 10  HIS B NE2 1 
ATOM   31   N N   . HIS A 1 5   ? 3.315   -15.695 -8.231  1.00 36.99 ? 11  HIS B N   1 
ATOM   32   C CA  . HIS A 1 5   ? 3.831   -16.057 -6.881  1.00 38.56 ? 11  HIS B CA  1 
ATOM   33   C C   . HIS A 1 5   ? 5.357   -16.229 -6.893  1.00 36.94 ? 11  HIS B C   1 
ATOM   34   O O   . HIS A 1 5   ? 5.985   -15.855 -5.883  1.00 36.63 ? 11  HIS B O   1 
ATOM   35   C CB  . HIS A 1 5   ? 3.114   -17.305 -6.326  1.00 46.30 ? 11  HIS B CB  1 
ATOM   36   C CG  . HIS A 1 5   ? 1.626   -17.184 -6.284  1.00 55.01 ? 11  HIS B CG  1 
ATOM   37   N ND1 . HIS A 1 5   ? 0.814   -17.633 -7.324  1.00 63.84 ? 11  HIS B ND1 1 
ATOM   38   C CD2 . HIS A 1 5   ? 0.793   -16.670 -5.349  1.00 60.30 ? 11  HIS B CD2 1 
ATOM   39   C CE1 . HIS A 1 5   ? -0.454  -17.396 -7.027  1.00 64.36 ? 11  HIS B CE1 1 
ATOM   40   N NE2 . HIS A 1 5   ? -0.494  -16.803 -5.819  1.00 60.99 ? 11  HIS B NE2 1 
ATOM   41   N N   . HIS A 1 6   ? 5.946   -16.739 -7.990  1.00 33.74 ? 12  HIS B N   1 
ATOM   42   C CA  . HIS A 1 6   ? 7.411   -16.991 -8.144  1.00 33.29 ? 12  HIS B CA  1 
ATOM   43   C C   . HIS A 1 6   ? 8.245   -15.698 -8.191  1.00 32.66 ? 12  HIS B C   1 
ATOM   44   O O   . HIS A 1 6   ? 9.487   -15.780 -8.108  1.00 31.02 ? 12  HIS B O   1 
ATOM   45   C CB  . HIS A 1 6   ? 7.687   -17.878 -9.372  1.00 38.07 ? 12  HIS B CB  1 
ATOM   46   C CG  . HIS A 1 6   ? 7.226   -17.336 -10.679 1.00 36.78 ? 12  HIS B CG  1 
ATOM   47   N ND1 . HIS A 1 6   ? 8.111   -16.919 -11.665 1.00 44.85 ? 12  HIS B ND1 1 
ATOM   48   C CD2 . HIS A 1 6   ? 5.986   -17.192 -11.202 1.00 42.02 ? 12  HIS B CD2 1 
ATOM   49   C CE1 . HIS A 1 6   ? 7.442   -16.519 -12.722 1.00 41.64 ? 12  HIS B CE1 1 
ATOM   50   N NE2 . HIS A 1 6   ? 6.133   -16.664 -12.463 1.00 48.47 ? 12  HIS B NE2 1 
ATOM   51   N N   . HIS A 1 7   ? 7.630   -14.522 -8.339  1.00 25.87 ? 13  HIS B N   1 
ATOM   52   C CA  . HIS A 1 7   ? 8.346   -13.217 -8.252  1.00 23.66 ? 13  HIS B CA  1 
ATOM   53   C C   . HIS A 1 7   ? 8.244   -12.669 -6.837  1.00 21.53 ? 13  HIS B C   1 
ATOM   54   O O   . HIS A 1 7   ? 8.440   -11.462 -6.676  1.00 18.77 ? 13  HIS B O   1 
ATOM   55   C CB  . HIS A 1 7   ? 7.760   -12.235 -9.248  1.00 22.24 ? 13  HIS B CB  1 
ATOM   56   C CG  . HIS A 1 7   ? 7.846   -12.729 -10.655 1.00 23.21 ? 13  HIS B CG  1 
ATOM   57   N ND1 . HIS A 1 7   ? 9.082   -12.923 -11.266 1.00 24.84 ? 13  HIS B ND1 1 
ATOM   58   C CD2 . HIS A 1 7   ? 6.882   -13.064 -11.535 1.00 25.46 ? 13  HIS B CD2 1 
ATOM   59   C CE1 . HIS A 1 7   ? 8.865   -13.348 -12.494 1.00 23.76 ? 13  HIS B CE1 1 
ATOM   60   N NE2 . HIS A 1 7   ? 7.543   -13.467 -12.691 1.00 28.23 ? 13  HIS B NE2 1 
ATOM   61   N N   . MET A 1 8   ? 7.893   -13.508 -5.863  1.00 21.90 ? 14  MET B N   1 
ATOM   62   C CA  . MET A 1 8   ? 7.702   -13.087 -4.454  1.00 24.31 ? 14  MET B CA  1 
ATOM   63   C C   . MET A 1 8   ? 8.970   -12.384 -3.975  1.00 23.58 ? 14  MET B C   1 
ATOM   64   O O   . MET A 1 8   ? 10.111  -12.871 -4.237  1.00 27.36 ? 14  MET B O   1 
ATOM   65   C CB  . MET A 1 8   ? 7.405   -14.301 -3.567  1.00 29.16 ? 14  MET B CB  1 
ATOM   66   C CG  . MET A 1 8   ? 7.182   -13.969 -2.090  1.00 35.19 ? 14  MET B CG  1 
ATOM   67   S SD  . MET A 1 8   ? 5.581   -13.151 -1.719  1.00 45.69 ? 14  MET B SD  1 
ATOM   68   C CE  . MET A 1 8   ? 4.485   -14.563 -1.724  1.00 36.65 ? 14  MET B CE  1 
ATOM   69   N N   . VAL A 1 9   ? 8.802   -11.265 -3.274  1.00 19.35 ? 15  VAL B N   1 
ATOM   70   C CA  . VAL A 1 9   ? 9.890   -10.477 -2.646  1.00 20.02 ? 15  VAL B CA  1 
ATOM   71   C C   . VAL A 1 9   ? 9.550   -10.283 -1.158  1.00 21.29 ? 15  VAL B C   1 
ATOM   72   O O   . VAL A 1 9   ? 8.344   -10.210 -0.791  1.00 21.44 ? 15  VAL B O   1 
ATOM   73   C CB  . VAL A 1 9   ? 10.167  -9.136  -3.338  1.00 21.18 ? 15  VAL B CB  1 
ATOM   74   C CG1 . VAL A 1 9   ? 10.762  -9.352  -4.714  1.00 24.04 ? 15  VAL B CG1 1 
ATOM   75   C CG2 . VAL A 1 9   ? 8.949   -8.243  -3.433  1.00 21.22 ? 15  VAL B CG2 1 
ATOM   76   N N   . HIS A 1 10  ? 10.577  -10.209 -0.324  1.00 20.41 ? 16  HIS B N   1 
ATOM   77   C CA  . HIS A 1 10  ? 10.426  -10.058 1.141   1.00 20.55 ? 16  HIS B CA  1 
ATOM   78   C C   . HIS A 1 10  ? 10.433  -8.565  1.457   1.00 20.89 ? 16  HIS B C   1 
ATOM   79   O O   . HIS A 1 10  ? 11.443  -7.910  1.287   1.00 24.28 ? 16  HIS B O   1 
ATOM   80   C CB  . HIS A 1 10  ? 11.544  -10.779 1.876   1.00 21.72 ? 16  HIS B CB  1 
ATOM   81   C CG  . HIS A 1 10  ? 11.421  -10.738 3.365   1.00 27.16 ? 16  HIS B CG  1 
ATOM   82   N ND1 . HIS A 1 10  ? 10.601  -11.600 4.063   1.00 30.59 ? 16  HIS B ND1 1 
ATOM   83   C CD2 . HIS A 1 10  ? 12.024  -9.947  4.280   1.00 29.44 ? 16  HIS B CD2 1 
ATOM   84   C CE1 . HIS A 1 10  ? 10.707  -11.345 5.364   1.00 27.65 ? 16  HIS B CE1 1 
ATOM   85   N NE2 . HIS A 1 10  ? 11.568  -10.325 5.513   1.00 31.67 ? 16  HIS B NE2 1 
ATOM   86   N N   . ILE A 1 11  ? 9.277   -8.014  1.740   1.00 16.74 ? 17  ILE B N   1 
ATOM   87   C CA  . ILE A 1 11  ? 9.138   -6.558  1.983   1.00 17.87 ? 17  ILE B CA  1 
ATOM   88   C C   . ILE A 1 11  ? 9.244   -6.298  3.491   1.00 17.66 ? 17  ILE B C   1 
ATOM   89   O O   . ILE A 1 11  ? 8.733   -7.085  4.275   1.00 16.67 ? 17  ILE B O   1 
ATOM   90   C CB  . ILE A 1 11  ? 7.788   -6.051  1.436   1.00 17.51 ? 17  ILE B CB  1 
ATOM   91   C CG1 . ILE A 1 11  ? 7.651   -6.275  -0.076  1.00 19.01 ? 17  ILE B CG1 1 
ATOM   92   C CG2 . ILE A 1 11  ? 7.591   -4.601  1.828   1.00 16.56 ? 17  ILE B CG2 1 
ATOM   93   C CD1 . ILE A 1 11  ? 8.790   -5.728  -0.900  1.00 17.63 ? 17  ILE B CD1 1 
ATOM   94   N N   . THR A 1 12  ? 9.925   -5.234  3.850   1.00 16.24 ? 18  THR B N   1 
ATOM   95   C CA  . THR A 1 12  ? 9.982   -4.753  5.260   1.00 17.25 ? 18  THR B CA  1 
ATOM   96   C C   . THR A 1 12  ? 9.644   -3.267  5.283   1.00 16.93 ? 18  THR B C   1 
ATOM   97   O O   . THR A 1 12  ? 9.790   -2.564  4.259   1.00 17.63 ? 18  THR B O   1 
ATOM   98   C CB  . THR A 1 12  ? 11.357  -5.011  5.889   1.00 19.16 ? 18  THR B CB  1 
ATOM   99   O OG1 . THR A 1 12  ? 12.367  -4.343  5.161   1.00 19.83 ? 18  THR B OG1 1 
ATOM   100  C CG2 . THR A 1 12  ? 11.690  -6.485  6.014   1.00 22.25 ? 18  THR B CG2 1 
ATOM   101  N N   . LEU A 1 13  ? 9.078   -2.805  6.391   1.00 15.69 ? 19  LEU B N   1 
ATOM   102  C CA  . LEU A 1 13  ? 8.630   -1.407  6.506   1.00 15.98 ? 19  LEU B CA  1 
ATOM   103  C C   . LEU A 1 13  ? 9.780   -0.500  6.941   1.00 15.64 ? 19  LEU B C   1 
ATOM   104  O O   . LEU A 1 13  ? 10.568  -0.928  7.816   1.00 18.19 ? 19  LEU B O   1 
ATOM   105  C CB  . LEU A 1 13  ? 7.461   -1.369  7.476   1.00 15.46 ? 19  LEU B CB  1 
ATOM   106  C CG  . LEU A 1 13  ? 6.252   -2.186  7.040   1.00 16.19 ? 19  LEU B CG  1 
ATOM   107  C CD1 . LEU A 1 13  ? 5.157   -2.268  8.098   1.00 17.54 ? 19  LEU B CD1 1 
ATOM   108  C CD2 . LEU A 1 13  ? 5.682   -1.655  5.721   1.00 17.76 ? 19  LEU B CD2 1 
ATOM   109  N N   . ASP A 1 14  ? 9.818   0.703   6.451   1.00 14.76 ? 20  ASP B N   1 
ATOM   110  C CA  . ASP A 1 14  ? 10.845  1.712   6.782   1.00 14.95 ? 20  ASP B CA  1 
ATOM   111  C C   . ASP A 1 14  ? 10.242  2.678   7.836   1.00 17.03 ? 20  ASP B C   1 
ATOM   112  O O   . ASP A 1 14  ? 9.484   3.565   7.497   1.00 15.39 ? 20  ASP B O   1 
ATOM   113  C CB  . ASP A 1 14  ? 11.345  2.409   5.521   1.00 15.09 ? 20  ASP B CB  1 
ATOM   114  C CG  . ASP A 1 14  ? 12.379  3.491   5.756   1.00 21.05 ? 20  ASP B CG  1 
ATOM   115  O OD1 . ASP A 1 14  ? 12.620  3.792   6.937   1.00 19.69 ? 20  ASP B OD1 1 
ATOM   116  O OD2 . ASP A 1 14  ? 12.894  4.075   4.777   1.00 20.12 ? 20  ASP B OD2 1 
ATOM   117  N N   . ARG A 1 15  ? 10.592  2.458   9.107   0.50 18.05 ? 21  ARG B N   1 
ATOM   118  C CA  . ARG A 1 15  ? 10.131  3.270   10.265  0.50 19.70 ? 21  ARG B CA  1 
ATOM   119  C C   . ARG A 1 15  ? 10.367  4.765   10.042  0.50 18.08 ? 21  ARG B C   1 
ATOM   120  O O   . ARG A 1 15  ? 9.567   5.550   10.559  0.50 18.47 ? 21  ARG B O   1 
ATOM   121  C CB  . ARG A 1 15  ? 10.893  2.859   11.530  0.50 21.43 ? 21  ARG B CB  1 
ATOM   122  C CG  . ARG A 1 15  ? 10.355  1.594   12.167  0.50 22.66 ? 21  ARG B CG  1 
ATOM   123  C CD  . ARG A 1 15  ? 10.612  1.580   13.662  0.50 22.83 ? 21  ARG B CD  1 
ATOM   124  N NE  . ARG A 1 15  ? 10.081  0.354   14.219  0.50 23.91 ? 21  ARG B NE  1 
ATOM   125  C CZ  . ARG A 1 15  ? 10.704  -0.808  14.166  0.50 24.81 ? 21  ARG B CZ  1 
ATOM   126  N NH1 . ARG A 1 15  ? 11.905  -0.884  13.618  0.50 26.57 ? 21  ARG B NH1 1 
ATOM   127  N NH2 . ARG A 1 15  ? 10.137  -1.884  14.677  0.50 27.11 ? 21  ARG B NH2 1 
ATOM   128  N N   . ASN A 1 16  ? 11.439  5.143   9.346   1.00 18.54 ? 22  ASN B N   1 
ATOM   129  C CA  . ASN A 1 16  ? 11.801  6.565   9.186   1.00 19.55 ? 22  ASN B CA  1 
ATOM   130  C C   . ASN A 1 16  ? 10.784  7.296   8.317   1.00 17.24 ? 22  ASN B C   1 
ATOM   131  O O   . ASN A 1 16  ? 10.653  8.508   8.480   1.00 16.31 ? 22  ASN B O   1 
ATOM   132  C CB  . ASN A 1 16  ? 13.226  6.717   8.653   1.00 23.70 ? 22  ASN B CB  1 
ATOM   133  C CG  . ASN A 1 16  ? 14.279  6.354   9.690   1.00 29.61 ? 22  ASN B CG  1 
ATOM   134  O OD1 . ASN A 1 16  ? 14.035  6.388   10.896  1.00 37.25 ? 22  ASN B OD1 1 
ATOM   135  N ND2 . ASN A 1 16  ? 15.456  5.987   9.222   1.00 40.45 ? 22  ASN B ND2 1 
ATOM   136  N N   . THR A 1 17  ? 9.994   6.571   7.483   1.00 16.07 ? 23  THR B N   1 
ATOM   137  C CA  . THR A 1 17  ? 8.966   7.163   6.610   1.00 16.51 ? 23  THR B CA  1 
ATOM   138  C C   . THR A 1 17  ? 7.613   7.212   7.306   1.00 14.61 ? 23  THR B C   1 
ATOM   139  O O   . THR A 1 17  ? 6.686   7.821   6.777   1.00 14.40 ? 23  THR B O   1 
ATOM   140  C CB  . THR A 1 17  ? 8.851   6.410   5.269   1.00 15.39 ? 23  THR B CB  1 
ATOM   141  O OG1 . THR A 1 17  ? 8.270   5.131   5.506   1.00 15.25 ? 23  THR B OG1 1 
ATOM   142  C CG2 . THR A 1 17  ? 10.192  6.364   4.559   1.00 16.32 ? 23  THR B CG2 1 
ATOM   143  N N   . ALA A 1 18  ? 7.478   6.541   8.437   1.00 14.01 ? 24  ALA B N   1 
ATOM   144  C CA  . ALA A 1 18  ? 6.152   6.329   9.045   1.00 13.17 ? 24  ALA B CA  1 
ATOM   145  C C   . ALA A 1 18  ? 5.591   7.629   9.636   1.00 14.58 ? 24  ALA B C   1 
ATOM   146  O O   . ALA A 1 18  ? 6.336   8.351   10.320  1.00 16.08 ? 24  ALA B O   1 
ATOM   147  C CB  . ALA A 1 18  ? 6.263   5.293   10.110  1.00 14.67 ? 24  ALA B CB  1 
ATOM   148  N N   . ASN A 1 19  ? 4.306   7.847   9.509   1.00 14.61 ? 25  ASN B N   1 
ATOM   149  C CA  . ASN A 1 19  ? 3.599   8.835   10.355  1.00 14.07 ? 25  ASN B CA  1 
ATOM   150  C C   . ASN A 1 19  ? 3.998   8.532   11.814  1.00 15.23 ? 25  ASN B C   1 
ATOM   151  O O   . ASN A 1 19  ? 4.109   7.356   12.224  1.00 14.83 ? 25  ASN B O   1 
ATOM   152  C CB  . ASN A 1 19  ? 2.115   8.733   10.054  1.00 14.78 ? 25  ASN B CB  1 
ATOM   153  C CG  . ASN A 1 19  ? 1.301   9.664   10.905  1.00 19.04 ? 25  ASN B CG  1 
ATOM   154  O OD1 . ASN A 1 19  ? 1.005   9.335   12.044  1.00 17.95 ? 25  ASN B OD1 1 
ATOM   155  N ND2 . ASN A 1 19  ? 0.810   10.730  10.315  1.00 23.09 ? 25  ASN B ND2 1 
ATOM   156  N N   . SER A 1 20  ? 4.127   9.581   12.605  1.00 15.84 ? 26  SER B N   1 
ATOM   157  C CA  . SER A 1 20  ? 4.658   9.500   13.987  1.00 15.59 ? 26  SER B CA  1 
ATOM   158  C C   . SER A 1 20  ? 3.693   8.808   14.919  1.00 16.66 ? 26  SER B C   1 
ATOM   159  O O   . SER A 1 20  ? 4.140   8.529   16.040  1.00 16.69 ? 26  SER B O   1 
ATOM   160  C CB  . SER A 1 20  ? 4.983   10.882  14.500  1.00 16.94 ? 26  SER B CB  1 
ATOM   161  O OG  . SER A 1 20  ? 3.801   11.652  14.505  1.00 21.94 ? 26  SER B OG  1 
ATOM   162  N N   . TRP A 1 21  ? 2.456   8.473   14.538  1.00 14.77 ? 27  TRP B N   1 
ATOM   163  C CA  . TRP A 1 21  ? 1.469   7.691   15.324  1.00 16.53 ? 27  TRP B CA  1 
ATOM   164  C C   . TRP A 1 21  ? 1.450   6.201   14.999  1.00 16.21 ? 27  TRP B C   1 
ATOM   165  O O   . TRP A 1 21  ? 0.719   5.457   15.672  1.00 16.12 ? 27  TRP B O   1 
ATOM   166  C CB  . TRP A 1 21  ? 0.103   8.282   15.132  1.00 17.88 ? 27  TRP B CB  1 
ATOM   167  C CG  . TRP A 1 21  ? -0.074  9.579   15.855  1.00 17.50 ? 27  TRP B CG  1 
ATOM   168  C CD1 . TRP A 1 21  ? 0.762   10.673  15.839  1.00 17.12 ? 27  TRP B CD1 1 
ATOM   169  C CD2 . TRP A 1 21  ? -1.182  9.930   16.694  1.00 21.83 ? 27  TRP B CD2 1 
ATOM   170  N NE1 . TRP A 1 21  ? 0.222   11.690  16.591  1.00 21.52 ? 27  TRP B NE1 1 
ATOM   171  C CE2 . TRP A 1 21  ? -0.948  11.242  17.147  1.00 19.51 ? 27  TRP B CE2 1 
ATOM   172  C CE3 . TRP A 1 21  ? -2.343  9.258   17.098  1.00 22.28 ? 27  TRP B CE3 1 
ATOM   173  C CZ2 . TRP A 1 21  ? -1.852  11.908  17.981  1.00 24.26 ? 27  TRP B CZ2 1 
ATOM   174  C CZ3 . TRP A 1 21  ? -3.234  9.920   17.937  1.00 24.18 ? 27  TRP B CZ3 1 
ATOM   175  C CH2 . TRP A 1 21  ? -2.991  11.226  18.346  1.00 26.98 ? 27  TRP B CH2 1 
ATOM   176  N N   . LEU A 1 22  ? 2.287   5.755   14.042  1.00 15.60 ? 28  LEU B N   1 
ATOM   177  C CA  . LEU A 1 22  ? 2.301   4.320   13.680  1.00 15.60 ? 28  LEU B CA  1 
ATOM   178  C C   . LEU A 1 22  ? 3.250   3.550   14.614  1.00 14.35 ? 28  LEU B C   1 
ATOM   179  O O   . LEU A 1 22  ? 4.318   4.042   14.974  1.00 14.67 ? 28  LEU B O   1 
ATOM   180  C CB  . LEU A 1 22  ? 2.722   4.116   12.229  1.00 14.22 ? 28  LEU B CB  1 
ATOM   181  C CG  . LEU A 1 22  ? 1.807   4.765   11.192  1.00 15.84 ? 28  LEU B CG  1 
ATOM   182  C CD1 . LEU A 1 22  ? 2.255   4.489   9.769   1.00 15.21 ? 28  LEU B CD1 1 
ATOM   183  C CD2 . LEU A 1 22  ? 0.403   4.280   11.356  1.00 15.42 ? 28  LEU B CD2 1 
ATOM   184  N N   . ILE A 1 23  ? 2.897   2.296   14.798  1.00 14.20 ? 29  ILE B N   1 
ATOM   185  C CA  . ILE A 1 23  ? 3.713   1.294   15.530  1.00 14.03 ? 29  ILE B CA  1 
ATOM   186  C C   . ILE A 1 23  ? 4.042   0.169   14.561  1.00 14.33 ? 29  ILE B C   1 
ATOM   187  O O   . ILE A 1 23  ? 3.111   -0.547  14.122  1.00 14.95 ? 29  ILE B O   1 
ATOM   188  C CB  . ILE A 1 23  ? 3.009   0.750   16.754  1.00 15.04 ? 29  ILE B CB  1 
ATOM   189  C CG1 . ILE A 1 23  ? 2.608   1.862   17.753  1.00 15.64 ? 29  ILE B CG1 1 
ATOM   190  C CG2 . ILE A 1 23  ? 3.906   -0.298  17.464  1.00 15.99 ? 29  ILE B CG2 1 
ATOM   191  C CD1 . ILE A 1 23  ? 1.740   1.413   18.852  1.00 17.32 ? 29  ILE B CD1 1 
ATOM   192  N N   . ILE A 1 24  ? 5.322   0.096   14.230  1.00 16.41 ? 30  ILE B N   1 
ATOM   193  C CA  . ILE A 1 24  ? 5.860   -0.972  13.350  1.00 16.35 ? 30  ILE B CA  1 
ATOM   194  C C   . ILE A 1 24  ? 6.450   -2.055  14.243  1.00 17.51 ? 30  ILE B C   1 
ATOM   195  O O   . ILE A 1 24  ? 7.283   -1.735  15.150  1.00 18.34 ? 30  ILE B O   1 
ATOM   196  C CB  . ILE A 1 24  ? 6.857   -0.373  12.360  1.00 16.46 ? 30  ILE B CB  1 
ATOM   197  C CG1 . ILE A 1 24  ? 6.139   0.485   11.329  1.00 19.91 ? 30  ILE B CG1 1 
ATOM   198  C CG2 . ILE A 1 24  ? 7.626   -1.468  11.630  1.00 16.49 ? 30  ILE B CG2 1 
ATOM   199  C CD1 . ILE A 1 24  ? 7.019   1.276   10.556  1.00 23.21 ? 30  ILE B CD1 1 
ATOM   200  N N   . SER A 1 25  ? 6.139   -3.305  13.970  1.00 17.21 ? 31  SER B N   1 
ATOM   201  C CA  . SER A 1 25  ? 6.609   -4.455  14.764  1.00 17.33 ? 31  SER B CA  1 
ATOM   202  C C   . SER A 1 25  ? 8.137   -4.612  14.632  1.00 15.82 ? 31  SER B C   1 
ATOM   203  O O   . SER A 1 25  ? 8.771   -4.099  13.734  1.00 16.89 ? 31  SER B O   1 
ATOM   204  C CB  . SER A 1 25  ? 5.887   -5.675  14.321  1.00 18.14 ? 31  SER B CB  1 
ATOM   205  O OG  . SER A 1 25  ? 6.207   -5.950  12.962  1.00 17.84 ? 31  SER B OG  1 
ATOM   206  N N   . LYS A 1 26  ? 8.718   -5.317  15.610  1.00 18.53 ? 32  LYS B N   1 
ATOM   207  C CA  . LYS A 1 26  ? 10.181  -5.557  15.654  1.00 19.61 ? 32  LYS B CA  1 
ATOM   208  C C   . LYS A 1 26  ? 10.684  -6.173  14.342  1.00 17.55 ? 32  LYS B C   1 
ATOM   209  O O   . LYS A 1 26  ? 11.733  -5.759  13.905  1.00 20.65 ? 32  LYS B O   1 
ATOM   210  C CB  . LYS A 1 26  ? 10.461  -6.496  16.835  1.00 24.51 ? 32  LYS B CB  1 
ATOM   211  C CG  . LYS A 1 26  ? 11.906  -6.904  16.999  1.00 28.32 ? 32  LYS B CG  1 
ATOM   212  C CD  . LYS A 1 26  ? 12.095  -7.505  18.373  1.00 26.95 ? 32  LYS B CD  1 
ATOM   213  C CE  . LYS A 1 26  ? 11.047  -8.536  18.713  1.00 30.97 ? 32  LYS B CE  1 
ATOM   214  N NZ  . LYS A 1 26  ? 11.425  -9.217  19.969  1.00 35.02 ? 32  LYS B NZ  1 
ATOM   215  N N   . ASP A 1 27  ? 9.925   -7.100  13.771  1.00 18.87 ? 33  ASP B N   1 
ATOM   216  C CA  . ASP A 1 27  ? 10.326  -7.758  12.496  1.00 18.32 ? 33  ASP B CA  1 
ATOM   217  C C   . ASP A 1 27  ? 10.079  -6.845  11.279  1.00 17.00 ? 33  ASP B C   1 
ATOM   218  O O   . ASP A 1 27  ? 10.460  -7.265  10.150  1.00 17.97 ? 33  ASP B O   1 
ATOM   219  C CB  . ASP A 1 27  ? 9.662   -9.125  12.339  1.00 19.82 ? 33  ASP B CB  1 
ATOM   220  C CG  . ASP A 1 27  ? 8.161   -9.139  12.157  1.00 20.44 ? 33  ASP B CG  1 
ATOM   221  O OD1 . ASP A 1 27  ? 7.535   -8.020  12.101  1.00 20.73 ? 33  ASP B OD1 1 
ATOM   222  O OD2 . ASP A 1 27  ? 7.624   -10.259 12.063  1.00 23.06 ? 33  ASP B OD2 1 
ATOM   223  N N   . ARG A 1 28  ? 9.503   -5.662  11.469  1.00 16.46 ? 34  ARG B N   1 
ATOM   224  C CA  . ARG A 1 28  ? 9.249   -4.693  10.373  1.00 15.76 ? 34  ARG B CA  1 
ATOM   225  C C   . ARG A 1 28  ? 8.288   -5.317  9.345   1.00 13.76 ? 34  ARG B C   1 
ATOM   226  O O   . ARG A 1 28  ? 8.248   -4.807  8.198   1.00 15.02 ? 34  ARG B O   1 
ATOM   227  C CB  . ARG A 1 28  ? 10.559  -4.167  9.770   1.00 19.22 ? 34  ARG B CB  1 
ATOM   228  C CG  . ARG A 1 28  ? 11.432  -3.477  10.814  1.00 23.12 ? 34  ARG B CG  1 
ATOM   229  C CD  . ARG A 1 28  ? 12.735  -2.904  10.330  1.00 31.13 ? 34  ARG B CD  1 
ATOM   230  N NE  . ARG A 1 28  ? 13.462  -3.714  9.372   1.00 42.59 ? 34  ARG B NE  1 
ATOM   231  C CZ  . ARG A 1 28  ? 13.579  -3.479  8.047   1.00 60.28 ? 34  ARG B CZ  1 
ATOM   232  N NH1 . ARG A 1 28  ? 12.986  -2.443  7.455   1.00 55.42 ? 34  ARG B NH1 1 
ATOM   233  N NH2 . ARG A 1 28  ? 14.308  -4.308  7.306   1.00 65.84 ? 34  ARG B NH2 1 
ATOM   234  N N   . ARG A 1 29  ? 7.420   -6.217  9.753   1.00 13.47 ? 35  ARG B N   1 
ATOM   235  C CA  . ARG A 1 29  ? 6.456   -6.853  8.835   1.00 15.52 ? 35  ARG B CA  1 
ATOM   236  C C   . ARG A 1 29  ? 5.018   -6.478  9.166   1.00 14.95 ? 35  ARG B C   1 
ATOM   237  O O   . ARG A 1 29  ? 4.120   -6.851  8.388   1.00 16.68 ? 35  ARG B O   1 
ATOM   238  C CB  . ARG A 1 29  ? 6.590   -8.374  8.816   1.00 16.31 ? 35  ARG B CB  1 
ATOM   239  C CG  . ARG A 1 29  ? 7.971   -8.811  8.363   1.00 18.26 ? 35  ARG B CG  1 
ATOM   240  C CD  . ARG A 1 29  ? 8.111   -8.954  6.878   1.00 19.13 ? 35  ARG B CD  1 
ATOM   241  N NE  . ARG A 1 29  ? 7.412   -10.171 6.450   1.00 20.44 ? 35  ARG B NE  1 
ATOM   242  C CZ  . ARG A 1 29  ? 7.205   -10.494 5.179   1.00 21.07 ? 35  ARG B CZ  1 
ATOM   243  N NH1 . ARG A 1 29  ? 7.680   -9.708  4.239   1.00 20.28 ? 35  ARG B NH1 1 
ATOM   244  N NH2 . ARG A 1 29  ? 6.554   -11.606 4.889   1.00 21.93 ? 35  ARG B NH2 1 
ATOM   245  N N   . GLN A 1 30  ? 4.729   -5.758  10.248  1.00 13.97 ? 36  GLN B N   1 
ATOM   246  C CA  . GLN A 1 30  ? 3.366   -5.350  10.646  1.00 14.32 ? 36  GLN B CA  1 
ATOM   247  C C   . GLN A 1 30  ? 3.350   -3.888  11.068  1.00 14.78 ? 36  GLN B C   1 
ATOM   248  O O   . GLN A 1 30  ? 4.360   -3.369  11.586  1.00 14.37 ? 36  GLN B O   1 
ATOM   249  C CB  . GLN A 1 30  ? 2.791   -6.161  11.811  1.00 17.03 ? 36  GLN B CB  1 
ATOM   250  C CG  . GLN A 1 30  ? 2.928   -7.653  11.649  1.00 20.76 ? 36  GLN B CG  1 
ATOM   251  C CD  . GLN A 1 30  ? 2.155   -8.378  12.737  1.00 23.50 ? 36  GLN B CD  1 
ATOM   252  O OE1 . GLN A 1 30  ? 1.284   -7.829  13.406  1.00 25.97 ? 36  GLN B OE1 1 
ATOM   253  N NE2 . GLN A 1 30  ? 2.498   -9.627  12.912  1.00 27.54 ? 36  GLN B NE2 1 
ATOM   254  N N   . VAL A 1 31  ? 2.228   -3.231  10.824  1.00 13.42 ? 37  VAL B N   1 
ATOM   255  C CA  . VAL A 1 31  ? 2.059   -1.818  11.232  1.00 13.45 ? 37  VAL B CA  1 
ATOM   256  C C   . VAL A 1 31  ? 0.628   -1.617  11.697  1.00 14.39 ? 37  VAL B C   1 
ATOM   257  O O   . VAL A 1 31  ? -0.283  -2.097  11.018  1.00 14.30 ? 37  VAL B O   1 
ATOM   258  C CB  . VAL A 1 31  ? 2.489   -0.865  10.110  1.00 12.79 ? 37  VAL B CB  1 
ATOM   259  C CG1 . VAL A 1 31  ? 1.761   -1.110  8.773   1.00 12.96 ? 37  VAL B CG1 1 
ATOM   260  C CG2 . VAL A 1 31  ? 2.329   0.599   10.549  1.00 14.16 ? 37  VAL B CG2 1 
ATOM   261  N N   . ARG A 1 32  ? 0.446   -0.811  12.731  1.00 14.71 ? 38  ARG B N   1 
ATOM   262  C CA  . ARG A 1 32  ? -0.897  -0.428  13.176  1.00 15.02 ? 38  ARG B CA  1 
ATOM   263  C C   . ARG A 1 32  ? -0.844  0.994   13.706  1.00 15.68 ? 38  ARG B C   1 
ATOM   264  O O   . ARG A 1 32  ? 0.247   1.536   14.019  1.00 14.61 ? 38  ARG B O   1 
ATOM   265  C CB  . ARG A 1 32  ? -1.424  -1.361  14.259  1.00 16.57 ? 38  ARG B CB  1 
ATOM   266  C CG  . ARG A 1 32  ? -0.629  -1.290  15.557  1.00 18.76 ? 38  ARG B CG  1 
ATOM   267  C CD  . ARG A 1 32  ? -1.147  -2.386  16.500  1.00 23.28 ? 38  ARG B CD  1 
ATOM   268  N NE  . ARG A 1 32  ? -0.394  -2.357  17.748  1.00 29.56 ? 38  ARG B NE  1 
ATOM   269  C CZ  . ARG A 1 32  ? -0.679  -1.617  18.799  1.00 25.34 ? 38  ARG B CZ  1 
ATOM   270  N NH1 . ARG A 1 32  ? -1.693  -0.782  18.797  1.00 30.43 ? 38  ARG B NH1 1 
ATOM   271  N NH2 . ARG A 1 32  ? 0.120   -1.688  19.870  1.00 31.27 ? 38  ARG B NH2 1 
ATOM   272  N N   . MET A 1 33  ? -2.038  1.530   13.961  0.30 15.19 ? 39  MET B N   1 
ATOM   273  C CA  . MET A 1 33  ? -2.227  2.815   14.676  0.30 15.53 ? 39  MET B CA  1 
ATOM   274  C C   . MET A 1 33  ? -2.034  2.616   16.183  0.30 15.39 ? 39  MET B C   1 
ATOM   275  O O   . MET A 1 33  ? -2.671  1.717   16.773  0.30 14.91 ? 39  MET B O   1 
ATOM   276  C CB  . MET A 1 33  ? -3.621  3.390   14.419  0.30 15.79 ? 39  MET B CB  1 
ATOM   277  C CG  . MET A 1 33  ? -3.829  4.703   15.145  0.30 16.04 ? 39  MET B CG  1 
ATOM   278  S SD  . MET A 1 33  ? -5.010  5.871   14.420  0.30 17.27 ? 39  MET B SD  1 
ATOM   279  C CE  . MET A 1 33  ? -4.823  5.551   12.668  0.30 17.25 ? 39  MET B CE  1 
ATOM   280  N N   . GLY A 1 34  ? -1.202  3.465   16.785  0.30 15.96 ? 40  GLY B N   1 
ATOM   281  C CA  . GLY A 1 34  ? -1.085  3.606   18.247  0.30 15.81 ? 40  GLY B CA  1 
ATOM   282  C C   . GLY A 1 34  ? -2.166  4.528   18.791  0.30 16.64 ? 40  GLY B C   1 
ATOM   283  O O   . GLY A 1 34  ? -3.091  4.890   18.028  0.30 15.94 ? 40  GLY B O   1 
ATOM   284  N N   . ASP A 1 35  ? -2.101  4.892   20.069  0.30 16.68 ? 41  ASP B N   1 
ATOM   285  C CA  . ASP A 1 35  ? -3.149  5.774   20.659  0.30 17.60 ? 41  ASP B CA  1 
ATOM   286  C C   . ASP A 1 35  ? -2.712  7.237   20.527  0.30 17.97 ? 41  ASP B C   1 
ATOM   287  O O   . ASP A 1 35  ? -3.611  8.134   20.549  0.30 16.48 ? 41  ASP B O   1 
ATOM   288  C CB  . ASP A 1 35  ? -3.587  5.356   22.070  0.30 18.12 ? 41  ASP B CB  1 
ATOM   289  C CG  . ASP A 1 35  ? -2.582  4.631   22.942  0.30 18.69 ? 41  ASP B CG  1 
ATOM   290  O OD1 . ASP A 1 35  ? -2.995  3.667   23.622  0.30 20.16 ? 41  ASP B OD1 1 
ATOM   291  O OD2 . ASP A 1 35  ? -1.422  5.048   22.975  0.30 20.28 ? 41  ASP B OD2 1 
ATOM   292  N N   . THR A 1 36  ? -1.415  7.472   20.303  0.30 18.01 ? 42  THR B N   1 
ATOM   293  C CA  . THR A 1 36  ? -0.801  8.821   20.388  0.30 17.47 ? 42  THR B CA  1 
ATOM   294  C C   . THR A 1 36  ? 0.496   8.895   19.572  0.30 16.83 ? 42  THR B C   1 
ATOM   295  O O   . THR A 1 36  ? 0.900   7.879   18.948  0.30 14.82 ? 42  THR B O   1 
ATOM   296  C CB  . THR A 1 36  ? -0.569  9.142   21.868  0.30 17.84 ? 42  THR B CB  1 
ATOM   297  O OG1 . THR A 1 36  ? 0.048   10.425  21.942  0.30 18.91 ? 42  THR B OG1 1 
ATOM   298  C CG2 . THR A 1 36  ? 0.278   8.091   22.557  0.30 19.08 ? 42  THR B CG2 1 
ATOM   299  N N   . HIS A 1 37  ? 1.154   10.055  19.614  0.30 17.14 ? 43  HIS B N   1 
ATOM   300  C CA  . HIS A 1 37  ? 2.534   10.262  19.103  0.30 17.49 ? 43  HIS B CA  1 
ATOM   301  C C   . HIS A 1 37  ? 3.435   9.185   19.710  0.30 18.01 ? 43  HIS B C   1 
ATOM   302  O O   . HIS A 1 37  ? 3.526   9.104   20.952  0.30 18.01 ? 43  HIS B O   1 
ATOM   303  C CB  . HIS A 1 37  ? 2.995   11.691  19.419  0.30 17.48 ? 43  HIS B CB  1 
ATOM   304  C CG  . HIS A 1 37  ? 4.294   12.091  18.805  0.30 17.25 ? 43  HIS B CG  1 
ATOM   305  N ND1 . HIS A 1 37  ? 5.511   11.626  19.264  0.30 17.58 ? 43  HIS B ND1 1 
ATOM   306  C CD2 . HIS A 1 37  ? 4.568   12.946  17.798  0.30 17.44 ? 43  HIS B CD2 1 
ATOM   307  C CE1 . HIS A 1 37  ? 6.478   12.168  18.557  0.30 17.32 ? 43  HIS B CE1 1 
ATOM   308  N NE2 . HIS A 1 37  ? 5.924   12.984  17.642  0.30 17.64 ? 43  HIS B NE2 1 
ATOM   309  N N   . GLN A 1 38  ? 4.062   8.376   18.855  1.00 17.65 ? 44  GLN B N   1 
ATOM   310  C CA  . GLN A 1 38  ? 4.920   7.253   19.278  1.00 17.55 ? 44  GLN B CA  1 
ATOM   311  C C   . GLN A 1 38  ? 6.350   7.661   19.717  1.00 19.93 ? 44  GLN B C   1 
ATOM   312  O O   . GLN A 1 38  ? 7.266   6.808   19.761  1.00 19.13 ? 44  GLN B O   1 
ATOM   313  C CB  . GLN A 1 38  ? 4.898   6.196   18.197  1.00 16.60 ? 44  GLN B CB  1 
ATOM   314  C CG  . GLN A 1 38  ? 3.553   5.541   18.070  1.00 15.89 ? 44  GLN B CG  1 
ATOM   315  C CD  . GLN A 1 38  ? 3.013   4.960   19.347  1.00 16.46 ? 44  GLN B CD  1 
ATOM   316  O OE1 . GLN A 1 38  ? 1.864   5.214   19.771  1.00 18.37 ? 44  GLN B OE1 1 
ATOM   317  N NE2 . GLN A 1 38  ? 3.843   4.208   20.039  1.00 14.53 ? 44  GLN B NE2 1 
ATOM   318  N N   . ASN A 1 39  ? 6.582   8.907   20.069  1.00 19.50 ? 45  ASN B N   1 
ATOM   319  C CA  . ASN A 1 39  ? 7.809   9.326   20.796  1.00 15.93 ? 45  ASN B CA  1 
ATOM   320  C C   . ASN A 1 39  ? 9.029   9.262   19.883  1.00 18.95 ? 45  ASN B C   1 
ATOM   321  O O   . ASN A 1 39  ? 10.172  9.108   20.385  1.00 20.43 ? 45  ASN B O   1 
ATOM   322  C CB  . ASN A 1 39  ? 7.930   8.629   22.172  1.00 17.57 ? 45  ASN B CB  1 
ATOM   323  C CG  . ASN A 1 39  ? 8.786   9.449   23.121  1.00 17.54 ? 45  ASN B CG  1 
ATOM   324  O OD1 . ASN A 1 39  ? 8.798   10.660  23.049  1.00 15.34 ? 45  ASN B OD1 1 
ATOM   325  N ND2 . ASN A 1 39  ? 9.498   8.805   24.063  1.00 16.53 ? 45  ASN B ND2 1 
ATOM   326  N N   . VAL A 1 40  ? 8.853   9.573   18.596  1.00 19.20 ? 46  VAL B N   1 
ATOM   327  C CA  . VAL A 1 40  ? 9.950   9.663   17.589  1.00 21.28 ? 46  VAL B CA  1 
ATOM   328  C C   . VAL A 1 40  ? 10.191  11.135  17.193  1.00 18.35 ? 46  VAL B C   1 
ATOM   329  O O   . VAL A 1 40  ? 9.244   11.912  17.281  1.00 20.04 ? 46  VAL B O   1 
ATOM   330  C CB  . VAL A 1 40  ? 9.620   8.774   16.380  1.00 22.45 ? 46  VAL B CB  1 
ATOM   331  C CG1 . VAL A 1 40  ? 9.598   7.306   16.809  1.00 24.34 ? 46  VAL B CG1 1 
ATOM   332  C CG2 . VAL A 1 40  ? 8.306   9.157   15.708  1.00 23.77 ? 46  VAL B CG2 1 
ATOM   333  N N   . SER A 1 41  ? 11.395  11.488  16.759  1.00 21.09 ? 47  SER B N   1 
ATOM   334  C CA  . SER A 1 41  ? 11.668  12.823  16.177  1.00 20.97 ? 47  SER B CA  1 
ATOM   335  C C   . SER A 1 41  ? 11.004  12.956  14.807  1.00 22.21 ? 47  SER B C   1 
ATOM   336  O O   . SER A 1 41  ? 10.783  11.930  14.134  1.00 19.36 ? 47  SER B O   1 
ATOM   337  C CB  . SER A 1 41  ? 13.136  13.101  16.101  1.00 23.71 ? 47  SER B CB  1 
ATOM   338  O OG  . SER A 1 41  ? 13.795  12.182  15.253  1.00 26.45 ? 47  SER B OG  1 
ATOM   339  N N   . ASP A 1 42  ? 10.716  14.187  14.398  1.00 20.83 ? 48  ASP B N   1 
ATOM   340  C CA  . ASP A 1 42  ? 10.187  14.522  13.054  1.00 19.92 ? 48  ASP B CA  1 
ATOM   341  C C   . ASP A 1 42  ? 11.360  14.475  12.098  1.00 22.29 ? 48  ASP B C   1 
ATOM   342  O O   . ASP A 1 42  ? 12.534  14.632  12.513  1.00 22.88 ? 48  ASP B O   1 
ATOM   343  C CB  . ASP A 1 42  ? 9.386   15.837  13.027  1.00 22.03 ? 48  ASP B CB  1 
ATOM   344  C CG  . ASP A 1 42  ? 8.244   15.848  11.982  1.00 25.39 ? 48  ASP B CG  1 
ATOM   345  O OD1 . ASP A 1 42  ? 8.150   14.875  11.197  1.00 21.41 ? 48  ASP B OD1 1 
ATOM   346  O OD2 . ASP A 1 42  ? 7.338   16.772  12.003  1.00 26.71 ? 48  ASP B OD2 1 
ATOM   347  N N   . ASN A 1 43  ? 11.046  14.250  10.811  1.00 19.13 ? 49  ASN B N   1 
ATOM   348  C CA  . ASN A 1 43  ? 12.048  14.250  9.720   1.00 19.86 ? 49  ASN B CA  1 
ATOM   349  C C   . ASN A 1 43  ? 11.269  14.502  8.420   1.00 20.55 ? 49  ASN B C   1 
ATOM   350  O O   . ASN A 1 43  ? 10.021  14.445  8.418   1.00 20.11 ? 49  ASN B O   1 
ATOM   351  C CB  . ASN A 1 43  ? 12.922  13.008  9.759   1.00 19.09 ? 49  ASN B CB  1 
ATOM   352  C CG  . ASN A 1 43  ? 12.184  11.761  9.326   1.00 19.78 ? 49  ASN B CG  1 
ATOM   353  O OD1 . ASN A 1 43  ? 11.536  11.794  8.293   1.00 21.10 ? 49  ASN B OD1 1 
ATOM   354  N ND2 . ASN A 1 43  ? 12.179  10.735  10.122  1.00 19.23 ? 49  ASN B ND2 1 
ATOM   355  N N   . LYS A 1 44  ? 11.977  14.851  7.363   1.00 22.39 ? 50  LYS B N   1 
ATOM   356  C CA  . LYS A 1 44  ? 11.324  15.270  6.100   1.00 22.80 ? 50  LYS B CA  1 
ATOM   357  C C   . LYS A 1 44  ? 10.714  14.049  5.378   1.00 19.71 ? 50  LYS B C   1 
ATOM   358  O O   . LYS A 1 44  ? 9.882   14.283  4.498   1.00 22.08 ? 50  LYS B O   1 
ATOM   359  C CB  . LYS A 1 44  ? 12.372  15.924  5.196   1.00 25.26 ? 50  LYS B CB  1 
ATOM   360  C CG  . LYS A 1 44  ? 13.536  15.029  4.812   1.00 29.02 ? 50  LYS B CG  1 
ATOM   361  C CD  . LYS A 1 44  ? 14.294  15.514  3.583   1.00 38.84 ? 50  LYS B CD  1 
ATOM   362  C CE  . LYS A 1 44  ? 15.355  14.541  3.118   1.00 44.63 ? 50  LYS B CE  1 
ATOM   363  N NZ  . LYS A 1 44  ? 16.423  15.258  2.379   1.00 49.38 ? 50  LYS B NZ  1 
ATOM   364  N N   . GLU A 1 45  ? 11.076  12.831  5.767   1.00 19.69 ? 51  GLU B N   1 
ATOM   365  C CA  . GLU A 1 45  ? 10.516  11.596  5.124   1.00 19.44 ? 51  GLU B CA  1 
ATOM   366  C C   . GLU A 1 45  ? 9.111   11.294  5.662   1.00 18.59 ? 51  GLU B C   1 
ATOM   367  O O   . GLU A 1 45  ? 8.315   10.570  4.974   1.00 18.05 ? 51  GLU B O   1 
ATOM   368  C CB  . GLU A 1 45  ? 11.419  10.402  5.374   1.00 22.19 ? 51  GLU B CB  1 
ATOM   369  C CG  . GLU A 1 45  ? 12.838  10.564  4.854   1.00 28.39 ? 51  GLU B CG  1 
ATOM   370  C CD  . GLU A 1 45  ? 13.683  9.318   5.040   1.00 36.34 ? 51  GLU B CD  1 
ATOM   371  O OE1 . GLU A 1 45  ? 14.775  9.433   5.650   1.00 49.24 ? 51  GLU B OE1 1 
ATOM   372  O OE2 . GLU A 1 45  ? 13.252  8.227   4.618   1.00 43.97 ? 51  GLU B OE2 1 
ATOM   373  N N   . ARG A 1 46  ? 8.775   11.669  6.893   1.00 17.32 ? 52  ARG B N   1 
ATOM   374  C CA  . ARG A 1 46  ? 7.530   11.146  7.503   1.00 16.73 ? 52  ARG B CA  1 
ATOM   375  C C   . ARG A 1 46  ? 6.273   11.684  6.827   1.00 17.09 ? 52  ARG B C   1 
ATOM   376  O O   . ARG A 1 46  ? 6.125   12.907  6.623   1.00 18.24 ? 52  ARG B O   1 
ATOM   377  C CB  . ARG A 1 46  ? 7.417   11.475  9.004   1.00 16.50 ? 52  ARG B CB  1 
ATOM   378  C CG  . ARG A 1 46  ? 8.504   10.894  9.881   1.00 18.64 ? 52  ARG B CG  1 
ATOM   379  C CD  . ARG A 1 46  ? 8.053   10.860  11.350  1.00 16.60 ? 52  ARG B CD  1 
ATOM   380  N NE  . ARG A 1 46  ? 9.174   10.422  12.152  1.00 18.34 ? 52  ARG B NE  1 
ATOM   381  C CZ  . ARG A 1 46  ? 9.610   9.155   12.209  1.00 18.30 ? 52  ARG B CZ  1 
ATOM   382  N NH1 . ARG A 1 46  ? 8.909   8.159   11.677  1.00 16.94 ? 52  ARG B NH1 1 
ATOM   383  N NH2 . ARG A 1 46  ? 10.720  8.865   12.845  1.00 21.44 ? 52  ARG B NH2 1 
ATOM   384  N N   . PHE A 1 47  ? 5.312   10.827  6.513   1.00 14.95 ? 53  PHE B N   1 
ATOM   385  C CA  . PHE A 1 47  ? 3.980   11.276  6.082   1.00 14.48 ? 53  PHE B CA  1 
ATOM   386  C C   . PHE A 1 47  ? 3.317   12.029  7.250   1.00 16.97 ? 53  PHE B C   1 
ATOM   387  O O   . PHE A 1 47  ? 3.136   11.414  8.320   1.00 16.38 ? 53  PHE B O   1 
ATOM   388  C CB  . PHE A 1 47  ? 3.085   10.157  5.575   1.00 13.89 ? 53  PHE B CB  1 
ATOM   389  C CG  . PHE A 1 47  ? 3.556   9.618   4.243   1.00 13.68 ? 53  PHE B CG  1 
ATOM   390  C CD1 . PHE A 1 47  ? 3.159   10.237  3.070   1.00 13.79 ? 53  PHE B CD1 1 
ATOM   391  C CD2 . PHE A 1 47  ? 4.309   8.464   4.135   1.00 13.79 ? 53  PHE B CD2 1 
ATOM   392  C CE1 . PHE A 1 47  ? 3.586   9.758   1.833   1.00 14.22 ? 53  PHE B CE1 1 
ATOM   393  C CE2 . PHE A 1 47  ? 4.700   7.961   2.893   1.00 14.45 ? 53  PHE B CE2 1 
ATOM   394  C CZ  . PHE A 1 47  ? 4.371   8.644   1.739   1.00 12.87 ? 53  PHE B CZ  1 
ATOM   395  N N   . SER A 1 48  ? 2.941   13.288  7.068   1.00 18.29 ? 54  SER B N   1 
ATOM   396  C CA  . SER A 1 48  ? 2.412   14.113  8.190   1.00 19.64 ? 54  SER B CA  1 
ATOM   397  C C   . SER A 1 48  ? 0.909   13.972  8.333   1.00 17.52 ? 54  SER B C   1 
ATOM   398  O O   . SER A 1 48  ? 0.410   13.942  9.489   1.00 22.16 ? 54  SER B O   1 
ATOM   399  C CB  . SER A 1 48  ? 2.847   15.564  8.001   1.00 19.64 ? 54  SER B CB  1 
ATOM   400  O OG  . SER A 1 48  ? 2.321   16.102  6.813   1.00 19.34 ? 54  SER B OG  1 
ATOM   401  N N   . ASN A 1 49  ? 0.115   13.955  7.282   1.00 17.17 ? 55  ASN B N   1 
ATOM   402  C CA  . ASN A 1 49  ? -1.338  14.160  7.363   1.00 18.25 ? 55  ASN B CA  1 
ATOM   403  C C   . ASN A 1 49  ? -2.109  12.849  7.515   1.00 17.77 ? 55  ASN B C   1 
ATOM   404  O O   . ASN A 1 49  ? -3.322  12.868  7.748   1.00 19.95 ? 55  ASN B O   1 
ATOM   405  C CB  . ASN A 1 49  ? -1.882  14.966  6.185   1.00 19.19 ? 55  ASN B CB  1 
ATOM   406  C CG  . ASN A 1 49  ? -1.483  16.433  6.203   1.00 21.47 ? 55  ASN B CG  1 
ATOM   407  O OD1 . ASN A 1 49  ? -0.337  16.774  6.451   1.00 24.55 ? 55  ASN B OD1 1 
ATOM   408  N ND2 . ASN A 1 49  ? -2.424  17.292  5.821   1.00 26.01 ? 55  ASN B ND2 1 
ATOM   409  N N   . TYR A 1 50  ? -1.469  11.726  7.143   1.00 16.17 ? 56  TYR B N   1 
ATOM   410  C CA  . TYR A 1 50  ? -2.206  10.454  7.012   1.00 15.11 ? 56  TYR B CA  1 
ATOM   411  C C   . TYR A 1 50  ? -1.363  9.341   7.633   1.00 13.83 ? 56  TYR B C   1 
ATOM   412  O O   . TYR A 1 50  ? -0.137  9.463   7.641   1.00 14.90 ? 56  TYR B O   1 
ATOM   413  C CB  . TYR A 1 50  ? -2.421  10.128  5.540   1.00 14.75 ? 56  TYR B CB  1 
ATOM   414  C CG  . TYR A 1 50  ? -2.955  11.254  4.686   1.00 15.55 ? 56  TYR B CG  1 
ATOM   415  C CD1 . TYR A 1 50  ? -4.271  11.658  4.816   1.00 18.85 ? 56  TYR B CD1 1 
ATOM   416  C CD2 . TYR A 1 50  ? -2.154  11.955  3.797   1.00 16.91 ? 56  TYR B CD2 1 
ATOM   417  C CE1 . TYR A 1 50  ? -4.795  12.706  4.051   1.00 20.67 ? 56  TYR B CE1 1 
ATOM   418  C CE2 . TYR A 1 50  ? -2.645  13.021  3.059   1.00 18.59 ? 56  TYR B CE2 1 
ATOM   419  C CZ  . TYR A 1 50  ? -3.970  13.388  3.185   1.00 18.69 ? 56  TYR B CZ  1 
ATOM   420  O OH  . TYR A 1 50  ? -4.418  14.437  2.400   1.00 19.62 ? 56  TYR B OH  1 
ATOM   421  N N   . PRO A 1 51  ? -1.977  8.210   8.045   1.00 13.82 ? 57  PRO B N   1 
ATOM   422  C CA  . PRO A 1 51  ? -1.249  7.128   8.724   1.00 13.44 ? 57  PRO B CA  1 
ATOM   423  C C   . PRO A 1 51  ? -0.566  6.173   7.725   1.00 12.87 ? 57  PRO B C   1 
ATOM   424  O O   . PRO A 1 51  ? -0.842  4.981   7.684   1.00 13.26 ? 57  PRO B O   1 
ATOM   425  C CB  . PRO A 1 51  ? -2.318  6.399   9.574   1.00 15.93 ? 57  PRO B CB  1 
ATOM   426  C CG  . PRO A 1 51  ? -3.614  7.115   9.309   1.00 16.45 ? 57  PRO B CG  1 
ATOM   427  C CD  . PRO A 1 51  ? -3.416  8.023   8.142   1.00 14.40 ? 57  PRO B CD  1 
ATOM   428  N N   . MET A 1 52  ? 0.380   6.769   6.971   1.00 13.12 ? 58  MET B N   1 
ATOM   429  C CA  . MET A 1 52  ? 1.094   6.100   5.850   1.00 12.09 ? 58  MET B CA  1 
ATOM   430  C C   . MET A 1 52  ? 2.514   5.743   6.226   1.00 12.55 ? 58  MET B C   1 
ATOM   431  O O   . MET A 1 52  ? 3.190   6.369   7.105   1.00 12.86 ? 58  MET B O   1 
ATOM   432  C CB  . MET A 1 52  ? 1.081   7.010   4.612   1.00 12.33 ? 58  MET B CB  1 
ATOM   433  C CG  . MET A 1 52  ? -0.270  7.237   4.074   1.00 12.15 ? 58  MET B CG  1 
ATOM   434  S SD  . MET A 1 52  ? -0.272  8.624   2.892   1.00 13.97 ? 58  MET B SD  1 
ATOM   435  C CE  . MET A 1 52  ? -1.950  8.622   2.301   1.00 14.45 ? 58  MET B CE  1 
ATOM   436  N N   . VAL A 1 53  ? 3.041   4.730   5.541   1.00 11.93 ? 59  VAL B N   1 
ATOM   437  C CA  . VAL A 1 53  ? 4.453   4.279   5.685   1.00 11.90 ? 59  VAL B CA  1 
ATOM   438  C C   . VAL A 1 53  ? 4.872   3.611   4.368   1.00 12.93 ? 59  VAL B C   1 
ATOM   439  O O   . VAL A 1 53  ? 3.998   3.073   3.643   1.00 12.65 ? 59  VAL B O   1 
ATOM   440  C CB  . VAL A 1 53  ? 4.613   3.335   6.894   1.00 12.38 ? 59  VAL B CB  1 
ATOM   441  C CG1 . VAL A 1 53  ? 3.752   2.084   6.786   1.00 12.79 ? 59  VAL B CG1 1 
ATOM   442  C CG2 . VAL A 1 53  ? 6.078   2.997   7.164   1.00 13.45 ? 59  VAL B CG2 1 
ATOM   443  N N   . LEU A 1 54  ? 6.144   3.659   4.041   1.00 12.46 ? 60  LEU B N   1 
ATOM   444  C CA  . LEU A 1 54  ? 6.726   2.991   2.847   1.00 12.38 ? 60  LEU B CA  1 
ATOM   445  C C   . LEU A 1 54  ? 7.458   1.726   3.236   1.00 13.56 ? 60  LEU B C   1 
ATOM   446  O O   . LEU A 1 54  ? 8.057   1.596   4.365   1.00 13.79 ? 60  LEU B O   1 
ATOM   447  C CB  . LEU A 1 54  ? 7.684   3.905   2.082   1.00 12.82 ? 60  LEU B CB  1 
ATOM   448  C CG  . LEU A 1 54  ? 7.108   5.245   1.665   1.00 13.24 ? 60  LEU B CG  1 
ATOM   449  C CD1 . LEU A 1 54  ? 8.051   6.054   0.780   1.00 14.85 ? 60  LEU B CD1 1 
ATOM   450  C CD2 . LEU A 1 54  ? 5.757   5.067   0.964   1.00 13.02 ? 60  LEU B CD2 1 
ATOM   451  N N   . GLY A 1 55  ? 7.515   0.779   2.312   1.00 12.56 ? 61  GLY B N   1 
ATOM   452  C CA  . GLY A 1 55  ? 8.515   -0.307  2.371   1.00 12.83 ? 61  GLY B CA  1 
ATOM   453  C C   . GLY A 1 55  ? 9.936   0.237   2.200   1.00 13.12 ? 61  GLY B C   1 
ATOM   454  O O   . GLY A 1 55  ? 10.113  1.236   1.548   1.00 13.85 ? 61  GLY B O   1 
ATOM   455  N N   . ALA A 1 56  ? 10.908  -0.473  2.751   1.00 14.86 ? 62  ALA B N   1 
ATOM   456  C CA  . ALA A 1 56  ? 12.334  -0.113  2.618   1.00 16.14 ? 62  ALA B CA  1 
ATOM   457  C C   . ALA A 1 56  ? 12.855  -0.381  1.212   1.00 17.44 ? 62  ALA B C   1 
ATOM   458  O O   . ALA A 1 56  ? 13.745  0.353   0.744   1.00 20.24 ? 62  ALA B O   1 
ATOM   459  C CB  . ALA A 1 56  ? 13.091  -0.903  3.637   1.00 18.19 ? 62  ALA B CB  1 
ATOM   460  N N   . GLN A 1 57  ? 12.305  -1.383  0.551   1.00 15.72 ? 63  GLN B N   1 
ATOM   461  C CA  . GLN A 1 57  ? 12.857  -1.819  -0.747  1.00 15.66 ? 63  GLN B CA  1 
ATOM   462  C C   . GLN A 1 57  ? 12.529  -0.769  -1.821  1.00 17.27 ? 63  GLN B C   1 
ATOM   463  O O   . GLN A 1 57  ? 11.421  -0.134  -1.807  1.00 17.15 ? 63  GLN B O   1 
ATOM   464  C CB  . GLN A 1 57  ? 12.235  -3.173  -1.105  1.00 18.36 ? 63  GLN B CB  1 
ATOM   465  C CG  . GLN A 1 57  ? 12.719  -4.326  -0.250  1.00 19.54 ? 63  GLN B CG  1 
ATOM   466  C CD  . GLN A 1 57  ? 12.232  -4.272  1.184   1.00 19.83 ? 63  GLN B CD  1 
ATOM   467  O OE1 . GLN A 1 57  ? 11.081  -3.921  1.437   1.00 18.00 ? 63  GLN B OE1 1 
ATOM   468  N NE2 . GLN A 1 57  ? 13.046  -4.683  2.139   1.00 21.87 ? 63  GLN B NE2 1 
ATOM   469  N N   . ARG A 1 58  ? 13.461  -0.541  -2.757  1.00 16.93 ? 64  ARG B N   1 
ATOM   470  C CA  . ARG A 1 58  ? 13.247  0.292   -3.947  1.00 18.03 ? 64  ARG B CA  1 
ATOM   471  C C   . ARG A 1 58  ? 13.350  -0.593  -5.183  1.00 15.76 ? 64  ARG B C   1 
ATOM   472  O O   . ARG A 1 58  ? 14.267  -1.417  -5.252  1.00 19.10 ? 64  ARG B O   1 
ATOM   473  C CB  . ARG A 1 58  ? 14.345  1.360   -4.071  1.00 21.46 ? 64  ARG B CB  1 
ATOM   474  C CG  . ARG A 1 58  ? 14.174  2.637   -3.253  1.00 30.65 ? 64  ARG B CG  1 
ATOM   475  C CD  . ARG A 1 58  ? 14.102  2.319   -1.773  1.00 29.73 ? 64  ARG B CD  1 
ATOM   476  N NE  . ARG A 1 58  ? 14.468  3.197   -0.649  1.00 39.10 ? 64  ARG B NE  1 
ATOM   477  C CZ  . ARG A 1 58  ? 14.982  4.419   -0.695  1.00 37.30 ? 64  ARG B CZ  1 
ATOM   478  N NH1 . ARG A 1 58  ? 15.242  5.046   0.439   1.00 43.15 ? 64  ARG B NH1 1 
ATOM   479  N NH2 . ARG A 1 58  ? 15.228  5.026   -1.835  1.00 42.27 ? 64  ARG B NH2 1 
ATOM   480  N N   . PHE A 1 59  ? 12.458  -0.422  -6.133  1.00 15.52 ? 65  PHE B N   1 
ATOM   481  C CA  . PHE A 1 59  ? 12.429  -1.256  -7.359  1.00 15.22 ? 65  PHE B CA  1 
ATOM   482  C C   . PHE A 1 59  ? 12.541  -0.340  -8.566  1.00 14.69 ? 65  PHE B C   1 
ATOM   483  O O   . PHE A 1 59  ? 11.776  0.595   -8.698  1.00 14.53 ? 65  PHE B O   1 
ATOM   484  C CB  . PHE A 1 59  ? 11.115  -2.067  -7.405  1.00 16.89 ? 65  PHE B CB  1 
ATOM   485  C CG  . PHE A 1 59  ? 10.930  -2.996  -6.223  1.00 18.57 ? 65  PHE B CG  1 
ATOM   486  C CD1 . PHE A 1 59  ? 11.901  -3.947  -5.920  1.00 21.46 ? 65  PHE B CD1 1 
ATOM   487  C CD2 . PHE A 1 59  ? 9.824   -2.913  -5.412  1.00 26.45 ? 65  PHE B CD2 1 
ATOM   488  C CE1 . PHE A 1 59  ? 11.793  -4.790  -4.820  1.00 25.05 ? 65  PHE B CE1 1 
ATOM   489  C CE2 . PHE A 1 59  ? 9.693   -3.793  -4.344  1.00 21.47 ? 65  PHE B CE2 1 
ATOM   490  C CZ  . PHE A 1 59  ? 10.687  -4.686  -4.039  1.00 22.64 ? 65  PHE B CZ  1 
ATOM   491  N N   A SER A 1 60  ? 13.482  -0.626  -9.478  0.25 14.39 ? 66  SER B N   1 
ATOM   492  N N   B SER A 1 60  ? 13.482  -0.642  -9.468  0.25 15.14 ? 66  SER B N   1 
ATOM   493  C CA  A SER A 1 60  ? 13.662  0.163   -10.726 0.25 14.70 ? 66  SER B CA  1 
ATOM   494  C CA  B SER A 1 60  ? 13.705  0.124   -10.721 0.25 16.03 ? 66  SER B CA  1 
ATOM   495  C C   A SER A 1 60  ? 13.666  -0.743  -11.973 0.25 14.71 ? 66  SER B C   1 
ATOM   496  C C   B SER A 1 60  ? 13.764  -0.812  -11.926 0.25 15.97 ? 66  SER B C   1 
ATOM   497  O O   A SER A 1 60  ? 13.748  -0.189  -13.098 0.25 14.49 ? 66  SER B O   1 
ATOM   498  O O   B SER A 1 60  ? 14.217  -0.359  -12.987 0.25 15.69 ? 66  SER B O   1 
ATOM   499  C CB  A SER A 1 60  ? 14.910  1.023   -10.623 0.25 14.51 ? 66  SER B CB  1 
ATOM   500  C CB  B SER A 1 60  ? 14.988  0.870   -10.631 0.25 16.00 ? 66  SER B CB  1 
ATOM   501  O OG  A SER A 1 60  ? 14.712  2.121   -9.714  0.25 14.53 ? 66  SER B OG  1 
ATOM   502  O OG  B SER A 1 60  ? 16.024  -0.053  -10.397 0.25 17.59 ? 66  SER B OG  1 
ATOM   503  N N   A SER A 1 61  ? 13.486  -2.059  -11.794 0.25 14.53 ? 67  SER B N   1 
ATOM   504  N N   B SER A 1 61  ? 13.342  -2.064  -11.766 0.25 16.29 ? 67  SER B N   1 
ATOM   505  C CA  A SER A 1 61  ? 13.409  -3.061  -12.888 0.25 15.62 ? 67  SER B CA  1 
ATOM   506  C CA  B SER A 1 61  ? 13.430  -3.082  -12.833 0.25 17.76 ? 67  SER B CA  1 
ATOM   507  C C   A SER A 1 61  ? 12.676  -4.315  -12.406 0.25 16.29 ? 67  SER B C   1 
ATOM   508  C C   B SER A 1 61  ? 12.770  -4.382  -12.381 0.25 17.59 ? 67  SER B C   1 
ATOM   509  O O   A SER A 1 61  ? 12.488  -4.456  -11.197 0.25 16.78 ? 67  SER B O   1 
ATOM   510  O O   B SER A 1 61  ? 12.742  -4.633  -11.163 0.25 17.36 ? 67  SER B O   1 
ATOM   511  C CB  A SER A 1 61  ? 14.794  -3.431  -13.366 0.25 15.47 ? 67  SER B CB  1 
ATOM   512  C CB  B SER A 1 61  ? 14.879  -3.297  -13.184 0.25 18.66 ? 67  SER B CB  1 
ATOM   513  O OG  A SER A 1 61  ? 15.475  -4.165  -12.360 0.25 15.85 ? 67  SER B OG  1 
ATOM   514  O OG  B SER A 1 61  ? 14.996  -4.293  -14.173 0.25 21.47 ? 67  SER B OG  1 
ATOM   515  N N   . GLY A 1 62  ? 12.346  -5.212  -13.334 1.00 18.11 ? 68  GLY B N   1 
ATOM   516  C CA  . GLY A 1 62  ? 11.910  -6.572  -12.991 1.00 18.42 ? 68  GLY B CA  1 
ATOM   517  C C   . GLY A 1 62  ? 10.449  -6.687  -12.609 1.00 15.99 ? 68  GLY B C   1 
ATOM   518  O O   . GLY A 1 62  ? 9.690   -5.700  -12.736 1.00 16.88 ? 68  GLY B O   1 
ATOM   519  N N   . LYS A 1 63  ? 10.150  -7.879  -12.129 1.00 16.18 ? 69  LYS B N   1 
ATOM   520  C CA  . LYS A 1 63  ? 8.808   -8.283  -11.724 1.00 16.16 ? 69  LYS B CA  1 
ATOM   521  C C   . LYS A 1 63  ? 8.888   -8.568  -10.233 1.00 15.17 ? 69  LYS B C   1 
ATOM   522  O O   . LYS A 1 63  ? 9.757   -9.294  -9.788  1.00 17.70 ? 69  LYS B O   1 
ATOM   523  C CB  . LYS A 1 63  ? 8.390   -9.484  -12.554 1.00 17.29 ? 69  LYS B CB  1 
ATOM   524  C CG  . LYS A 1 63  ? 8.116   -9.214  -14.032 1.00 18.63 ? 69  LYS B CG  1 
ATOM   525  C CD  . LYS A 1 63  ? 7.818   -10.502 -14.837 1.00 21.15 ? 69  LYS B CD  1 
ATOM   526  C CE  . LYS A 1 63  ? 7.581   -10.232 -16.309 1.00 25.17 ? 69  LYS B CE  1 
ATOM   527  N NZ  . LYS A 1 63  ? 7.226   -11.490 -17.012 1.00 28.16 ? 69  LYS B NZ  1 
ATOM   528  N N   . MET A 1 64  ? 7.946   -8.034  -9.459  1.00 14.49 ? 70  MET B N   1 
ATOM   529  C CA  . MET A 1 64  ? 7.894   -8.167  -7.993  1.00 14.20 ? 70  MET B CA  1 
ATOM   530  C C   . MET A 1 64  ? 6.474   -8.502  -7.549  1.00 13.43 ? 70  MET B C   1 
ATOM   531  O O   . MET A 1 64  ? 5.539   -8.001  -8.148  1.00 15.17 ? 70  MET B O   1 
ATOM   532  C CB  . MET A 1 64  ? 8.230   -6.824  -7.356  1.00 15.31 ? 70  MET B CB  1 
ATOM   533  C CG  . MET A 1 64  ? 9.690   -6.418  -7.400  1.00 16.60 ? 70  MET B CG  1 
ATOM   534  S SD  . MET A 1 64  ? 10.409  -5.906  -8.992  1.00 18.75 ? 70  MET B SD  1 
ATOM   535  C CE  . MET A 1 64  ? 9.311   -4.633  -9.558  1.00 18.92 ? 70  MET B CE  1 
ATOM   536  N N   . TYR A 1 65  ? 6.318   -9.295  -6.527  1.00 13.69 ? 71  TYR B N   1 
ATOM   537  C CA  . TYR A 1 65  ? 4.995   -9.715  -6.010  1.00 14.32 ? 71  TYR B CA  1 
ATOM   538  C C   . TYR A 1 65  ? 5.090   -9.783  -4.496  1.00 15.70 ? 71  TYR B C   1 
ATOM   539  O O   . TYR A 1 65  ? 6.126   -10.306 -3.939  1.00 16.65 ? 71  TYR B O   1 
ATOM   540  C CB  . TYR A 1 65  ? 4.619   -11.114 -6.523  1.00 15.66 ? 71  TYR B CB  1 
ATOM   541  C CG  . TYR A 1 65  ? 3.289   -11.635 -6.045  1.00 15.08 ? 71  TYR B CG  1 
ATOM   542  C CD1 . TYR A 1 65  ? 2.095   -11.111 -6.526  1.00 15.60 ? 71  TYR B CD1 1 
ATOM   543  C CD2 . TYR A 1 65  ? 3.236   -12.564 -5.009  1.00 15.73 ? 71  TYR B CD2 1 
ATOM   544  C CE1 . TYR A 1 65  ? 0.864   -11.574 -6.073  1.00 15.73 ? 71  TYR B CE1 1 
ATOM   545  C CE2 . TYR A 1 65  ? 2.018   -13.021 -4.534  1.00 15.96 ? 71  TYR B CE2 1 
ATOM   546  C CZ  . TYR A 1 65  ? 0.844   -12.518 -5.048  1.00 15.72 ? 71  TYR B CZ  1 
ATOM   547  O OH  . TYR A 1 65  ? -0.346  -12.945 -4.552  1.00 17.31 ? 71  TYR B OH  1 
ATOM   548  N N   . TRP A 1 66  ? 4.103   -9.246  -3.805  1.00 12.71 ? 72  TRP B N   1 
ATOM   549  C CA  . TRP A 1 66  ? 3.997   -9.459  -2.339  1.00 13.63 ? 72  TRP B CA  1 
ATOM   550  C C   . TRP A 1 66  ? 2.524   -9.486  -1.924  1.00 14.07 ? 72  TRP B C   1 
ATOM   551  O O   . TRP A 1 66  ? 1.640   -9.155  -2.737  1.00 13.98 ? 72  TRP B O   1 
ATOM   552  C CB  . TRP A 1 66  ? 4.791   -8.407  -1.546  1.00 13.08 ? 72  TRP B CB  1 
ATOM   553  C CG  . TRP A 1 66  ? 4.363   -6.992  -1.697  1.00 12.89 ? 72  TRP B CG  1 
ATOM   554  C CD1 . TRP A 1 66  ? 3.542   -6.262  -0.862  1.00 12.80 ? 72  TRP B CD1 1 
ATOM   555  C CD2 . TRP A 1 66  ? 4.744   -6.085  -2.736  1.00 13.72 ? 72  TRP B CD2 1 
ATOM   556  N NE1 . TRP A 1 66  ? 3.424   -4.973  -1.329  1.00 13.57 ? 72  TRP B NE1 1 
ATOM   557  C CE2 . TRP A 1 66  ? 4.145   -4.840  -2.479  1.00 13.91 ? 72  TRP B CE2 1 
ATOM   558  C CE3 . TRP A 1 66  ? 5.618   -6.192  -3.824  1.00 16.26 ? 72  TRP B CE3 1 
ATOM   559  C CZ2 . TRP A 1 66  ? 4.347   -3.735  -3.297  1.00 14.79 ? 72  TRP B CZ2 1 
ATOM   560  C CZ3 . TRP A 1 66  ? 5.810   -5.111  -4.646  1.00 17.91 ? 72  TRP B CZ3 1 
ATOM   561  C CH2 . TRP A 1 66  ? 5.187   -3.894  -4.385  1.00 16.42 ? 72  TRP B CH2 1 
ATOM   562  N N   . GLU A 1 67  ? 2.255   -9.902  -0.684  1.00 13.98 ? 73  GLU B N   1 
ATOM   563  C CA  . GLU A 1 67  ? 0.870   -10.068 -0.164  1.00 13.33 ? 73  GLU B CA  1 
ATOM   564  C C   . GLU A 1 67  ? 0.742   -9.327  1.153   1.00 13.50 ? 73  GLU B C   1 
ATOM   565  O O   . GLU A 1 67  ? 1.698   -9.314  1.926   1.00 13.60 ? 73  GLU B O   1 
ATOM   566  C CB  . GLU A 1 67  ? 0.478   -11.541 -0.014  1.00 15.30 ? 73  GLU B CB  1 
ATOM   567  C CG  . GLU A 1 67  ? 0.385   -12.213 -1.371  1.00 17.27 ? 73  GLU B CG  1 
ATOM   568  C CD  . GLU A 1 67  ? -0.009  -13.682 -1.351  1.00 20.43 ? 73  GLU B CD  1 
ATOM   569  O OE1 . GLU A 1 67  ? -0.075  -14.229 -0.191  1.00 23.99 ? 73  GLU B OE1 1 
ATOM   570  O OE2 . GLU A 1 67  ? -0.257  -14.296 -2.476  1.00 18.96 ? 73  GLU B OE2 1 
ATOM   571  N N   . VAL A 1 68  ? -0.437  -8.745  1.364   1.00 13.78 ? 74  VAL B N   1 
ATOM   572  C CA  . VAL A 1 68  ? -0.751  -7.981  2.579   1.00 12.21 ? 74  VAL B CA  1 
ATOM   573  C C   . VAL A 1 68  ? -2.060  -8.482  3.190   1.00 12.88 ? 74  VAL B C   1 
ATOM   574  O O   . VAL A 1 68  ? -3.068  -8.582  2.475   1.00 14.05 ? 74  VAL B O   1 
ATOM   575  C CB  . VAL A 1 68  ? -0.856  -6.481  2.291   1.00 12.45 ? 74  VAL B CB  1 
ATOM   576  C CG1 . VAL A 1 68  ? -1.010  -5.694  3.575   1.00 13.78 ? 74  VAL B CG1 1 
ATOM   577  C CG2 . VAL A 1 68  ? 0.332   -6.007  1.470   1.00 13.73 ? 74  VAL B CG2 1 
ATOM   578  N N   . ASP A 1 69  ? -2.064  -8.704  4.506   1.00 12.75 ? 75  ASP B N   1 
ATOM   579  C CA  . ASP A 1 69  ? -3.253  -9.107  5.286   1.00 14.36 ? 75  ASP B CA  1 
ATOM   580  C C   . ASP A 1 69  ? -3.982  -7.859  5.743   1.00 12.57 ? 75  ASP B C   1 
ATOM   581  O O   . ASP A 1 69  ? -3.319  -6.963  6.359   1.00 13.74 ? 75  ASP B O   1 
ATOM   582  C CB  . ASP A 1 69  ? -2.870  -10.004 6.473   1.00 16.15 ? 75  ASP B CB  1 
ATOM   583  C CG  . ASP A 1 69  ? -4.056  -10.737 7.083   1.00 19.61 ? 75  ASP B CG  1 
ATOM   584  O OD1 . ASP A 1 69  ? -4.953  -10.079 7.560   1.00 17.97 ? 75  ASP B OD1 1 
ATOM   585  O OD2 . ASP A 1 69  ? -4.144  -11.957 6.886   1.00 24.91 ? 75  ASP B OD2 1 
ATOM   586  N N   . VAL A 1 70  ? -5.265  -7.759  5.409   1.00 13.28 ? 76  VAL B N   1 
ATOM   587  C CA  . VAL A 1 70  ? -6.154  -6.622  5.755   1.00 13.16 ? 76  VAL B CA  1 
ATOM   588  C C   . VAL A 1 70  ? -7.339  -7.080  6.622   1.00 14.34 ? 76  VAL B C   1 
ATOM   589  O O   . VAL A 1 70  ? -8.304  -6.340  6.751   1.00 14.36 ? 76  VAL B O   1 
ATOM   590  C CB  . VAL A 1 70  ? -6.622  -5.909  4.463   1.00 13.12 ? 76  VAL B CB  1 
ATOM   591  C CG1 . VAL A 1 70  ? -5.428  -5.359  3.651   1.00 12.86 ? 76  VAL B CG1 1 
ATOM   592  C CG2 . VAL A 1 70  ? -7.499  -6.779  3.578   1.00 13.28 ? 76  VAL B CG2 1 
ATOM   593  N N   . THR A 1 71  ? -7.238  -8.244  7.261   1.00 14.92 ? 77  THR B N   1 
ATOM   594  C CA  . THR A 1 71  ? -8.342  -8.840  8.033   1.00 16.64 ? 77  THR B CA  1 
ATOM   595  C C   . THR A 1 71  ? -8.904  -7.812  9.035   1.00 17.46 ? 77  THR B C   1 
ATOM   596  O O   . THR A 1 71  ? -8.131  -7.191  9.780   1.00 16.69 ? 77  THR B O   1 
ATOM   597  C CB  . THR A 1 71  ? -7.880  -10.091 8.772   1.00 16.08 ? 77  THR B CB  1 
ATOM   598  O OG1 . THR A 1 71  ? -7.436  -11.094 7.850   1.00 17.78 ? 77  THR B OG1 1 
ATOM   599  C CG2 . THR A 1 71  ? -9.015  -10.618 9.628   1.00 18.78 ? 77  THR B CG2 1 
ATOM   600  N N   . GLN A 1 72  ? -10.231 -7.667  9.021   0.50 19.76 ? 78  GLN B N   1 
ATOM   601  C CA  . GLN A 1 72  ? -11.072 -6.897  9.984   0.50 21.05 ? 78  GLN B CA  1 
ATOM   602  C C   . GLN A 1 72  ? -10.854 -5.380  9.871   0.50 21.35 ? 78  GLN B C   1 
ATOM   603  O O   . GLN A 1 72  ? -11.483 -4.639  10.664  0.50 21.37 ? 78  GLN B O   1 
ATOM   604  C CB  . GLN A 1 72  ? -10.826 -7.396  11.407  0.50 24.79 ? 78  GLN B CB  1 
ATOM   605  C CG  . GLN A 1 72  ? -12.071 -7.385  12.299  0.50 27.35 ? 78  GLN B CG  1 
ATOM   606  C CD  . GLN A 1 72  ? -13.380 -7.666  11.593  0.50 27.36 ? 78  GLN B CD  1 
ATOM   607  O OE1 . GLN A 1 72  ? -13.471 -8.460  10.660  0.50 30.32 ? 78  GLN B OE1 1 
ATOM   608  N NE2 . GLN A 1 72  ? -14.426 -7.004  12.033  0.50 29.89 ? 78  GLN B NE2 1 
ATOM   609  N N   . LYS A 1 73  ? -10.080 -4.887  8.900   1.00 16.65 ? 79  LYS B N   1 
ATOM   610  C CA  . LYS A 1 73  ? -9.967  -3.425  8.745   1.00 16.11 ? 79  LYS B CA  1 
ATOM   611  C C   . LYS A 1 73  ? -11.157 -2.820  7.984   1.00 13.82 ? 79  LYS B C   1 
ATOM   612  O O   . LYS A 1 73  ? -11.712 -3.464  7.050   1.00 15.74 ? 79  LYS B O   1 
ATOM   613  C CB  . LYS A 1 73  ? -8.648  -3.071  8.057   1.00 15.20 ? 79  LYS B CB  1 
ATOM   614  C CG  . LYS A 1 73  ? -7.420  -3.419  8.908   1.00 15.58 ? 79  LYS B CG  1 
ATOM   615  C CD  . LYS A 1 73  ? -6.120  -2.871  8.393   1.00 16.90 ? 79  LYS B CD  1 
ATOM   616  C CE  . LYS A 1 73  ? -6.062  -1.369  8.412   1.00 16.12 ? 79  LYS B CE  1 
ATOM   617  N NZ  . LYS A 1 73  ? -6.351  -0.756  9.753   1.00 14.29 ? 79  LYS B NZ  1 
ATOM   618  N N   . GLU A 1 74  ? -11.574 -1.637  8.387   1.00 12.51 ? 80  GLU B N   1 
ATOM   619  C CA  . GLU A 1 74  ? -12.650 -0.848  7.745   1.00 13.19 ? 80  GLU B CA  1 
ATOM   620  C C   . GLU A 1 74  ? -12.101 0.101   6.693   1.00 13.13 ? 80  GLU B C   1 
ATOM   621  O O   . GLU A 1 74  ? -12.867 0.607   5.879   1.00 14.16 ? 80  GLU B O   1 
ATOM   622  C CB  . GLU A 1 74  ? -13.409 0.028   8.765   1.00 14.85 ? 80  GLU B CB  1 
ATOM   623  C CG  . GLU A 1 74  ? -14.122 -0.797  9.818   1.00 16.97 ? 80  GLU B CG  1 
ATOM   624  C CD  . GLU A 1 74  ? -14.740 0.110   10.909  1.00 17.02 ? 80  GLU B CD  1 
ATOM   625  O OE1 . GLU A 1 74  ? -15.617 -0.374  11.656  1.00 20.77 ? 80  GLU B OE1 1 
ATOM   626  O OE2 . GLU A 1 74  ? -14.360 1.323   10.975  1.00 20.10 ? 80  GLU B OE2 1 
ATOM   627  N N   . ALA A 1 75  ? -10.810 0.419   6.738   1.00 12.30 ? 81  ALA B N   1 
ATOM   628  C CA  . ALA A 1 75  ? -10.253 1.420   5.807   1.00 12.15 ? 81  ALA B CA  1 
ATOM   629  C C   . ALA A 1 75  ? -8.757  1.164   5.686   1.00 13.56 ? 81  ALA B C   1 
ATOM   630  O O   . ALA A 1 75  ? -8.099  0.876   6.708   1.00 13.55 ? 81  ALA B O   1 
ATOM   631  C CB  . ALA A 1 75  ? -10.491 2.847   6.269   1.00 12.84 ? 81  ALA B CB  1 
ATOM   632  N N   . TRP A 1 76  ? -8.231  1.325   4.485   1.00 12.10 ? 82  TRP B N   1 
ATOM   633  C CA  . TRP A 1 76  ? -6.771  1.167   4.194   1.00 11.97 ? 82  TRP B CA  1 
ATOM   634  C C   . TRP A 1 76  ? -6.528  1.544   2.748   1.00 12.49 ? 82  TRP B C   1 
ATOM   635  O O   . TRP A 1 76  ? -7.465  1.539   1.947   1.00 12.72 ? 82  TRP B O   1 
ATOM   636  C CB  . TRP A 1 76  ? -6.307  -0.275  4.416   1.00 12.72 ? 82  TRP B CB  1 
ATOM   637  C CG  . TRP A 1 76  ? -7.115  -1.379  3.811   1.00 12.69 ? 82  TRP B CG  1 
ATOM   638  C CD1 . TRP A 1 76  ? -8.052  -2.143  4.431   1.00 13.94 ? 82  TRP B CD1 1 
ATOM   639  C CD2 . TRP A 1 76  ? -7.156  -1.836  2.435   1.00 12.62 ? 82  TRP B CD2 1 
ATOM   640  N NE1 . TRP A 1 76  ? -8.631  -3.045  3.601   1.00 13.71 ? 82  TRP B NE1 1 
ATOM   641  C CE2 . TRP A 1 76  ? -8.124  -2.846  2.329   1.00 13.51 ? 82  TRP B CE2 1 
ATOM   642  C CE3 . TRP A 1 76  ? -6.468  -1.465  1.258   1.00 13.52 ? 82  TRP B CE3 1 
ATOM   643  C CZ2 . TRP A 1 76  ? -8.387  -3.561  1.169   1.00 13.91 ? 82  TRP B CZ2 1 
ATOM   644  C CZ3 . TRP A 1 76  ? -6.753  -2.139  0.092   1.00 13.13 ? 82  TRP B CZ3 1 
ATOM   645  C CH2 . TRP A 1 76  ? -7.703  -3.166  0.052   1.00 14.18 ? 82  TRP B CH2 1 
ATOM   646  N N   . ASP A 1 77  ? -5.278  1.877   2.438   1.00 12.10 ? 83  ASP B N   1 
ATOM   647  C CA  . ASP A 1 77  ? -4.818  2.084   1.030   1.00 12.39 ? 83  ASP B CA  1 
ATOM   648  C C   . ASP A 1 77  ? -3.601  1.160   0.834   1.00 11.99 ? 83  ASP B C   1 
ATOM   649  O O   . ASP A 1 77  ? -2.762  1.066   1.776   1.00 11.78 ? 83  ASP B O   1 
ATOM   650  C CB  . ASP A 1 77  ? -4.386  3.513   0.717   1.00 13.40 ? 83  ASP B CB  1 
ATOM   651  C CG  . ASP A 1 77  ? -5.266  4.644   1.211   1.00 15.41 ? 83  ASP B CG  1 
ATOM   652  O OD1 . ASP A 1 77  ? -6.457  4.450   1.206   1.00 20.67 ? 83  ASP B OD1 1 
ATOM   653  O OD2 . ASP A 1 77  ? -4.741  5.706   1.536   1.00 17.62 ? 83  ASP B OD2 1 
ATOM   654  N N   . LEU A 1 78  ? -3.433  0.524   -0.323  1.00 10.39 ? 84  LEU B N   1 
ATOM   655  C CA  . LEU A 1 78  ? -2.258  -0.339  -0.636  1.00 11.32 ? 84  LEU B CA  1 
ATOM   656  C C   . LEU A 1 78  ? -1.841  -0.093  -2.073  1.00 11.04 ? 84  LEU B C   1 
ATOM   657  O O   . LEU A 1 78  ? -2.670  0.075   -2.966  1.00 10.84 ? 84  LEU B O   1 
ATOM   658  C CB  . LEU A 1 78  ? -2.586  -1.820  -0.479  1.00 11.75 ? 84  LEU B CB  1 
ATOM   659  C CG  . LEU A 1 78  ? -2.814  -2.331  0.929   1.00 13.22 ? 84  LEU B CG  1 
ATOM   660  C CD1 . LEU A 1 78  ? -3.315  -3.752  0.875   1.00 14.06 ? 84  LEU B CD1 1 
ATOM   661  C CD2 . LEU A 1 78  ? -1.549  -2.192  1.734   1.00 13.28 ? 84  LEU B CD2 1 
ATOM   662  N N   . GLY A 1 79  ? -0.534  -0.217  -2.290  1.00 10.14 ? 85  GLY B N   1 
ATOM   663  C CA  . GLY A 1 79  ? -0.010  -0.302  -3.667  1.00 11.18 ? 85  GLY B CA  1 
ATOM   664  C C   . GLY A 1 79  ? 1.470   0.014   -3.681  1.00 9.69  ? 85  GLY B C   1 
ATOM   665  O O   . GLY A 1 79  ? 2.232   -0.508  -2.866  1.00 10.48 ? 85  GLY B O   1 
ATOM   666  N N   A VAL A 1 80  ? 1.878   0.791   -4.687  0.25 9.69  ? 86  VAL B N   1 
ATOM   667  N N   B VAL A 1 80  ? 1.858   0.878   -4.604  0.25 10.52 ? 86  VAL B N   1 
ATOM   668  C CA  A VAL A 1 80  ? 3.262   1.320   -4.825  0.25 9.88  ? 86  VAL B CA  1 
ATOM   669  C CA  B VAL A 1 80  ? 3.281   1.236   -4.808  0.25 11.18 ? 86  VAL B CA  1 
ATOM   670  C C   A VAL A 1 80  ? 3.215   2.827   -5.045  0.25 10.53 ? 86  VAL B C   1 
ATOM   671  C C   B VAL A 1 80  ? 3.311   2.718   -5.211  0.25 11.39 ? 86  VAL B C   1 
ATOM   672  O O   A VAL A 1 80  ? 2.178   3.415   -5.439  0.25 10.38 ? 86  VAL B O   1 
ATOM   673  O O   B VAL A 1 80  ? 2.347   3.204   -5.807  0.25 11.11 ? 86  VAL B O   1 
ATOM   674  C CB  A VAL A 1 80  ? 4.053   0.682   -5.982  0.25 9.87  ? 86  VAL B CB  1 
ATOM   675  C CB  B VAL A 1 80  ? 3.899   0.274   -5.842  0.25 12.57 ? 86  VAL B CB  1 
ATOM   676  C CG1 A VAL A 1 80  ? 4.376   -0.760  -5.662  0.25 9.66  ? 86  VAL B CG1 1 
ATOM   677  C CG1 B VAL A 1 80  ? 3.320   0.503   -7.232  0.25 12.39 ? 86  VAL B CG1 1 
ATOM   678  C CG2 A VAL A 1 80  ? 3.307   0.794   -7.302  0.25 9.84  ? 86  VAL B CG2 1 
ATOM   679  C CG2 B VAL A 1 80  ? 5.410   0.326   -5.852  0.25 13.62 ? 86  VAL B CG2 1 
ATOM   680  N N   . CYS A 1 81  ? 4.367   3.445   -4.852  1.00 10.70 ? 87  CYS B N   1 
ATOM   681  C CA  . CYS A 1 81  ? 4.499   4.860   -5.186  1.00 11.94 ? 87  CYS B CA  1 
ATOM   682  C C   . CYS A 1 81  ? 5.930   5.182   -5.577  1.00 11.69 ? 87  CYS B C   1 
ATOM   683  O O   . CYS A 1 81  ? 6.867   4.410   -5.282  1.00 12.29 ? 87  CYS B O   1 
ATOM   684  C CB  . CYS A 1 81  ? 4.034   5.739   -4.029  1.00 13.14 ? 87  CYS B CB  1 
ATOM   685  S SG  . CYS A 1 81  ? 5.076   5.621   -2.536  1.00 13.54 ? 87  CYS B SG  1 
ATOM   686  N N   A ARG A 1 82  ? 6.090   6.312   -6.251  0.25 12.49 ? 88  ARG B N   1 
ATOM   687  N N   B ARG A 1 82  ? 6.096   6.300   -6.265  0.25 11.21 ? 88  ARG B N   1 
ATOM   688  C CA  A ARG A 1 82  ? 7.436   6.867   -6.512  0.25 13.59 ? 88  ARG B CA  1 
ATOM   689  C CA  B ARG A 1 82  ? 7.446   6.820   -6.584  0.25 11.40 ? 88  ARG B CA  1 
ATOM   690  C C   A ARG A 1 82  ? 8.173   7.090   -5.192  0.25 12.95 ? 88  ARG B C   1 
ATOM   691  C C   B ARG A 1 82  ? 8.176   7.190   -5.280  0.25 11.92 ? 88  ARG B C   1 
ATOM   692  O O   A ARG A 1 82  ? 7.560   7.491   -4.191  0.25 12.79 ? 88  ARG B O   1 
ATOM   693  O O   B ARG A 1 82  ? 7.546   7.787   -4.370  0.25 11.94 ? 88  ARG B O   1 
ATOM   694  C CB  A ARG A 1 82  ? 7.352   8.200   -7.250  0.25 15.39 ? 88  ARG B CB  1 
ATOM   695  C CB  B ARG A 1 82  ? 7.305   8.006   -7.541  0.25 11.21 ? 88  ARG B CB  1 
ATOM   696  C CG  A ARG A 1 82  ? 6.722   8.073   -8.623  0.25 17.57 ? 88  ARG B CG  1 
ATOM   697  C CG  B ARG A 1 82  ? 8.606   8.438   -8.202  0.25 11.06 ? 88  ARG B CG  1 
ATOM   698  C CD  A ARG A 1 82  ? 6.981   9.258   -9.533  0.25 19.51 ? 88  ARG B CD  1 
ATOM   699  C CD  B ARG A 1 82  ? 8.442   9.677   -9.051  0.25 10.90 ? 88  ARG B CD  1 
ATOM   700  N NE  A ARG A 1 82  ? 6.192   9.127   -10.752 0.25 19.69 ? 88  ARG B NE  1 
ATOM   701  N NE  B ARG A 1 82  ? 7.461   9.428   -10.081 0.25 10.79 ? 88  ARG B NE  1 
ATOM   702  C CZ  A ARG A 1 82  ? 5.329   10.029  -11.189 0.25 19.57 ? 88  ARG B CZ  1 
ATOM   703  C CZ  B ARG A 1 82  ? 6.347   10.137  -10.272 0.25 10.56 ? 88  ARG B CZ  1 
ATOM   704  N NH1 A ARG A 1 82  ? 5.142   11.150  -10.517 0.25 18.96 ? 88  ARG B NH1 1 
ATOM   705  N NH1 B ARG A 1 82  ? 6.103   11.210  -9.559  0.25 11.87 ? 88  ARG B NH1 1 
ATOM   706  N NH2 A ARG A 1 82  ? 4.678   9.815   -12.316 0.25 21.83 ? 88  ARG B NH2 1 
ATOM   707  N NH2 B ARG A 1 82  ? 5.482   9.765   -11.199 0.25 10.39 ? 88  ARG B NH2 1 
ATOM   708  N N   . ASP A 1 83  ? 9.484   6.912   -5.221  1.00 13.41 ? 89  ASP B N   1 
ATOM   709  C CA  . ASP A 1 83  ? 10.302  7.275   -4.028  1.00 14.60 ? 89  ASP B CA  1 
ATOM   710  C C   . ASP A 1 83  ? 10.135  8.760   -3.730  1.00 15.86 ? 89  ASP B C   1 
ATOM   711  O O   . ASP A 1 83  ? 10.267  9.110   -2.540  1.00 19.16 ? 89  ASP B O   1 
ATOM   712  C CB  . ASP A 1 83  ? 11.755  6.898   -4.269  1.00 16.55 ? 89  ASP B CB  1 
ATOM   713  C CG  . ASP A 1 83  ? 12.478  7.569   -5.396  1.00 18.69 ? 89  ASP B CG  1 
ATOM   714  O OD1 . ASP A 1 83  ? 11.871  8.282   -6.213  1.00 20.52 ? 89  ASP B OD1 1 
ATOM   715  O OD2 . ASP A 1 83  ? 13.731  7.372   -5.406  1.00 21.56 ? 89  ASP B OD2 1 
ATOM   716  N N   . SER A 1 84  ? 9.882   9.641   -4.690  1.00 13.64 ? 90  SER B N   1 
ATOM   717  C CA  . SER A 1 84  ? 9.868   11.106  -4.490  1.00 16.08 ? 90  SER B CA  1 
ATOM   718  C C   . SER A 1 84  ? 8.474   11.685  -4.202  1.00 15.11 ? 90  SER B C   1 
ATOM   719  O O   . SER A 1 84  ? 8.301   12.897  -4.345  1.00 16.43 ? 90  SER B O   1 
ATOM   720  C CB  . SER A 1 84  ? 10.507  11.761  -5.682  1.00 17.40 ? 90  SER B CB  1 
ATOM   721  O OG  . SER A 1 84  ? 9.870   11.395  -6.858  1.00 19.46 ? 90  SER B OG  1 
ATOM   722  N N   . VAL A 1 85  ? 7.473   10.854  -3.889  1.00 13.92 ? 91  VAL B N   1 
ATOM   723  C CA  . VAL A 1 85  ? 6.134   11.406  -3.568  1.00 14.04 ? 91  VAL B CA  1 
ATOM   724  C C   . VAL A 1 85  ? 6.235   12.428  -2.435  1.00 14.62 ? 91  VAL B C   1 
ATOM   725  O O   . VAL A 1 85  ? 7.040   12.254  -1.506  1.00 15.09 ? 91  VAL B O   1 
ATOM   726  C CB  . VAL A 1 85  ? 5.062   10.338  -3.273  1.00 13.55 ? 91  VAL B CB  1 
ATOM   727  C CG1 . VAL A 1 85  ? 4.773   9.507   -4.516  1.00 13.73 ? 91  VAL B CG1 1 
ATOM   728  C CG2 . VAL A 1 85  ? 5.356   9.482   -2.061  1.00 12.92 ? 91  VAL B CG2 1 
ATOM   729  N N   . GLN A 1 86  ? 5.322   13.378  -2.500  1.00 16.02 ? 92  GLN B N   1 
ATOM   730  C CA  . GLN A 1 86  ? 5.053   14.379  -1.422  1.00 16.97 ? 92  GLN B CA  1 
ATOM   731  C C   . GLN A 1 86  ? 4.783   13.660  -0.091  1.00 16.12 ? 92  GLN B C   1 
ATOM   732  O O   . GLN A 1 86  ? 4.038   12.697  -0.067  1.00 16.44 ? 92  GLN B O   1 
ATOM   733  C CB  . GLN A 1 86  ? 3.855   15.224  -1.870  1.00 20.00 ? 92  GLN B CB  1 
ATOM   734  C CG  . GLN A 1 86  ? 3.341   16.265  -0.879  1.00 22.96 ? 92  GLN B CG  1 
ATOM   735  C CD  . GLN A 1 86  ? 2.072   16.962  -1.348  1.00 23.28 ? 92  GLN B CD  1 
ATOM   736  O OE1 . GLN A 1 86  ? 1.658   16.891  -2.529  1.00 27.37 ? 92  GLN B OE1 1 
ATOM   737  N NE2 . GLN A 1 86  ? 1.402   17.670  -0.435  1.00 24.41 ? 92  GLN B NE2 1 
ATOM   738  N N   . ARG A 1 87  ? 5.347   14.162  1.005   1.00 15.32 ? 93  ARG B N   1 
ATOM   739  C CA  . ARG A 1 87  ? 5.204   13.555  2.355   1.00 15.54 ? 93  ARG B CA  1 
ATOM   740  C C   . ARG A 1 87  ? 4.349   14.490  3.221   1.00 16.18 ? 93  ARG B C   1 
ATOM   741  O O   . ARG A 1 87  ? 3.675   13.980  4.117   1.00 16.35 ? 93  ARG B O   1 
ATOM   742  C CB  . ARG A 1 87  ? 6.557   13.325  3.016   1.00 16.70 ? 93  ARG B CB  1 
ATOM   743  C CG  . ARG A 1 87  ? 7.562   12.484  2.237   1.00 15.83 ? 93  ARG B CG  1 
ATOM   744  C CD  . ARG A 1 87  ? 6.964   11.162  1.754   1.00 16.30 ? 93  ARG B CD  1 
ATOM   745  N NE  . ARG A 1 87  ? 7.917   10.525  0.825   1.00 17.68 ? 93  ARG B NE  1 
ATOM   746  C CZ  . ARG A 1 87  ? 8.973   9.798   1.157   1.00 17.60 ? 93  ARG B CZ  1 
ATOM   747  N NH1 . ARG A 1 87  ? 9.252   9.540   2.422   1.00 18.14 ? 93  ARG B NH1 1 
ATOM   748  N NH2 . ARG A 1 87  ? 9.776   9.357   0.217   1.00 19.18 ? 93  ARG B NH2 1 
ATOM   749  N N   . LYS A 1 88  ? 4.405   15.810  2.992   1.00 16.44 ? 94  LYS B N   1 
ATOM   750  C CA  . LYS A 1 88  ? 3.779   16.776  3.929   1.00 16.62 ? 94  LYS B CA  1 
ATOM   751  C C   . LYS A 1 88  ? 2.532   17.386  3.325   1.00 18.40 ? 94  LYS B C   1 
ATOM   752  O O   . LYS A 1 88  ? 2.547   17.675  2.115   1.00 20.46 ? 94  LYS B O   1 
ATOM   753  C CB  . LYS A 1 88  ? 4.779   17.866  4.315   1.00 18.02 ? 94  LYS B CB  1 
ATOM   754  C CG  . LYS A 1 88  ? 6.120   17.372  4.778   1.00 19.73 ? 94  LYS B CG  1 
ATOM   755  C CD  . LYS A 1 88  ? 6.052   16.448  5.997   1.00 19.62 ? 94  LYS B CD  1 
ATOM   756  C CE  . LYS A 1 88  ? 7.440   16.069  6.424   1.00 20.40 ? 94  LYS B CE  1 
ATOM   757  N NZ  . LYS A 1 88  ? 7.450   15.178  7.618   1.00 22.20 ? 94  LYS B NZ  1 
ATOM   758  N N   . GLY A 1 89  ? 1.531   17.661  4.139   1.00 18.85 ? 95  GLY B N   1 
ATOM   759  C CA  . GLY A 1 89  ? 0.333   18.338  3.670   1.00 20.02 ? 95  GLY B CA  1 
ATOM   760  C C   . GLY A 1 89  ? -0.656  17.409  3.023   1.00 21.43 ? 95  GLY B C   1 
ATOM   761  O O   . GLY A 1 89  ? -0.490  16.127  3.099   1.00 19.81 ? 95  GLY B O   1 
ATOM   762  N N   . GLN A 1 90  ? -1.683  17.989  2.405   0.50 21.06 ? 96  GLN B N   1 
ATOM   763  C CA  . GLN A 1 90  ? -2.799  17.242  1.777   0.50 22.61 ? 96  GLN B CA  1 
ATOM   764  C C   . GLN A 1 90  ? -2.429  16.886  0.339   0.50 21.36 ? 96  GLN B C   1 
ATOM   765  O O   . GLN A 1 90  ? -1.726  17.684  -0.305  0.50 22.05 ? 96  GLN B O   1 
ATOM   766  C CB  . GLN A 1 90  ? -4.077  18.078  1.786   0.50 24.99 ? 96  GLN B CB  1 
ATOM   767  C CG  . GLN A 1 90  ? -4.580  18.380  3.183   0.50 28.02 ? 96  GLN B CG  1 
ATOM   768  C CD  . GLN A 1 90  ? -5.393  19.648  3.210   0.50 32.28 ? 96  GLN B CD  1 
ATOM   769  O OE1 . GLN A 1 90  ? -6.362  19.805  2.462   0.50 32.43 ? 96  GLN B OE1 1 
ATOM   770  N NE2 . GLN A 1 90  ? -4.991  20.567  4.077   0.50 34.21 ? 96  GLN B NE2 1 
ATOM   771  N N   . PHE A 1 91  ? -2.863  15.713  -0.125  1.00 19.01 ? 97  PHE B N   1 
ATOM   772  C CA  . PHE A 1 91  ? -2.672  15.277  -1.522  1.00 18.38 ? 97  PHE B CA  1 
ATOM   773  C C   . PHE A 1 91  ? -3.629  14.120  -1.782  1.00 17.93 ? 97  PHE B C   1 
ATOM   774  O O   . PHE A 1 91  ? -4.079  13.426  -0.858  1.00 18.93 ? 97  PHE B O   1 
ATOM   775  C CB  . PHE A 1 91  ? -1.224  14.856  -1.818  1.00 17.74 ? 97  PHE B CB  1 
ATOM   776  C CG  . PHE A 1 91  ? -0.714  13.792  -0.888  1.00 17.21 ? 97  PHE B CG  1 
ATOM   777  C CD1 . PHE A 1 91  ? -0.947  12.454  -1.183  1.00 18.44 ? 97  PHE B CD1 1 
ATOM   778  C CD2 . PHE A 1 91  ? 0.031   14.110  0.223   1.00 18.11 ? 97  PHE B CD2 1 
ATOM   779  C CE1 . PHE A 1 91  ? -0.455  11.452  -0.356  1.00 16.26 ? 97  PHE B CE1 1 
ATOM   780  C CE2 . PHE A 1 91  ? 0.548   13.108  1.041   1.00 17.67 ? 97  PHE B CE2 1 
ATOM   781  C CZ  . PHE A 1 91  ? 0.298   11.789  0.739   1.00 17.06 ? 97  PHE B CZ  1 
ATOM   782  N N   A SER A 1 92  ? -3.970  13.920  -3.049  0.25 18.76 ? 98  SER B N   1 
ATOM   783  N N   B SER A 1 92  ? -3.931  13.927  -3.063  0.25 17.85 ? 98  SER B N   1 
ATOM   784  C CA  A SER A 1 92  ? -4.791  12.776  -3.512  0.25 18.60 ? 98  SER B CA  1 
ATOM   785  C CA  B SER A 1 92  ? -4.757  12.816  -3.592  0.25 17.12 ? 98  SER B CA  1 
ATOM   786  C C   A SER A 1 92  ? -3.877  11.647  -3.996  0.25 16.99 ? 98  SER B C   1 
ATOM   787  C C   B SER A 1 92  ? -3.854  11.644  -4.003  0.25 16.11 ? 98  SER B C   1 
ATOM   788  O O   A SER A 1 92  ? -2.784  11.926  -4.529  0.25 17.38 ? 98  SER B O   1 
ATOM   789  O O   B SER A 1 92  ? -2.719  11.893  -4.472  0.25 16.47 ? 98  SER B O   1 
ATOM   790  C CB  A SER A 1 92  ? -5.715  13.188  -4.611  0.25 21.67 ? 98  SER B CB  1 
ATOM   791  C CB  B SER A 1 92  ? -5.590  13.285  -4.758  0.25 18.61 ? 98  SER B CB  1 
ATOM   792  O OG  A SER A 1 92  ? -5.065  14.137  -5.429  0.25 25.43 ? 98  SER B OG  1 
ATOM   793  O OG  B SER A 1 92  ? -6.569  14.219  -4.314  0.25 20.07 ? 98  SER B OG  1 
ATOM   794  N N   . LEU A 1 93  ? -4.335  10.417  -3.811  1.00 15.21 ? 99  LEU B N   1 
ATOM   795  C CA  . LEU A 1 93  ? -3.635  9.233   -4.345  1.00 15.41 ? 99  LEU B CA  1 
ATOM   796  C C   . LEU A 1 93  ? -4.013  9.094   -5.809  1.00 15.55 ? 99  LEU B C   1 
ATOM   797  O O   . LEU A 1 93  ? -5.112  8.668   -6.131  1.00 18.09 ? 99  LEU B O   1 
ATOM   798  C CB  . LEU A 1 93  ? -4.001  7.984   -3.553  1.00 15.77 ? 99  LEU B CB  1 
ATOM   799  C CG  . LEU A 1 93  ? -3.580  7.968   -2.093  1.00 17.45 ? 99  LEU B CG  1 
ATOM   800  C CD1 . LEU A 1 93  ? -4.062  6.712   -1.399  1.00 18.19 ? 99  LEU B CD1 1 
ATOM   801  C CD2 . LEU A 1 93  ? -2.084  8.098   -1.902  1.00 17.94 ? 99  LEU B CD2 1 
ATOM   802  N N   . SER A 1 94  ? -3.102  9.404   -6.735  1.00 14.32 ? 100 SER B N   1 
ATOM   803  C CA  . SER A 1 94  ? -3.362  9.359   -8.191  1.00 15.49 ? 100 SER B CA  1 
ATOM   804  C C   . SER A 1 94  ? -2.050  9.053   -8.869  1.00 13.34 ? 100 SER B C   1 
ATOM   805  O O   . SER A 1 94  ? -0.982  9.412   -8.330  1.00 13.23 ? 100 SER B O   1 
ATOM   806  C CB  . SER A 1 94  ? -3.912  10.628  -8.782  1.00 16.10 ? 100 SER B CB  1 
ATOM   807  O OG  . SER A 1 94  ? -2.978  11.673  -8.603  1.00 19.93 ? 100 SER B OG  1 
ATOM   808  N N   . PRO A 1 95  ? -2.063  8.477   -10.064 1.00 13.07 ? 101 PRO B N   1 
ATOM   809  C CA  . PRO A 1 95  ? -0.838  8.345   -10.841 1.00 14.52 ? 101 PRO B CA  1 
ATOM   810  C C   . PRO A 1 95  ? -0.122  9.679   -11.108 1.00 14.22 ? 101 PRO B C   1 
ATOM   811  O O   . PRO A 1 95  ? 1.136   9.737   -11.079 1.00 14.69 ? 101 PRO B O   1 
ATOM   812  C CB  . PRO A 1 95  ? -1.262  7.625   -12.123 1.00 14.88 ? 101 PRO B CB  1 
ATOM   813  C CG  . PRO A 1 95  ? -2.470  6.813   -11.646 1.00 15.09 ? 101 PRO B CG  1 
ATOM   814  C CD  . PRO A 1 95  ? -3.181  7.761   -10.701 1.00 14.47 ? 101 PRO B CD  1 
ATOM   815  N N   . GLU A 1 96  ? -0.890  10.748  -11.337 0.50 16.05 ? 102 GLU B N   1 
ATOM   816  C CA  . GLU A 1 96  ? -0.336  12.117  -11.554 0.50 18.28 ? 102 GLU B CA  1 
ATOM   817  C C   . GLU A 1 96  ? 0.568   12.489  -10.370 0.50 17.32 ? 102 GLU B C   1 
ATOM   818  O O   . GLU A 1 96  ? 1.630   13.119  -10.584 0.50 18.87 ? 102 GLU B O   1 
ATOM   819  C CB  . GLU A 1 96  ? -1.468  13.131  -11.745 0.50 21.29 ? 102 GLU B CB  1 
ATOM   820  C CG  . GLU A 1 96  ? -1.003  14.575  -11.702 0.50 23.88 ? 102 GLU B CG  1 
ATOM   821  C CD  . GLU A 1 96  ? -0.104  14.993  -12.854 0.50 27.48 ? 102 GLU B CD  1 
ATOM   822  O OE1 . GLU A 1 96  ? 0.831   15.796  -12.611 0.50 31.00 ? 102 GLU B OE1 1 
ATOM   823  O OE2 . GLU A 1 96  ? -0.340  14.525  -13.991 0.50 28.76 ? 102 GLU B OE2 1 
ATOM   824  N N   . ASN A 1 97  ? 0.194   12.091  -9.152  1.00 16.03 ? 103 ASN B N   1 
ATOM   825  C CA  . ASN A 1 97  ? 0.979   12.413  -7.932  1.00 15.56 ? 103 ASN B CA  1 
ATOM   826  C C   . ASN A 1 97  ? 1.966   11.302  -7.590  1.00 14.02 ? 103 ASN B C   1 
ATOM   827  O O   . ASN A 1 97  ? 2.658   11.421  -6.567  1.00 15.31 ? 103 ASN B O   1 
ATOM   828  C CB  . ASN A 1 97  ? 0.056   12.672  -6.734  1.00 16.90 ? 103 ASN B CB  1 
ATOM   829  C CG  . ASN A 1 97  ? -0.671  13.987  -6.813  1.00 19.98 ? 103 ASN B CG  1 
ATOM   830  O OD1 . ASN A 1 97  ? -0.243  14.891  -7.565  1.00 21.50 ? 103 ASN B OD1 1 
ATOM   831  N ND2 . ASN A 1 97  ? -1.813  14.071  -6.145  1.00 20.30 ? 103 ASN B ND2 1 
ATOM   832  N N   . GLY A 1 98  ? 2.124   10.274  -8.420  1.00 12.30 ? 104 GLY B N   1 
ATOM   833  C CA  . GLY A 1 98  ? 3.100   9.204   -8.201  1.00 12.10 ? 104 GLY B CA  1 
ATOM   834  C C   . GLY A 1 98  ? 2.641   8.008   -7.383  1.00 11.64 ? 104 GLY B C   1 
ATOM   835  O O   . GLY A 1 98  ? 3.483   7.327   -6.796  1.00 12.14 ? 104 GLY B O   1 
ATOM   836  N N   . PHE A 1 99  ? 1.331   7.719   -7.381  1.00 12.47 ? 105 PHE B N   1 
ATOM   837  C CA  . PHE A 1 99  ? 0.752   6.583   -6.611  1.00 11.69 ? 105 PHE B CA  1 
ATOM   838  C C   . PHE A 1 99  ? -0.044  5.645   -7.516  1.00 11.11 ? 105 PHE B C   1 
ATOM   839  O O   . PHE A 1 99  ? -0.875  6.190   -8.289  1.00 12.62 ? 105 PHE B O   1 
ATOM   840  C CB  . PHE A 1 99  ? -0.191  7.091   -5.501  1.00 11.90 ? 105 PHE B CB  1 
ATOM   841  C CG  . PHE A 1 99  ? 0.480   7.945   -4.447  1.00 11.69 ? 105 PHE B CG  1 
ATOM   842  C CD1 . PHE A 1 99  ? 0.528   9.319   -4.611  1.00 12.73 ? 105 PHE B CD1 1 
ATOM   843  C CD2 . PHE A 1 99  ? 1.000   7.398   -3.287  1.00 12.17 ? 105 PHE B CD2 1 
ATOM   844  C CE1 . PHE A 1 99  ? 1.141   10.119  -3.659  1.00 13.57 ? 105 PHE B CE1 1 
ATOM   845  C CE2 . PHE A 1 99  ? 1.604   8.205   -2.330  1.00 13.05 ? 105 PHE B CE2 1 
ATOM   846  C CZ  . PHE A 1 99  ? 1.605   9.562   -2.500  1.00 13.04 ? 105 PHE B CZ  1 
ATOM   847  N N   . TRP A 1 100 ? 0.105   4.338   -7.313  1.00 10.39 ? 106 TRP B N   1 
ATOM   848  C CA  . TRP A 1 100 ? -0.674  3.272   -7.989  1.00 10.01 ? 106 TRP B CA  1 
ATOM   849  C C   . TRP A 1 100 ? -1.243  2.392   -6.888  1.00 10.23 ? 106 TRP B C   1 
ATOM   850  O O   . TRP A 1 100 ? -0.528  1.541   -6.327  1.00 10.26 ? 106 TRP B O   1 
ATOM   851  C CB  . TRP A 1 100 ? 0.191   2.518   -9.017  1.00 10.51 ? 106 TRP B CB  1 
ATOM   852  C CG  . TRP A 1 100 ? 0.638   3.448   -10.120 1.00 10.66 ? 106 TRP B CG  1 
ATOM   853  C CD1 . TRP A 1 100 ? 0.047   3.666   -11.332 1.00 12.07 ? 106 TRP B CD1 1 
ATOM   854  C CD2 . TRP A 1 100 ? 1.829   4.281   -10.101 1.00 10.97 ? 106 TRP B CD2 1 
ATOM   855  N NE1 . TRP A 1 100 ? 0.748   4.635   -12.033 1.00 12.42 ? 106 TRP B NE1 1 
ATOM   856  C CE2 . TRP A 1 100 ? 1.836   5.021   -11.301 1.00 12.10 ? 106 TRP B CE2 1 
ATOM   857  C CE3 . TRP A 1 100 ? 2.854   4.477   -9.179  1.00 11.25 ? 106 TRP B CE3 1 
ATOM   858  C CZ2 . TRP A 1 100 ? 2.841   5.954   -11.587 1.00 13.44 ? 106 TRP B CZ2 1 
ATOM   859  C CZ3 . TRP A 1 100 ? 3.841   5.414   -9.468  1.00 13.02 ? 106 TRP B CZ3 1 
ATOM   860  C CH2 . TRP A 1 100 ? 3.812   6.142   -10.633 1.00 12.81 ? 106 TRP B CH2 1 
ATOM   861  N N   . THR A 1 101 ? -2.515  2.665   -6.531  1.00 10.74 ? 107 THR B N   1 
ATOM   862  C CA  . THR A 1 101 ? -3.092  2.169   -5.251  1.00 10.36 ? 107 THR B CA  1 
ATOM   863  C C   . THR A 1 101 ? -4.559  1.754   -5.452  1.00 10.39 ? 107 THR B C   1 
ATOM   864  O O   . THR A 1 101 ? -5.218  2.236   -6.384  1.00 10.75 ? 107 THR B O   1 
ATOM   865  C CB  . THR A 1 101 ? -3.041  3.232   -4.151  1.00 11.43 ? 107 THR B CB  1 
ATOM   866  O OG1 . THR A 1 101 ? -3.809  4.365   -4.494  1.00 11.79 ? 107 THR B OG1 1 
ATOM   867  C CG2 . THR A 1 101 ? -1.616  3.614   -3.824  1.00 11.68 ? 107 THR B CG2 1 
ATOM   868  N N   . ILE A 1 102 ? -5.020  0.916   -4.546  1.00 10.44 ? 108 ILE B N   1 
ATOM   869  C CA  . ILE A 1 102 ? -6.475  0.662   -4.341  1.00 10.52 ? 108 ILE B CA  1 
ATOM   870  C C   . ILE A 1 102 ? -6.740  0.937   -2.864  1.00 11.06 ? 108 ILE B C   1 
ATOM   871  O O   . ILE A 1 102 ? -5.809  0.936   -2.028  1.00 10.93 ? 108 ILE B O   1 
ATOM   872  C CB  . ILE A 1 102 ? -6.896  -0.776  -4.779  1.00 11.60 ? 108 ILE B CB  1 
ATOM   873  C CG1 . ILE A 1 102 ? -6.295  -1.867  -3.901  1.00 12.22 ? 108 ILE B CG1 1 
ATOM   874  C CG2 . ILE A 1 102 ? -6.559  -0.953  -6.243  1.00 13.07 ? 108 ILE B CG2 1 
ATOM   875  C CD1 . ILE A 1 102 ? -6.878  -3.273  -4.114  1.00 13.32 ? 108 ILE B CD1 1 
ATOM   876  N N   . TRP A 1 103 ? -8.025  0.995   -2.533  1.00 11.33 ? 109 TRP B N   1 
ATOM   877  C CA  . TRP A 1 103 ? -8.397  1.246   -1.131  1.00 11.73 ? 109 TRP B CA  1 
ATOM   878  C C   . TRP A 1 103 ? -9.765  0.707   -0.812  1.00 11.99 ? 109 TRP B C   1 
ATOM   879  O O   . TRP A 1 103 ? -10.588 0.437   -1.699  1.00 12.53 ? 109 TRP B O   1 
ATOM   880  C CB  . TRP A 1 103 ? -8.283  2.695   -0.772  1.00 14.61 ? 109 TRP B CB  1 
ATOM   881  C CG  . TRP A 1 103 ? -9.204  3.602   -1.478  1.00 16.74 ? 109 TRP B CG  1 
ATOM   882  C CD1 . TRP A 1 103 ? -10.538 3.780   -1.235  1.00 16.63 ? 109 TRP B CD1 1 
ATOM   883  C CD2 . TRP A 1 103 ? -8.798  4.611   -2.398  1.00 17.12 ? 109 TRP B CD2 1 
ATOM   884  N NE1 . TRP A 1 103 ? -11.003 4.812   -1.982  1.00 21.07 ? 109 TRP B NE1 1 
ATOM   885  C CE2 . TRP A 1 103 ? -9.956  5.385   -2.657  1.00 18.20 ? 109 TRP B CE2 1 
ATOM   886  C CE3 . TRP A 1 103 ? -7.565  4.970   -2.946  1.00 18.77 ? 109 TRP B CE3 1 
ATOM   887  C CZ2 . TRP A 1 103 ? -9.952  6.430   -3.566  1.00 21.09 ? 109 TRP B CZ2 1 
ATOM   888  C CZ3 . TRP A 1 103 ? -7.561  6.049   -3.796  1.00 20.74 ? 109 TRP B CZ3 1 
ATOM   889  C CH2 . TRP A 1 103 ? -8.716  6.762   -4.081  1.00 20.70 ? 109 TRP B CH2 1 
ATOM   890  N N   . LEU A 1 104 ? -9.973  0.552   0.514   1.00 12.09 ? 110 LEU B N   1 
ATOM   891  C CA  . LEU A 1 104 ? -11.309 0.328   1.097   1.00 11.84 ? 110 LEU B CA  1 
ATOM   892  C C   . LEU A 1 104 ? -11.685 1.576   1.883   1.00 11.75 ? 110 LEU B C   1 
ATOM   893  O O   . LEU A 1 104 ? -10.876 2.056   2.669   1.00 12.22 ? 110 LEU B O   1 
ATOM   894  C CB  . LEU A 1 104 ? -11.245 -0.853  2.053   1.00 12.25 ? 110 LEU B CB  1 
ATOM   895  C CG  . LEU A 1 104 ? -12.503 -1.134  2.887   1.00 12.33 ? 110 LEU B CG  1 
ATOM   896  C CD1 . LEU A 1 104 ? -13.741 -1.416  2.041   1.00 13.18 ? 110 LEU B CD1 1 
ATOM   897  C CD2 . LEU A 1 104 ? -12.236 -2.230  3.902   1.00 13.70 ? 110 LEU B CD2 1 
ATOM   898  N N   . TRP A 1 105 ? -12.914 2.035   1.728   1.00 12.56 ? 111 TRP B N   1 
ATOM   899  C CA  . TRP A 1 105 ? -13.441 3.182   2.479   1.00 13.54 ? 111 TRP B CA  1 
ATOM   900  C C   . TRP A 1 105 ? -14.958 3.080   2.485   1.00 15.32 ? 111 TRP B C   1 
ATOM   901  O O   . TRP A 1 105 ? -15.575 2.963   1.399   1.00 15.24 ? 111 TRP B O   1 
ATOM   902  C CB  . TRP A 1 105 ? -12.976 4.465   1.781   1.00 16.42 ? 111 TRP B CB  1 
ATOM   903  C CG  . TRP A 1 105 ? -13.561 5.687   2.368   1.00 20.32 ? 111 TRP B CG  1 
ATOM   904  C CD1 . TRP A 1 105 ? -14.535 6.493   1.839   1.00 22.04 ? 111 TRP B CD1 1 
ATOM   905  C CD2 . TRP A 1 105 ? -13.204 6.213   3.634   1.00 19.96 ? 111 TRP B CD2 1 
ATOM   906  N NE1 . TRP A 1 105 ? -14.777 7.502   2.706   1.00 22.88 ? 111 TRP B NE1 1 
ATOM   907  C CE2 . TRP A 1 105 ? -13.976 7.379   3.797   1.00 19.85 ? 111 TRP B CE2 1 
ATOM   908  C CE3 . TRP A 1 105 ? -12.292 5.852   4.615   1.00 20.12 ? 111 TRP B CE3 1 
ATOM   909  C CZ2 . TRP A 1 105 ? -13.874 8.171   4.922   1.00 26.12 ? 111 TRP B CZ2 1 
ATOM   910  C CZ3 . TRP A 1 105 ? -12.209 6.618   5.753   1.00 25.70 ? 111 TRP B CZ3 1 
ATOM   911  C CH2 . TRP A 1 105 ? -13.016 7.745   5.912   1.00 26.84 ? 111 TRP B CH2 1 
ATOM   912  N N   . GLN A 1 106 ? -15.551 3.117   3.694   1.00 14.78 ? 112 GLN B N   1 
ATOM   913  C CA  . GLN A 1 106 ? -17.049 3.118   3.807   1.00 15.26 ? 112 GLN B CA  1 
ATOM   914  C C   . GLN A 1 106 ? -17.704 2.018   2.986   1.00 17.42 ? 112 GLN B C   1 
ATOM   915  O O   . GLN A 1 106 ? -18.696 2.280   2.232   1.00 17.86 ? 112 GLN B O   1 
ATOM   916  C CB  . GLN A 1 106 ? -17.577 4.514   3.497   1.00 16.23 ? 112 GLN B CB  1 
ATOM   917  C CG  . GLN A 1 106 ? -17.022 5.544   4.473   1.00 17.06 ? 112 GLN B CG  1 
ATOM   918  C CD  . GLN A 1 106 ? -17.644 6.915   4.411   1.00 18.32 ? 112 GLN B CD  1 
ATOM   919  O OE1 . GLN A 1 106 ? -17.456 7.761   5.323   1.00 21.79 ? 112 GLN B OE1 1 
ATOM   920  N NE2 . GLN A 1 106 ? -18.377 7.168   3.344   1.00 17.66 ? 112 GLN B NE2 1 
ATOM   921  N N   . ASP A 1 107 ? -17.250 0.778   3.170   0.50 17.48 ? 113 ASP B N   1 
ATOM   922  C CA  . ASP A 1 107 ? -17.822 -0.438  2.526   0.50 20.24 ? 113 ASP B CA  1 
ATOM   923  C C   . ASP A 1 107 ? -17.833 -0.331  0.998   0.50 19.91 ? 113 ASP B C   1 
ATOM   924  O O   . ASP A 1 107 ? -18.734 -0.912  0.374   0.50 21.63 ? 113 ASP B O   1 
ATOM   925  C CB  . ASP A 1 107 ? -19.267 -0.712  2.955   0.50 22.66 ? 113 ASP B CB  1 
ATOM   926  C CG  . ASP A 1 107 ? -19.338 -1.788  4.012   0.50 26.24 ? 113 ASP B CG  1 
ATOM   927  O OD1 . ASP A 1 107 ? -19.999 -2.832  3.758   0.50 31.33 ? 113 ASP B OD1 1 
ATOM   928  O OD2 . ASP A 1 107 ? -18.724 -1.583  5.059   0.50 27.11 ? 113 ASP B OD2 1 
ATOM   929  N N   . SER A 1 108 ? -16.892 0.393   0.412   1.00 18.25 ? 114 SER B N   1 
ATOM   930  C CA  . SER A 1 108 ? -16.643 0.333   -1.055  1.00 19.10 ? 114 SER B CA  1 
ATOM   931  C C   . SER A 1 108 ? -15.143 0.232   -1.329  1.00 15.77 ? 114 SER B C   1 
ATOM   932  O O   . SER A 1 108 ? -14.284 0.848   -0.597  1.00 14.47 ? 114 SER B O   1 
ATOM   933  C CB  . SER A 1 108 ? -17.368 1.437   -1.780  1.00 26.40 ? 114 SER B CB  1 
ATOM   934  O OG  . SER A 1 108 ? -16.654 2.632   -1.729  1.00 36.78 ? 114 SER B OG  1 
ATOM   935  N N   . TYR A 1 109 ? -14.799 -0.566  -2.313  1.00 13.87 ? 115 TYR B N   1 
ATOM   936  C CA  . TYR A 1 109 ? -13.398 -0.683  -2.804  1.00 12.71 ? 115 TYR B CA  1 
ATOM   937  C C   . TYR A 1 109 ? -13.257 0.166   -4.063  1.00 12.51 ? 115 TYR B C   1 
ATOM   938  O O   . TYR A 1 109 ? -14.129 0.128   -4.937  1.00 13.87 ? 115 TYR B O   1 
ATOM   939  C CB  . TYR A 1 109 ? -13.081 -2.137  -3.081  1.00 12.63 ? 115 TYR B CB  1 
ATOM   940  C CG  . TYR A 1 109 ? -13.153 -3.028  -1.849  1.00 12.63 ? 115 TYR B CG  1 
ATOM   941  C CD1 . TYR A 1 109 ? -14.318 -3.690  -1.525  1.00 14.14 ? 115 TYR B CD1 1 
ATOM   942  C CD2 . TYR A 1 109 ? -12.038 -3.281  -1.078  1.00 12.67 ? 115 TYR B CD2 1 
ATOM   943  C CE1 . TYR A 1 109 ? -14.373 -4.545  -0.435  1.00 14.64 ? 115 TYR B CE1 1 
ATOM   944  C CE2 . TYR A 1 109 ? -12.085 -4.102  0.042   1.00 13.82 ? 115 TYR B CE2 1 
ATOM   945  C CZ  . TYR A 1 109 ? -13.267 -4.751  0.352   1.00 14.48 ? 115 TYR B CZ  1 
ATOM   946  O OH  . TYR A 1 109 ? -13.390 -5.552  1.466   1.00 15.70 ? 115 TYR B OH  1 
ATOM   947  N N   . GLU A 1 110 ? -12.175 0.947   -4.146  0.50 13.12 ? 116 GLU B N   1 
ATOM   948  C CA  . GLU A 1 110 ? -11.904 1.887   -5.264  0.50 13.49 ? 116 GLU B CA  1 
ATOM   949  C C   . GLU A 1 110 ? -10.443 1.731   -5.718  0.50 11.98 ? 116 GLU B C   1 
ATOM   950  O O   . GLU A 1 110 ? -9.589  1.373   -4.898  0.50 12.00 ? 116 GLU B O   1 
ATOM   951  C CB  . GLU A 1 110 ? -12.186 3.331   -4.846  0.50 15.41 ? 116 GLU B CB  1 
ATOM   952  C CG  . GLU A 1 110 ? -13.631 3.590   -4.422  0.50 17.90 ? 116 GLU B CG  1 
ATOM   953  C CD  . GLU A 1 110 ? -14.613 3.895   -5.541  0.50 19.79 ? 116 GLU B CD  1 
ATOM   954  O OE1 . GLU A 1 110 ? -14.179 4.294   -6.648  0.50 24.61 ? 116 GLU B OE1 1 
ATOM   955  O OE2 . GLU A 1 110 ? -15.823 3.768   -5.295  0.50 26.57 ? 116 GLU B OE2 1 
ATOM   956  N N   . ALA A 1 111 ? -10.185 1.989   -7.002  1.00 11.87 ? 117 ALA B N   1 
ATOM   957  C CA  . ALA A 1 111 ? -8.819  2.186   -7.502  1.00 11.81 ? 117 ALA B CA  1 
ATOM   958  C C   . ALA A 1 111 ? -8.525  3.682   -7.537  1.00 12.72 ? 117 ALA B C   1 
ATOM   959  O O   . ALA A 1 111 ? -9.361  4.511   -7.926  1.00 12.68 ? 117 ALA B O   1 
ATOM   960  C CB  . ALA A 1 111 ? -8.638  1.584   -8.879  1.00 12.30 ? 117 ALA B CB  1 
ATOM   961  N N   . GLY A 1 112 ? -7.297  4.044   -7.126  1.00 12.36 ? 118 GLY B N   1 
ATOM   962  C CA  . GLY A 1 112 ? -6.780  5.418   -7.026  1.00 13.42 ? 118 GLY B CA  1 
ATOM   963  C C   . GLY A 1 112 ? -6.445  6.020   -8.367  1.00 13.82 ? 118 GLY B C   1 
ATOM   964  O O   . GLY A 1 112 ? -5.361  6.483   -8.584  1.00 15.52 ? 118 GLY B O   1 
ATOM   965  N N   . THR A 1 113 ? -7.347  5.990   -9.314  1.00 15.47 ? 119 THR B N   1 
ATOM   966  C CA  . THR A 1 113 ? -7.276  6.809   -10.538 1.00 17.12 ? 119 THR B CA  1 
ATOM   967  C C   . THR A 1 113 ? -7.826  8.206   -10.239 1.00 17.01 ? 119 THR B C   1 
ATOM   968  O O   . THR A 1 113 ? -8.355  8.408   -9.171  1.00 19.05 ? 119 THR B O   1 
ATOM   969  C CB  . THR A 1 113 ? -8.069  6.088   -11.610 1.00 14.96 ? 119 THR B CB  1 
ATOM   970  O OG1 . THR A 1 113 ? -9.400  5.826   -11.133 1.00 15.17 ? 119 THR B OG1 1 
ATOM   971  C CG2 . THR A 1 113 ? -7.479  4.796   -12.058 1.00 16.78 ? 119 THR B CG2 1 
ATOM   972  N N   . SER A 1 114 ? -7.708  9.141   -11.188 1.00 20.79 ? 120 SER B N   1 
ATOM   973  C CA  . SER A 1 114 ? -8.293  10.485  -10.995 1.00 22.83 ? 120 SER B CA  1 
ATOM   974  C C   . SER A 1 114 ? -9.294  10.764  -12.114 1.00 24.73 ? 120 SER B C   1 
ATOM   975  O O   . SER A 1 114 ? -8.906  10.893  -13.278 1.00 26.35 ? 120 SER B O   1 
ATOM   976  C CB  . SER A 1 114 ? -7.205  11.550  -10.937 1.00 30.18 ? 120 SER B CB  1 
ATOM   977  O OG  . SER A 1 114 ? -7.786  12.833  -10.682 1.00 34.58 ? 120 SER B OG  1 
ATOM   978  N N   . PRO A 1 115 ? -10.611 10.743  -11.840 1.00 22.03 ? 121 PRO B N   1 
ATOM   979  C CA  . PRO A 1 115 ? -11.192 10.410  -10.554 1.00 23.70 ? 121 PRO B CA  1 
ATOM   980  C C   . PRO A 1 115 ? -11.182 8.898   -10.295 1.00 18.72 ? 121 PRO B C   1 
ATOM   981  O O   . PRO A 1 115 ? -10.838 8.100   -11.168 1.00 17.41 ? 121 PRO B O   1 
ATOM   982  C CB  . PRO A 1 115 ? -12.638 10.860  -10.667 1.00 26.38 ? 121 PRO B CB  1 
ATOM   983  C CG  . PRO A 1 115 ? -12.951 10.635  -12.127 1.00 24.74 ? 121 PRO B CG  1 
ATOM   984  C CD  . PRO A 1 115 ? -11.658 10.908  -12.874 1.00 24.02 ? 121 PRO B CD  1 
ATOM   985  N N   . GLN A 1 116 ? -11.459 8.538   -9.052  1.00 19.10 ? 122 GLN B N   1 
ATOM   986  C CA  . GLN A 1 116 ? -11.364 7.132   -8.597  1.00 17.43 ? 122 GLN B CA  1 
ATOM   987  C C   . GLN A 1 116 ? -12.352 6.213   -9.346  1.00 15.70 ? 122 GLN B C   1 
ATOM   988  O O   . GLN A 1 116 ? -13.417 6.664   -9.811  1.00 17.64 ? 122 GLN B O   1 
ATOM   989  C CB  . GLN A 1 116 ? -11.500 7.011   -7.086  1.00 22.21 ? 122 GLN B CB  1 
ATOM   990  C CG  . GLN A 1 116 ? -12.904 7.158   -6.569  1.00 29.66 ? 122 GLN B CG  1 
ATOM   991  C CD  . GLN A 1 116 ? -13.048 8.414   -5.755  1.00 39.83 ? 122 GLN B CD  1 
ATOM   992  O OE1 . GLN A 1 116 ? -12.595 9.494   -6.141  1.00 48.69 ? 122 GLN B OE1 1 
ATOM   993  N NE2 . GLN A 1 116 ? -13.722 8.269   -4.635  1.00 47.66 ? 122 GLN B NE2 1 
ATOM   994  N N   . THR A 1 117 ? -11.976 4.946   -9.467  1.00 13.74 ? 123 THR B N   1 
ATOM   995  C CA  . THR A 1 117 ? -12.742 3.934   -10.201 1.00 13.14 ? 123 THR B CA  1 
ATOM   996  C C   . THR A 1 117 ? -13.333 2.931   -9.216  1.00 13.04 ? 123 THR B C   1 
ATOM   997  O O   . THR A 1 117 ? -12.592 2.292   -8.439  1.00 14.03 ? 123 THR B O   1 
ATOM   998  C CB  . THR A 1 117 ? -11.832 3.241   -11.231 1.00 12.80 ? 123 THR B CB  1 
ATOM   999  O OG1 . THR A 1 117 ? -11.320 4.238   -12.103 1.00 14.78 ? 123 THR B OG1 1 
ATOM   1000 C CG2 . THR A 1 117 ? -12.580 2.186   -12.014 1.00 14.28 ? 123 THR B CG2 1 
ATOM   1001 N N   . THR A 1 118 ? -14.631 2.652   -9.327  1.00 14.20 ? 124 THR B N   1 
ATOM   1002 C CA  . THR A 1 118 ? -15.325 1.618   -8.549  1.00 14.90 ? 124 THR B CA  1 
ATOM   1003 C C   . THR A 1 118 ? -14.802 0.222   -8.864  1.00 13.98 ? 124 THR B C   1 
ATOM   1004 O O   . THR A 1 118 ? -14.618 -0.138  -10.087 1.00 17.11 ? 124 THR B O   1 
ATOM   1005 C CB  . THR A 1 118 ? -16.812 1.643   -8.956  1.00 18.73 ? 124 THR B CB  1 
ATOM   1006 O OG1 . THR A 1 118 ? -17.331 2.909   -8.551  1.00 21.49 ? 124 THR B OG1 1 
ATOM   1007 C CG2 . THR A 1 118 ? -17.553 0.466   -8.378  1.00 21.49 ? 124 THR B CG2 1 
ATOM   1008 N N   . LEU A 1 119 ? -14.488 -0.569  -7.833  1.00 12.53 ? 125 LEU B N   1 
ATOM   1009 C CA  . LEU A 1 119 ? -14.050 -1.963  -7.982  1.00 12.75 ? 125 LEU B CA  1 
ATOM   1010 C C   . LEU A 1 119 ? -15.267 -2.859  -7.718  1.00 14.72 ? 125 LEU B C   1 
ATOM   1011 O O   . LEU A 1 119 ? -16.217 -2.419  -7.026  1.00 20.69 ? 125 LEU B O   1 
ATOM   1012 C CB  . LEU A 1 119 ? -12.876 -2.322  -7.049  1.00 12.97 ? 125 LEU B CB  1 
ATOM   1013 C CG  . LEU A 1 119 ? -11.632 -1.445  -7.266  1.00 12.35 ? 125 LEU B CG  1 
ATOM   1014 C CD1 . LEU A 1 119 ? -10.570 -1.709  -6.206  1.00 13.33 ? 125 LEU B CD1 1 
ATOM   1015 C CD2 . LEU A 1 119 ? -11.048 -1.640  -8.669  1.00 13.07 ? 125 LEU B CD2 1 
ATOM   1016 N N   . HIS A 1 120 ? -15.272 -4.018  -8.308  1.00 13.93 ? 126 HIS B N   1 
ATOM   1017 C CA  . HIS A 1 120 ? -16.404 -4.967  -8.226  1.00 14.40 ? 126 HIS B CA  1 
ATOM   1018 C C   . HIS A 1 120 ? -15.884 -6.189  -7.504  1.00 15.39 ? 126 HIS B C   1 
ATOM   1019 O O   . HIS A 1 120 ? -15.237 -7.074  -8.140  1.00 20.59 ? 126 HIS B O   1 
ATOM   1020 C CB  . HIS A 1 120 ? -16.928 -5.286  -9.634  1.00 15.80 ? 126 HIS B CB  1 
ATOM   1021 C CG  . HIS A 1 120 ? -17.414 -4.114  -10.411 1.00 16.44 ? 126 HIS B CG  1 
ATOM   1022 N ND1 . HIS A 1 120 ? -16.595 -3.446  -11.337 1.00 18.96 ? 126 HIS B ND1 1 
ATOM   1023 C CD2 . HIS A 1 120 ? -18.582 -3.456  -10.416 1.00 18.35 ? 126 HIS B CD2 1 
ATOM   1024 C CE1 . HIS A 1 120 ? -17.282 -2.441  -11.842 1.00 20.62 ? 126 HIS B CE1 1 
ATOM   1025 N NE2 . HIS A 1 120 ? -18.498 -2.433  -11.339 1.00 18.08 ? 126 HIS B NE2 1 
ATOM   1026 N N   . ILE A 1 121 ? -16.055 -6.254  -6.212  1.00 19.16 ? 127 ILE B N   1 
ATOM   1027 C CA  . ILE A 1 121 ? -15.522 -7.354  -5.371  1.00 20.63 ? 127 ILE B CA  1 
ATOM   1028 C C   . ILE A 1 121 ? -16.720 -8.088  -4.730  1.00 21.13 ? 127 ILE B C   1 
ATOM   1029 O O   . ILE A 1 121 ? -17.471 -7.443  -4.007  1.00 26.63 ? 127 ILE B O   1 
ATOM   1030 C CB  . ILE A 1 121 ? -14.545 -6.745  -4.345  1.00 22.62 ? 127 ILE B CB  1 
ATOM   1031 C CG1 . ILE A 1 121 ? -13.306 -6.161  -5.070  1.00 21.49 ? 127 ILE B CG1 1 
ATOM   1032 C CG2 . ILE A 1 121 ? -14.230 -7.770  -3.265  1.00 26.88 ? 127 ILE B CG2 1 
ATOM   1033 C CD1 . ILE A 1 121 ? -12.135 -5.741  -4.182  1.00 22.94 ? 127 ILE B CD1 1 
ATOM   1034 N N   . GLN A 1 122 ? -16.906 -9.354  -5.073  1.00 25.35 ? 128 GLN B N   1 
ATOM   1035 C CA  . GLN A 1 122 ? -18.027 -10.172 -4.509  1.00 27.78 ? 128 GLN B CA  1 
ATOM   1036 C C   . GLN A 1 122 ? -17.607 -10.779 -3.154  1.00 25.11 ? 128 GLN B C   1 
ATOM   1037 O O   . GLN A 1 122 ? -18.472 -10.880 -2.248  1.00 25.12 ? 128 GLN B O   1 
ATOM   1038 C CB  . GLN A 1 122 ? -18.421 -11.230 -5.548  1.00 33.51 ? 128 GLN B CB  1 
ATOM   1039 C CG  . GLN A 1 122 ? -19.496 -12.216 -5.085  1.00 45.42 ? 128 GLN B CG  1 
ATOM   1040 C CD  . GLN A 1 122 ? -20.874 -11.615 -4.893  1.00 51.49 ? 128 GLN B CD  1 
ATOM   1041 O OE1 . GLN A 1 122 ? -21.107 -10.426 -5.115  1.00 56.74 ? 128 GLN B OE1 1 
ATOM   1042 N NE2 . GLN A 1 122 ? -21.806 -12.442 -4.442  1.00 58.15 ? 128 GLN B NE2 1 
ATOM   1043 N N   . VAL A 1 123 ? -16.327 -11.095 -2.991  1.00 20.75 ? 129 VAL B N   1 
ATOM   1044 C CA  . VAL A 1 123 ? -15.770 -11.741 -1.761  1.00 18.92 ? 129 VAL B CA  1 
ATOM   1045 C C   . VAL A 1 123 ? -14.827 -10.755 -1.072  1.00 20.00 ? 129 VAL B C   1 
ATOM   1046 O O   . VAL A 1 123 ? -13.723 -10.514 -1.584  1.00 18.54 ? 129 VAL B O   1 
ATOM   1047 C CB  . VAL A 1 123 ? -15.048 -13.051 -2.089  1.00 20.34 ? 129 VAL B CB  1 
ATOM   1048 C CG1 . VAL A 1 123 ? -14.434 -13.714 -0.861  1.00 21.63 ? 129 VAL B CG1 1 
ATOM   1049 C CG2 . VAL A 1 123 ? -15.981 -14.044 -2.782  1.00 22.60 ? 129 VAL B CG2 1 
ATOM   1050 N N   . PRO A 1 124 ? -15.240 -10.056 0.014   1.00 18.37 ? 130 PRO B N   1 
ATOM   1051 C CA  . PRO A 1 124 ? -14.353 -9.091  0.668   1.00 18.00 ? 130 PRO B CA  1 
ATOM   1052 C C   . PRO A 1 124 ? -13.020 -9.746  0.956   1.00 17.12 ? 130 PRO B C   1 
ATOM   1053 O O   . PRO A 1 124 ? -12.931 -10.757 1.602   1.00 16.94 ? 130 PRO B O   1 
ATOM   1054 C CB  . PRO A 1 124 ? -15.124 -8.743  1.954   1.00 20.62 ? 130 PRO B CB  1 
ATOM   1055 C CG  . PRO A 1 124 ? -16.577 -8.858  1.490   1.00 20.92 ? 130 PRO B CG  1 
ATOM   1056 C CD  . PRO A 1 124 ? -16.569 -10.095 0.664   1.00 20.48 ? 130 PRO B CD  1 
ATOM   1057 N N   . PRO A 1 125 ? -11.893 -9.185  0.488   1.00 14.72 ? 131 PRO B N   1 
ATOM   1058 C CA  . PRO A 1 125 ? -10.599 -9.794  0.693   1.00 14.71 ? 131 PRO B CA  1 
ATOM   1059 C C   . PRO A 1 125 ? -10.074 -9.693  2.119   1.00 14.89 ? 131 PRO B C   1 
ATOM   1060 O O   . PRO A 1 125 ? -10.195 -8.616  2.709   1.00 15.89 ? 131 PRO B O   1 
ATOM   1061 C CB  . PRO A 1 125 ? -9.668  -9.055  -0.289  1.00 16.45 ? 131 PRO B CB  1 
ATOM   1062 C CG  . PRO A 1 125 ? -10.379 -7.804  -0.642  1.00 17.26 ? 131 PRO B CG  1 
ATOM   1063 C CD  . PRO A 1 125 ? -11.857 -8.061  -0.469  1.00 15.74 ? 131 PRO B CD  1 
ATOM   1064 N N   . CYS A 1 126 ? -9.464  -10.756 2.589   1.00 15.26 ? 132 CYS B N   1 
ATOM   1065 C CA  . CYS A 1 126 ? -8.682  -10.714 3.849   1.00 16.59 ? 132 CYS B CA  1 
ATOM   1066 C C   . CYS A 1 126 ? -7.183  -10.582 3.537   1.00 15.40 ? 132 CYS B C   1 
ATOM   1067 O O   . CYS A 1 126 ? -6.402  -10.177 4.399   1.00 14.65 ? 132 CYS B O   1 
ATOM   1068 C CB  . CYS A 1 126 ? -8.894  -11.943 4.705   1.00 19.15 ? 132 CYS B CB  1 
ATOM   1069 S SG  . CYS A 1 126 ? -10.605 -12.093 5.284   1.00 25.10 ? 132 CYS B SG  1 
ATOM   1070 N N   A GLN A 1 127 ? -6.744  -10.975 2.333   0.25 15.22 ? 133 GLN B N   1 
ATOM   1071 N N   B GLN A 1 127 ? -6.809  -10.897 2.295   0.25 15.73 ? 133 GLN B N   1 
ATOM   1072 C CA  A GLN A 1 127 ? -5.339  -10.768 1.875   0.25 15.93 ? 133 GLN B CA  1 
ATOM   1073 C CA  B GLN A 1 127 ? -5.409  -10.816 1.811   0.25 17.02 ? 133 GLN B CA  1 
ATOM   1074 C C   A GLN A 1 127 ? -5.345  -10.340 0.401   0.25 15.46 ? 133 GLN B C   1 
ATOM   1075 C C   B GLN A 1 127 ? -5.432  -10.254 0.384   0.25 16.09 ? 133 GLN B C   1 
ATOM   1076 O O   A GLN A 1 127 ? -6.109  -10.922 -0.396  0.25 13.70 ? 133 GLN B O   1 
ATOM   1077 O O   B GLN A 1 127 ? -6.354  -10.586 -0.390  0.25 14.15 ? 133 GLN B O   1 
ATOM   1078 C CB  A GLN A 1 127 ? -4.439  -12.005 2.014   0.25 17.38 ? 133 GLN B CB  1 
ATOM   1079 C CB  B GLN A 1 127 ? -4.719  -12.182 1.896   0.25 19.58 ? 133 GLN B CB  1 
ATOM   1080 C CG  A GLN A 1 127 ? -4.232  -12.506 3.437   0.25 18.68 ? 133 GLN B CG  1 
ATOM   1081 C CG  B GLN A 1 127 ? -4.652  -12.746 3.306   0.25 21.79 ? 133 GLN B CG  1 
ATOM   1082 C CD  A GLN A 1 127 ? -5.286  -13.524 3.797   0.25 20.69 ? 133 GLN B CD  1 
ATOM   1083 C CD  B GLN A 1 127 ? -3.595  -13.808 3.485   0.25 23.81 ? 133 GLN B CD  1 
ATOM   1084 O OE1 A GLN A 1 127 ? -5.714  -14.312 2.956   0.25 20.65 ? 133 GLN B OE1 1 
ATOM   1085 O OE1 B GLN A 1 127 ? -2.977  -14.283 2.533   0.25 27.06 ? 133 GLN B OE1 1 
ATOM   1086 N NE2 A GLN A 1 127 ? -5.719  -13.509 5.051   0.25 21.27 ? 133 GLN B NE2 1 
ATOM   1087 N NE2 B GLN A 1 127 ? -3.377  -14.182 4.731   0.25 26.46 ? 133 GLN B NE2 1 
ATOM   1088 N N   . ILE A 1 128 ? -4.477  -9.372  0.085   1.00 14.65 ? 134 ILE B N   1 
ATOM   1089 C CA  . ILE A 1 128 ? -4.362  -8.697  -1.235  1.00 14.23 ? 134 ILE B CA  1 
ATOM   1090 C C   . ILE A 1 128 ? -2.980  -9.063  -1.772  1.00 14.47 ? 134 ILE B C   1 
ATOM   1091 O O   . ILE A 1 128 ? -1.960  -8.929  -1.048  1.00 13.79 ? 134 ILE B O   1 
ATOM   1092 C CB  . ILE A 1 128 ? -4.492  -7.183  -1.070  1.00 14.37 ? 134 ILE B CB  1 
ATOM   1093 C CG1 . ILE A 1 128 ? -5.823  -6.718  -0.464  1.00 17.87 ? 134 ILE B CG1 1 
ATOM   1094 C CG2 . ILE A 1 128 ? -4.211  -6.506  -2.413  1.00 14.39 ? 134 ILE B CG2 1 
ATOM   1095 C CD1 . ILE A 1 128 ? -6.978  -6.873  -1.362  1.00 17.93 ? 134 ILE B CD1 1 
ATOM   1096 N N   . GLY A 1 129 ? -2.913  -9.501  -3.028  1.00 13.36 ? 135 GLY B N   1 
ATOM   1097 C CA  . GLY A 1 129 ? -1.632  -9.658  -3.712  1.00 12.97 ? 135 GLY B CA  1 
ATOM   1098 C C   . GLY A 1 129 ? -1.369  -8.490  -4.637  1.00 13.07 ? 135 GLY B C   1 
ATOM   1099 O O   . GLY A 1 129 ? -2.280  -7.982  -5.279  1.00 13.37 ? 135 GLY B O   1 
ATOM   1100 N N   . ILE A 1 130 ? -0.127  -7.993  -4.614  1.00 13.11 ? 136 ILE B N   1 
ATOM   1101 C CA  . ILE A 1 130 ? 0.294   -6.840  -5.447  1.00 13.00 ? 136 ILE B CA  1 
ATOM   1102 C C   . ILE A 1 130 ? 1.424   -7.304  -6.352  1.00 13.93 ? 136 ILE B C   1 
ATOM   1103 O O   . ILE A 1 130 ? 2.438   -7.834  -5.867  1.00 13.99 ? 136 ILE B O   1 
ATOM   1104 C CB  . ILE A 1 130 ? 0.736   -5.681  -4.545  1.00 14.48 ? 136 ILE B CB  1 
ATOM   1105 C CG1 . ILE A 1 130 ? -0.409  -5.276  -3.617  1.00 15.67 ? 136 ILE B CG1 1 
ATOM   1106 C CG2 . ILE A 1 130 ? 1.255   -4.519  -5.390  1.00 15.08 ? 136 ILE B CG2 1 
ATOM   1107 C CD1 . ILE A 1 130 ? -0.064  -4.289  -2.600  1.00 18.34 ? 136 ILE B CD1 1 
ATOM   1108 N N   . PHE A 1 131 ? 1.210   -7.093  -7.636  1.00 13.17 ? 137 PHE B N   1 
ATOM   1109 C CA  . PHE A 1 131 ? 2.205   -7.455  -8.681  1.00 13.47 ? 137 PHE B CA  1 
ATOM   1110 C C   . PHE A 1 131 ? 2.645   -6.207  -9.427  1.00 12.91 ? 137 PHE B C   1 
ATOM   1111 O O   . PHE A 1 131 ? 1.790   -5.427  -9.907  1.00 13.18 ? 137 PHE B O   1 
ATOM   1112 C CB  . PHE A 1 131 ? 1.594   -8.428  -9.686  1.00 14.55 ? 137 PHE B CB  1 
ATOM   1113 C CG  . PHE A 1 131 ? 2.490   -8.796  -10.852 1.00 14.81 ? 137 PHE B CG  1 
ATOM   1114 C CD1 . PHE A 1 131 ? 3.620   -9.549  -10.639 1.00 16.40 ? 137 PHE B CD1 1 
ATOM   1115 C CD2 . PHE A 1 131 ? 2.184   -8.407  -12.148 1.00 16.73 ? 137 PHE B CD2 1 
ATOM   1116 C CE1 . PHE A 1 131 ? 4.426   -9.924  -11.713 1.00 19.29 ? 137 PHE B CE1 1 
ATOM   1117 C CE2 . PHE A 1 131 ? 3.006   -8.758  -13.215 1.00 17.93 ? 137 PHE B CE2 1 
ATOM   1118 C CZ  . PHE A 1 131 ? 4.125   -9.507  -12.987 1.00 16.62 ? 137 PHE B CZ  1 
ATOM   1119 N N   . VAL A 1 132 ? 3.969   -6.008  -9.539  1.00 12.83 ? 138 VAL B N   1 
ATOM   1120 C CA  . VAL A 1 132 ? 4.553   -4.910  -10.336 1.00 13.27 ? 138 VAL B CA  1 
ATOM   1121 C C   . VAL A 1 132 ? 5.449   -5.480  -11.436 1.00 11.92 ? 138 VAL B C   1 
ATOM   1122 O O   . VAL A 1 132 ? 6.317   -6.259  -11.153 1.00 14.34 ? 138 VAL B O   1 
ATOM   1123 C CB  . VAL A 1 132 ? 5.325   -3.919  -9.446  1.00 12.75 ? 138 VAL B CB  1 
ATOM   1124 C CG1 . VAL A 1 132 ? 5.897   -2.787  -10.290 1.00 14.49 ? 138 VAL B CG1 1 
ATOM   1125 C CG2 . VAL A 1 132 ? 4.420   -3.356  -8.356  1.00 14.23 ? 138 VAL B CG2 1 
ATOM   1126 N N   . ASP A 1 133 ? 5.196   -5.066  -12.652 1.00 12.50 ? 139 ASP B N   1 
ATOM   1127 C CA  . ASP A 1 133 ? 6.136   -5.330  -13.788 1.00 14.23 ? 139 ASP B CA  1 
ATOM   1128 C C   . ASP A 1 133 ? 6.663   -3.972  -14.223 1.00 12.97 ? 139 ASP B C   1 
ATOM   1129 O O   . ASP A 1 133 ? 5.960   -3.187  -14.869 1.00 13.81 ? 139 ASP B O   1 
ATOM   1130 C CB  . ASP A 1 133 ? 5.442   -6.107  -14.894 1.00 14.28 ? 139 ASP B CB  1 
ATOM   1131 C CG  . ASP A 1 133 ? 6.370   -6.490  -16.039 1.00 17.21 ? 139 ASP B CG  1 
ATOM   1132 O OD1 . ASP A 1 133 ? 7.401   -5.772  -16.248 1.00 17.35 ? 139 ASP B OD1 1 
ATOM   1133 O OD2 . ASP A 1 133 ? 5.963   -7.422  -16.764 1.00 20.85 ? 139 ASP B OD2 1 
ATOM   1134 N N   . TYR A 1 134 ? 7.910   -3.668  -13.820 1.00 14.30 ? 140 TYR B N   1 
ATOM   1135 C CA  . TYR A 1 134 ? 8.478   -2.321  -14.050 1.00 13.19 ? 140 TYR B CA  1 
ATOM   1136 C C   . TYR A 1 134 ? 8.588   -1.986  -15.549 1.00 14.72 ? 140 TYR B C   1 
ATOM   1137 O O   . TYR A 1 134 ? 8.088   -0.998  -16.031 1.00 15.99 ? 140 TYR B O   1 
ATOM   1138 C CB  . TYR A 1 134 ? 9.836   -2.176  -13.354 1.00 14.48 ? 140 TYR B CB  1 
ATOM   1139 C CG  . TYR A 1 134 ? 10.224  -0.725  -13.202 1.00 14.47 ? 140 TYR B CG  1 
ATOM   1140 C CD1 . TYR A 1 134 ? 10.640  0.038   -14.288 1.00 13.82 ? 140 TYR B CD1 1 
ATOM   1141 C CD2 . TYR A 1 134 ? 10.039  -0.041  -12.006 1.00 14.53 ? 140 TYR B CD2 1 
ATOM   1142 C CE1 . TYR A 1 134 ? 10.906  1.390   -14.200 1.00 15.10 ? 140 TYR B CE1 1 
ATOM   1143 C CE2 . TYR A 1 134 ? 10.298  1.318   -11.911 1.00 14.05 ? 140 TYR B CE2 1 
ATOM   1144 C CZ  . TYR A 1 134 ? 10.750  2.050   -13.001 1.00 13.95 ? 140 TYR B CZ  1 
ATOM   1145 O OH  . TYR A 1 134 ? 10.990  3.388   -12.933 1.00 14.37 ? 140 TYR B OH  1 
ATOM   1146 N N   . GLU A 1 135 ? 9.148   -2.928  -16.289 1.00 16.33 ? 141 GLU B N   1 
ATOM   1147 C CA  . GLU A 1 135 ? 9.391   -2.682  -17.720 1.00 16.73 ? 141 GLU B CA  1 
ATOM   1148 C C   . GLU A 1 135 ? 8.073   -2.571  -18.464 1.00 15.49 ? 141 GLU B C   1 
ATOM   1149 O O   . GLU A 1 135 ? 7.937   -1.645  -19.294 1.00 17.47 ? 141 GLU B O   1 
ATOM   1150 C CB  . GLU A 1 135 ? 10.286  -3.765  -18.313 1.00 17.94 ? 141 GLU B CB  1 
ATOM   1151 C CG  . GLU A 1 135 ? 11.782  -3.480  -18.056 1.00 22.83 ? 141 GLU B CG  1 
ATOM   1152 C CD  . GLU A 1 135 ? 12.192  -3.701  -16.638 1.00 24.77 ? 141 GLU B CD  1 
ATOM   1153 O OE1 . GLU A 1 135 ? 13.144  -3.117  -16.242 1.00 25.20 ? 141 GLU B OE1 1 
ATOM   1154 O OE2 . GLU A 1 135 ? 11.540  -4.525  -15.947 1.00 25.66 ? 141 GLU B OE2 1 
ATOM   1155 N N   . ALA A 1 136 ? 7.067   -3.402  -18.154 1.00 14.92 ? 142 ALA B N   1 
ATOM   1156 C CA  . ALA A 1 136 ? 5.781   -3.351  -18.861 1.00 15.89 ? 142 ALA B CA  1 
ATOM   1157 C C   . ALA A 1 136 ? 4.933   -2.140  -18.431 1.00 16.51 ? 142 ALA B C   1 
ATOM   1158 O O   . ALA A 1 136 ? 3.964   -1.807  -19.140 1.00 18.07 ? 142 ALA B O   1 
ATOM   1159 C CB  . ALA A 1 136 ? 5.035   -4.645  -18.635 1.00 17.04 ? 142 ALA B CB  1 
ATOM   1160 N N   . GLY A 1 137 ? 5.218   -1.504  -17.305 1.00 13.91 ? 143 GLY B N   1 
ATOM   1161 C CA  . GLY A 1 137 ? 4.409   -0.421  -16.769 1.00 12.87 ? 143 GLY B CA  1 
ATOM   1162 C C   . GLY A 1 137 ? 3.057   -0.954  -16.259 1.00 12.27 ? 143 GLY B C   1 
ATOM   1163 O O   . GLY A 1 137 ? 2.031   -0.363  -16.614 1.00 13.12 ? 143 GLY B O   1 
ATOM   1164 N N   . VAL A 1 138 ? 3.085   -1.974  -15.421 1.00 13.46 ? 144 VAL B N   1 
ATOM   1165 C CA  . VAL A 1 138 ? 1.851   -2.655  -14.917 1.00 13.10 ? 144 VAL B CA  1 
ATOM   1166 C C   . VAL A 1 138 ? 1.942   -2.747  -13.392 1.00 12.93 ? 144 VAL B C   1 
ATOM   1167 O O   . VAL A 1 138 ? 2.962   -3.192  -12.817 1.00 13.57 ? 144 VAL B O   1 
ATOM   1168 C CB  . VAL A 1 138 ? 1.733   -4.058  -15.536 1.00 14.62 ? 144 VAL B CB  1 
ATOM   1169 C CG1 . VAL A 1 138 ? 0.649   -4.920  -14.866 1.00 14.41 ? 144 VAL B CG1 1 
ATOM   1170 C CG2 . VAL A 1 138 ? 1.476   -3.954  -17.037 1.00 15.90 ? 144 VAL B CG2 1 
ATOM   1171 N N   . VAL A 1 139 ? 0.812   -2.409  -12.762 1.00 12.23 ? 145 VAL B N   1 
ATOM   1172 C CA  . VAL A 1 139 ? 0.564   -2.738  -11.328 1.00 11.09 ? 145 VAL B CA  1 
ATOM   1173 C C   . VAL A 1 139 ? -0.794  -3.453  -11.232 1.00 11.33 ? 145 VAL B C   1 
ATOM   1174 O O   . VAL A 1 139 ? -1.813  -2.818  -11.620 1.00 12.79 ? 145 VAL B O   1 
ATOM   1175 C CB  . VAL A 1 139 ? 0.578   -1.472  -10.436 1.00 11.46 ? 145 VAL B CB  1 
ATOM   1176 C CG1 . VAL A 1 139 ? 0.439   -1.854  -8.966  1.00 11.80 ? 145 VAL B CG1 1 
ATOM   1177 C CG2 . VAL A 1 139 ? 1.824   -0.641  -10.657 1.00 12.01 ? 145 VAL B CG2 1 
ATOM   1178 N N   . SER A 1 140 ? -0.804  -4.658  -10.718 1.00 12.13 ? 146 SER B N   1 
ATOM   1179 C CA  . SER A 1 140 ? -2.046  -5.453  -10.611 1.00 12.24 ? 146 SER B CA  1 
ATOM   1180 C C   . SER A 1 140 ? -2.268  -5.884  -9.167  1.00 11.76 ? 146 SER B C   1 
ATOM   1181 O O   . SER A 1 140 ? -1.332  -6.136  -8.420  1.00 12.86 ? 146 SER B O   1 
ATOM   1182 C CB  . SER A 1 140 ? -2.005  -6.662  -11.546 1.00 12.03 ? 146 SER B CB  1 
ATOM   1183 O OG  . SER A 1 140 ? -1.999  -6.276  -12.921 1.00 13.39 ? 146 SER B OG  1 
ATOM   1184 N N   . PHE A 1 141 ? -3.552  -6.001  -8.841  1.00 11.28 ? 147 PHE B N   1 
ATOM   1185 C CA  . PHE A 1 141 ? -4.041  -6.347  -7.487  1.00 11.08 ? 147 PHE B CA  1 
ATOM   1186 C C   . PHE A 1 141 ? -4.891  -7.612  -7.619  1.00 11.21 ? 147 PHE B C   1 
ATOM   1187 O O   . PHE A 1 141 ? -5.811  -7.655  -8.496  1.00 12.81 ? 147 PHE B O   1 
ATOM   1188 C CB  . PHE A 1 141 ? -4.842  -5.184  -6.867  1.00 10.53 ? 147 PHE B CB  1 
ATOM   1189 C CG  . PHE A 1 141 ? -3.996  -3.951  -6.678  1.00 10.84 ? 147 PHE B CG  1 
ATOM   1190 C CD1 . PHE A 1 141 ? -3.799  -3.048  -7.727  1.00 11.13 ? 147 PHE B CD1 1 
ATOM   1191 C CD2 . PHE A 1 141 ? -3.461  -3.658  -5.417  1.00 11.16 ? 147 PHE B CD2 1 
ATOM   1192 C CE1 . PHE A 1 141 ? -2.976  -1.924  -7.550  1.00 11.25 ? 147 PHE B CE1 1 
ATOM   1193 C CE2 . PHE A 1 141 ? -2.635  -2.534  -5.263  1.00 10.81 ? 147 PHE B CE2 1 
ATOM   1194 C CZ  . PHE A 1 141 ? -2.440  -1.656  -6.317  1.00 10.39 ? 147 PHE B CZ  1 
ATOM   1195 N N   . TYR A 1 142 ? -4.708  -8.536  -6.675  1.00 11.86 ? 148 TYR B N   1 
ATOM   1196 C CA  . TYR A 1 142 ? -5.386  -9.862  -6.676  1.00 13.46 ? 148 TYR B CA  1 
ATOM   1197 C C   . TYR A 1 142 ? -6.033  -10.111 -5.324  1.00 15.07 ? 148 TYR B C   1 
ATOM   1198 O O   . TYR A 1 142 ? -5.520  -9.768  -4.271  1.00 14.64 ? 148 TYR B O   1 
ATOM   1199 C CB  . TYR A 1 142 ? -4.418  -10.977 -7.058  1.00 13.66 ? 148 TYR B CB  1 
ATOM   1200 C CG  . TYR A 1 142 ? -3.824  -10.807 -8.442  1.00 14.80 ? 148 TYR B CG  1 
ATOM   1201 C CD1 . TYR A 1 142 ? -4.489  -11.242 -9.570  1.00 15.34 ? 148 TYR B CD1 1 
ATOM   1202 C CD2 . TYR A 1 142 ? -2.648  -10.104 -8.647  1.00 15.32 ? 148 TYR B CD2 1 
ATOM   1203 C CE1 . TYR A 1 142 ? -4.022  -10.995 -10.849 1.00 15.17 ? 148 TYR B CE1 1 
ATOM   1204 C CE2 . TYR A 1 142 ? -2.137  -9.862  -9.917  1.00 15.76 ? 148 TYR B CE2 1 
ATOM   1205 C CZ  . TYR A 1 142 ? -2.797  -10.362 -11.035 1.00 15.65 ? 148 TYR B CZ  1 
ATOM   1206 O OH  . TYR A 1 142 ? -2.358  -10.118 -12.326 1.00 18.39 ? 148 TYR B OH  1 
ATOM   1207 N N   . ASN A 1 143 ? -7.176  -10.790 -5.359  1.00 15.45 ? 149 ASN B N   1 
ATOM   1208 C CA  . ASN A 1 143 ? -7.972  -11.151 -4.152  1.00 14.74 ? 149 ASN B CA  1 
ATOM   1209 C C   . ASN A 1 143 ? -7.529  -12.548 -3.728  1.00 15.24 ? 149 ASN B C   1 
ATOM   1210 O O   . ASN A 1 143 ? -8.035  -13.564 -4.306  1.00 16.22 ? 149 ASN B O   1 
ATOM   1211 C CB  . ASN A 1 143 ? -9.446  -11.071 -4.501  1.00 15.02 ? 149 ASN B CB  1 
ATOM   1212 C CG  . ASN A 1 143 ? -10.363 -11.339 -3.318  1.00 14.69 ? 149 ASN B CG  1 
ATOM   1213 O OD1 . ASN A 1 143 ? -9.908  -11.901 -2.334  1.00 16.82 ? 149 ASN B OD1 1 
ATOM   1214 N ND2 . ASN A 1 143 ? -11.598 -10.931 -3.428  1.00 15.59 ? 149 ASN B ND2 1 
ATOM   1215 N N   . ILE A 1 144 ? -6.652  -12.684 -2.746  1.00 16.32 ? 150 ILE B N   1 
ATOM   1216 C CA  . ILE A 1 144 ? -6.103  -14.007 -2.369  1.00 16.71 ? 150 ILE B CA  1 
ATOM   1217 C C   . ILE A 1 144 ? -7.251  -14.821 -1.729  1.00 18.79 ? 150 ILE B C   1 
ATOM   1218 O O   . ILE A 1 144 ? -7.270  -16.064 -1.923  1.00 20.20 ? 150 ILE B O   1 
ATOM   1219 C CB  . ILE A 1 144 ? -4.914  -13.826 -1.418  1.00 18.78 ? 150 ILE B CB  1 
ATOM   1220 C CG1 . ILE A 1 144 ? -3.826  -12.924 -2.003  1.00 19.40 ? 150 ILE B CG1 1 
ATOM   1221 C CG2 . ILE A 1 144 ? -4.347  -15.164 -0.956  1.00 21.05 ? 150 ILE B CG2 1 
ATOM   1222 C CD1 . ILE A 1 144 ? -3.456  -13.249 -3.404  1.00 23.44 ? 150 ILE B CD1 1 
ATOM   1223 N N   . THR A 1 145 ? -8.187  -14.179 -1.049  1.00 17.07 ? 151 THR B N   1 
ATOM   1224 C CA  . THR A 1 145 ? -9.336  -14.889 -0.383  1.00 18.14 ? 151 THR B CA  1 
ATOM   1225 C C   . THR A 1 145 ? -10.198 -15.572 -1.445  1.00 21.54 ? 151 THR B C   1 
ATOM   1226 O O   . THR A 1 145 ? -10.748 -16.656 -1.162  1.00 26.22 ? 151 THR B O   1 
ATOM   1227 C CB  . THR A 1 145 ? -10.169 -13.883 0.436   1.00 17.38 ? 151 THR B CB  1 
ATOM   1228 O OG1 . THR A 1 145 ? -9.232  -13.232 1.283   1.00 17.96 ? 151 THR B OG1 1 
ATOM   1229 C CG2 . THR A 1 145 ? -11.215 -14.589 1.272   1.00 19.83 ? 151 THR B CG2 1 
ATOM   1230 N N   . ASP A 1 146 ? -10.297 -15.007 -2.641  1.00 20.54 ? 152 ASP B N   1 
ATOM   1231 C CA  . ASP A 1 146 ? -11.140 -15.515 -3.766  1.00 21.10 ? 152 ASP B CA  1 
ATOM   1232 C C   . ASP A 1 146 ? -10.256 -16.170 -4.843  1.00 19.74 ? 152 ASP B C   1 
ATOM   1233 O O   . ASP A 1 146 ? -10.398 -15.785 -6.003  1.00 22.11 ? 152 ASP B O   1 
ATOM   1234 C CB  . ASP A 1 146 ? -12.068 -14.418 -4.231  1.00 20.59 ? 152 ASP B CB  1 
ATOM   1235 C CG  . ASP A 1 146 ? -13.010 -14.850 -5.333  1.00 25.87 ? 152 ASP B CG  1 
ATOM   1236 O OD1 . ASP A 1 146 ? -13.581 -15.935 -5.179  1.00 25.40 ? 152 ASP B OD1 1 
ATOM   1237 O OD2 . ASP A 1 146 ? -13.096 -14.122 -6.353  1.00 24.05 ? 152 ASP B OD2 1 
ATOM   1238 N N   . HIS A 1 147 ? -9.362  -17.070 -4.457  1.00 22.06 ? 153 HIS B N   1 
ATOM   1239 C CA  . HIS A 1 147 ? -8.595  -17.933 -5.391  1.00 26.27 ? 153 HIS B CA  1 
ATOM   1240 C C   . HIS A 1 147 ? -7.759  -17.032 -6.314  1.00 26.06 ? 153 HIS B C   1 
ATOM   1241 O O   . HIS A 1 147 ? -7.517  -17.389 -7.473  1.00 27.89 ? 153 HIS B O   1 
ATOM   1242 C CB  . HIS A 1 147 ? -9.523  -18.823 -6.234  1.00 31.36 ? 153 HIS B CB  1 
ATOM   1243 C CG  . HIS A 1 147 ? -10.523 -19.645 -5.483  1.00 40.29 ? 153 HIS B CG  1 
ATOM   1244 N ND1 . HIS A 1 147 ? -10.149 -20.643 -4.593  1.00 49.48 ? 153 HIS B ND1 1 
ATOM   1245 C CD2 . HIS A 1 147 ? -11.875 -19.663 -5.538  1.00 47.56 ? 153 HIS B CD2 1 
ATOM   1246 C CE1 . HIS A 1 147 ? -11.232 -21.220 -4.101  1.00 51.79 ? 153 HIS B CE1 1 
ATOM   1247 N NE2 . HIS A 1 147 ? -12.309 -20.636 -4.671  1.00 51.88 ? 153 HIS B NE2 1 
ATOM   1248 N N   . GLY A 1 148 ? -7.331  -15.872 -5.829  1.00 20.91 ? 154 GLY B N   1 
ATOM   1249 C CA  . GLY A 1 148 ? -6.405  -15.048 -6.630  1.00 18.40 ? 154 GLY B CA  1 
ATOM   1250 C C   . GLY A 1 148 ? -7.086  -14.251 -7.717  1.00 17.09 ? 154 GLY B C   1 
ATOM   1251 O O   . GLY A 1 148 ? -6.392  -13.881 -8.642  1.00 17.52 ? 154 GLY B O   1 
ATOM   1252 N N   . SER A 1 149 ? -8.377  -14.009 -7.656  1.00 15.98 ? 155 SER B N   1 
ATOM   1253 C CA  . SER A 1 149 ? -9.115  -13.326 -8.741  1.00 14.34 ? 155 SER B CA  1 
ATOM   1254 C C   . SER A 1 149 ? -8.584  -11.906 -8.944  1.00 15.28 ? 155 SER B C   1 
ATOM   1255 O O   . SER A 1 149 ? -8.235  -11.232 -7.952  1.00 15.29 ? 155 SER B O   1 
ATOM   1256 C CB  . SER A 1 149 ? -10.590 -13.328 -8.512  1.00 15.70 ? 155 SER B CB  1 
ATOM   1257 O OG  . SER A 1 149 ? -10.990 -12.752 -7.264  1.00 16.97 ? 155 SER B OG  1 
ATOM   1258 N N   . LEU A 1 150 ? -8.595  -11.411 -10.152 1.00 15.10 ? 156 LEU B N   1 
ATOM   1259 C CA  . LEU A 1 150 ? -8.099  -10.035 -10.435 1.00 13.30 ? 156 LEU B CA  1 
ATOM   1260 C C   . LEU A 1 150 ? -9.049  -9.026  -9.819  1.00 12.69 ? 156 LEU B C   1 
ATOM   1261 O O   . LEU A 1 150 ? -10.289 -9.065  -10.025 1.00 14.38 ? 156 LEU B O   1 
ATOM   1262 C CB  . LEU A 1 150 ? -8.011  -9.811  -11.950 1.00 13.59 ? 156 LEU B CB  1 
ATOM   1263 C CG  . LEU A 1 150 ? -7.505  -8.442  -12.420 1.00 13.65 ? 156 LEU B CG  1 
ATOM   1264 C CD1 . LEU A 1 150 ? -6.058  -8.188  -12.041 1.00 13.88 ? 156 LEU B CD1 1 
ATOM   1265 C CD2 . LEU A 1 150 ? -7.645  -8.344  -13.952 1.00 15.49 ? 156 LEU B CD2 1 
ATOM   1266 N N   . ILE A 1 151 ? -8.484  -8.031  -9.131  1.00 11.91 ? 157 ILE B N   1 
ATOM   1267 C CA  . ILE A 1 151 ? -9.209  -6.853  -8.637  1.00 12.54 ? 157 ILE B CA  1 
ATOM   1268 C C   . ILE A 1 151 ? -9.093  -5.690  -9.630  1.00 11.29 ? 157 ILE B C   1 
ATOM   1269 O O   . ILE A 1 151 ? -10.053 -4.995  -9.950  1.00 12.56 ? 157 ILE B O   1 
ATOM   1270 C CB  . ILE A 1 151 ? -8.708  -6.486  -7.223  1.00 13.00 ? 157 ILE B CB  1 
ATOM   1271 C CG1 . ILE A 1 151 ? -9.028  -7.575  -6.214  1.00 13.50 ? 157 ILE B CG1 1 
ATOM   1272 C CG2 . ILE A 1 151 ? -9.299  -5.149  -6.782  1.00 12.64 ? 157 ILE B CG2 1 
ATOM   1273 C CD1 . ILE A 1 151 ? -8.352  -7.389  -4.861  1.00 14.51 ? 157 ILE B CD1 1 
ATOM   1274 N N   . TYR A 1 152 ? -7.845  -5.350  -9.993  1.00 11.54 ? 158 TYR B N   1 
ATOM   1275 C CA  . TYR A 1 152 ? -7.609  -4.147  -10.821 1.00 11.06 ? 158 TYR B CA  1 
ATOM   1276 C C   . TYR A 1 152 ? -6.192  -4.226  -11.426 1.00 11.07 ? 158 TYR B C   1 
ATOM   1277 O O   . TYR A 1 152 ? -5.262  -4.659  -10.735 1.00 11.85 ? 158 TYR B O   1 
ATOM   1278 C CB  . TYR A 1 152 ? -7.687  -2.840  -9.984  1.00 11.66 ? 158 TYR B CB  1 
ATOM   1279 C CG  . TYR A 1 152 ? -7.724  -1.608  -10.841 1.00 11.13 ? 158 TYR B CG  1 
ATOM   1280 C CD1 . TYR A 1 152 ? -8.904  -1.174  -11.444 1.00 12.12 ? 158 TYR B CD1 1 
ATOM   1281 C CD2 . TYR A 1 152 ? -6.583  -0.845  -11.074 1.00 10.77 ? 158 TYR B CD2 1 
ATOM   1282 C CE1 . TYR A 1 152 ? -8.944  -0.097  -12.307 1.00 12.89 ? 158 TYR B CE1 1 
ATOM   1283 C CE2 . TYR A 1 152 ? -6.637  0.256   -11.901 1.00 12.21 ? 158 TYR B CE2 1 
ATOM   1284 C CZ  . TYR A 1 152 ? -7.801  0.637   -12.519 1.00 11.83 ? 158 TYR B CZ  1 
ATOM   1285 O OH  . TYR A 1 152 ? -7.846  1.694   -13.378 1.00 14.40 ? 158 TYR B OH  1 
ATOM   1286 N N   . THR A 1 153 ? -6.050  -3.729  -12.656 1.00 11.35 ? 159 THR B N   1 
ATOM   1287 C CA  . THR A 1 153 ? -4.749  -3.544  -13.352 1.00 11.81 ? 159 THR B CA  1 
ATOM   1288 C C   . THR A 1 153 ? -4.646  -2.099  -13.796 1.00 11.96 ? 159 THR B C   1 
ATOM   1289 O O   . THR A 1 153 ? -5.434  -1.617  -14.617 1.00 13.35 ? 159 THR B O   1 
ATOM   1290 C CB  . THR A 1 153 ? -4.585  -4.512  -14.545 1.00 12.69 ? 159 THR B CB  1 
ATOM   1291 O OG1 . THR A 1 153 ? -4.468  -5.817  -14.012 1.00 12.97 ? 159 THR B OG1 1 
ATOM   1292 C CG2 . THR A 1 153 ? -3.385  -4.150  -15.410 1.00 13.43 ? 159 THR B CG2 1 
ATOM   1293 N N   . PHE A 1 154 ? -3.597  -1.423  -13.299 1.00 11.67 ? 160 PHE B N   1 
ATOM   1294 C CA  . PHE A 1 154 ? -3.093  -0.159  -13.890 1.00 11.42 ? 160 PHE B CA  1 
ATOM   1295 C C   . PHE A 1 154 ? -2.102  -0.550  -14.999 1.00 11.45 ? 160 PHE B C   1 
ATOM   1296 O O   . PHE A 1 154 ? -1.123  -1.253  -14.733 1.00 11.90 ? 160 PHE B O   1 
ATOM   1297 C CB  . PHE A 1 154 ? -2.297  0.667   -12.876 1.00 11.30 ? 160 PHE B CB  1 
ATOM   1298 C CG  . PHE A 1 154 ? -3.095  1.304   -11.760 1.00 10.03 ? 160 PHE B CG  1 
ATOM   1299 C CD1 . PHE A 1 154 ? -3.301  0.610   -10.571 1.00 9.79  ? 160 PHE B CD1 1 
ATOM   1300 C CD2 . PHE A 1 154 ? -3.521  2.609   -11.835 1.00 11.23 ? 160 PHE B CD2 1 
ATOM   1301 C CE1 . PHE A 1 154 ? -3.981  1.228   -9.539  1.00 10.95 ? 160 PHE B CE1 1 
ATOM   1302 C CE2 . PHE A 1 154 ? -4.205  3.233   -10.789 1.00 11.37 ? 160 PHE B CE2 1 
ATOM   1303 C CZ  . PHE A 1 154 ? -4.397  2.512   -9.623  1.00 10.63 ? 160 PHE B CZ  1 
ATOM   1304 N N   . SER A 1 155 ? -2.407  -0.118  -16.213 1.00 13.35 ? 161 SER B N   1 
ATOM   1305 C CA  . SER A 1 155 ? -1.481  -0.339  -17.338 1.00 15.42 ? 161 SER B CA  1 
ATOM   1306 C C   . SER A 1 155 ? -1.081  1.000   -17.932 1.00 13.84 ? 161 SER B C   1 
ATOM   1307 O O   . SER A 1 155 ? -1.605  2.035   -17.562 1.00 15.38 ? 161 SER B O   1 
ATOM   1308 C CB  . SER A 1 155 ? -2.100  -1.275  -18.318 1.00 17.22 ? 161 SER B CB  1 
ATOM   1309 O OG  . SER A 1 155 ? -3.143  -0.669  -19.001 1.00 20.26 ? 161 SER B OG  1 
ATOM   1310 N N   . GLU A 1 156 ? -0.039  0.936   -18.781 1.00 16.07 ? 162 GLU B N   1 
ATOM   1311 C CA  . GLU A 1 156 ? 0.573   2.167   -19.359 1.00 17.42 ? 162 GLU B CA  1 
ATOM   1312 C C   . GLU A 1 156 ? 1.047   3.096   -18.232 1.00 16.47 ? 162 GLU B C   1 
ATOM   1313 O O   . GLU A 1 156 ? 0.905   4.337   -18.328 1.00 18.55 ? 162 GLU B O   1 
ATOM   1314 C CB  . GLU A 1 156 ? -0.381  2.945   -20.258 1.00 22.24 ? 162 GLU B CB  1 
ATOM   1315 C CG  . GLU A 1 156 ? -1.156  2.110   -21.242 1.00 28.21 ? 162 GLU B CG  1 
ATOM   1316 C CD  . GLU A 1 156 ? -1.956  2.975   -22.202 1.00 37.88 ? 162 GLU B CD  1 
ATOM   1317 O OE1 . GLU A 1 156 ? -3.017  3.523   -21.793 1.00 38.81 ? 162 GLU B OE1 1 
ATOM   1318 O OE2 . GLU A 1 156 ? -1.476  3.159   -23.335 1.00 46.80 ? 162 GLU B OE2 1 
ATOM   1319 N N   . CYS A 1 157 ? 1.556   2.497   -17.155 1.00 14.62 ? 163 CYS B N   1 
ATOM   1320 C CA  . CYS A 1 157 ? 2.050   3.305   -16.004 1.00 13.71 ? 163 CYS B CA  1 
ATOM   1321 C C   . CYS A 1 157 ? 3.317   4.090   -16.406 1.00 15.00 ? 163 CYS B C   1 
ATOM   1322 O O   . CYS A 1 157 ? 4.195   3.489   -17.062 1.00 16.46 ? 163 CYS B O   1 
ATOM   1323 C CB  . CYS A 1 157 ? 2.356   2.489   -14.747 1.00 12.89 ? 163 CYS B CB  1 
ATOM   1324 S SG  . CYS A 1 157 ? 0.906   1.621   -14.079 1.00 14.12 ? 163 CYS B SG  1 
ATOM   1325 N N   . VAL A 1 158 ? 3.408   5.316   -15.952 1.00 14.21 ? 164 VAL B N   1 
ATOM   1326 C CA  . VAL A 1 158 ? 4.629   6.130   -16.170 1.00 14.79 ? 164 VAL B CA  1 
ATOM   1327 C C   . VAL A 1 158 ? 5.274   6.305   -14.793 1.00 13.93 ? 164 VAL B C   1 
ATOM   1328 O O   . VAL A 1 158 ? 4.995   7.289   -14.093 1.00 15.93 ? 164 VAL B O   1 
ATOM   1329 C CB  . VAL A 1 158 ? 4.295   7.413   -16.946 1.00 17.21 ? 164 VAL B CB  1 
ATOM   1330 C CG1 . VAL A 1 158 ? 5.578   8.244   -17.135 1.00 18.25 ? 164 VAL B CG1 1 
ATOM   1331 C CG2 . VAL A 1 158 ? 3.642   7.065   -18.275 1.00 19.24 ? 164 VAL B CG2 1 
ATOM   1332 N N   . PHE A 1 159 ? 6.070   5.336   -14.359 1.00 13.23 ? 165 PHE B N   1 
ATOM   1333 C CA  . PHE A 1 159 ? 6.627   5.315   -12.985 1.00 13.63 ? 165 PHE B CA  1 
ATOM   1334 C C   . PHE A 1 159 ? 7.488   6.555   -12.752 1.00 15.01 ? 165 PHE B C   1 
ATOM   1335 O O   . PHE A 1 159 ? 7.417   7.165   -11.668 1.00 15.63 ? 165 PHE B O   1 
ATOM   1336 C CB  . PHE A 1 159 ? 7.290   3.982   -12.695 1.00 13.65 ? 165 PHE B CB  1 
ATOM   1337 C CG  . PHE A 1 159 ? 6.341   2.793   -12.743 1.00 11.70 ? 165 PHE B CG  1 
ATOM   1338 C CD1 . PHE A 1 159 ? 5.125   2.827   -12.065 1.00 12.62 ? 165 PHE B CD1 1 
ATOM   1339 C CD2 . PHE A 1 159 ? 6.690   1.639   -13.422 1.00 13.64 ? 165 PHE B CD2 1 
ATOM   1340 C CE1 . PHE A 1 159 ? 4.283   1.711   -12.111 1.00 13.15 ? 165 PHE B CE1 1 
ATOM   1341 C CE2 . PHE A 1 159 ? 5.870   0.533   -13.446 1.00 14.24 ? 165 PHE B CE2 1 
ATOM   1342 C CZ  . PHE A 1 159 ? 4.676   0.572   -12.775 1.00 12.33 ? 165 PHE B CZ  1 
ATOM   1343 N N   . ALA A 1 160 ? 8.392   6.838   -13.693 1.00 14.88 ? 166 ALA B N   1 
ATOM   1344 C CA  . ALA A 1 160 ? 9.234   8.063   -13.697 1.00 14.92 ? 166 ALA B CA  1 
ATOM   1345 C C   . ALA A 1 160 ? 10.180  8.117   -12.489 1.00 14.68 ? 166 ALA B C   1 
ATOM   1346 O O   . ALA A 1 160 ? 10.556  9.243   -12.069 1.00 15.82 ? 166 ALA B O   1 
ATOM   1347 C CB  . ALA A 1 160 ? 8.397   9.288   -13.833 1.00 15.69 ? 166 ALA B CB  1 
ATOM   1348 N N   . GLY A 1 161 ? 10.541  6.984   -11.927 1.00 14.81 ? 167 GLY B N   1 
ATOM   1349 C CA  . GLY A 1 161 ? 11.488  6.891   -10.801 1.00 14.86 ? 167 GLY B CA  1 
ATOM   1350 C C   . GLY A 1 161 ? 11.463  5.529   -10.162 1.00 14.35 ? 167 GLY B C   1 
ATOM   1351 O O   . GLY A 1 161 ? 10.644  4.658   -10.556 1.00 13.73 ? 167 GLY B O   1 
ATOM   1352 N N   . PRO A 1 162 ? 12.283  5.303   -9.148  1.00 13.40 ? 168 PRO B N   1 
ATOM   1353 C CA  . PRO A 1 162 ? 12.238  4.104   -8.340  1.00 13.02 ? 168 PRO B CA  1 
ATOM   1354 C C   . PRO A 1 162 ? 10.874  4.035   -7.644  1.00 13.19 ? 168 PRO B C   1 
ATOM   1355 O O   . PRO A 1 162 ? 10.292  5.059   -7.279  1.00 13.43 ? 168 PRO B O   1 
ATOM   1356 C CB  . PRO A 1 162 ? 13.375  4.222   -7.318  1.00 13.65 ? 168 PRO B CB  1 
ATOM   1357 C CG  . PRO A 1 162 ? 14.240  5.337   -7.896  1.00 13.46 ? 168 PRO B CG  1 
ATOM   1358 C CD  . PRO A 1 162 ? 13.349  6.216   -8.676  1.00 12.71 ? 168 PRO B CD  1 
ATOM   1359 N N   . LEU A 1 163 ? 10.421  2.807   -7.457  1.00 13.56 ? 169 LEU B N   1 
ATOM   1360 C CA  . LEU A 1 163 ? 9.130   2.521   -6.765  1.00 12.40 ? 169 LEU B CA  1 
ATOM   1361 C C   . LEU A 1 163 ? 9.386   1.956   -5.373  1.00 13.33 ? 169 LEU B C   1 
ATOM   1362 O O   . LEU A 1 163 ? 10.302  1.168   -5.178  1.00 14.67 ? 169 LEU B O   1 
ATOM   1363 C CB  . LEU A 1 163 ? 8.305   1.515   -7.572  1.00 12.82 ? 169 LEU B CB  1 
ATOM   1364 C CG  . LEU A 1 163 ? 7.700   1.990   -8.897  1.00 13.32 ? 169 LEU B CG  1 
ATOM   1365 C CD1 . LEU A 1 163 ? 7.018   0.820   -9.579  1.00 14.05 ? 169 LEU B CD1 1 
ATOM   1366 C CD2 . LEU A 1 163 ? 6.744   3.158   -8.709  1.00 14.36 ? 169 LEU B CD2 1 
ATOM   1367 N N   . ARG A 1 164 ? 8.510   2.339   -4.439  1.00 12.38 ? 170 ARG B N   1 
ATOM   1368 C CA  . ARG A 1 164 ? 8.487   1.746   -3.090  1.00 12.13 ? 170 ARG B CA  1 
ATOM   1369 C C   . ARG A 1 164 ? 7.107   1.166   -2.775  1.00 11.34 ? 170 ARG B C   1 
ATOM   1370 O O   . ARG A 1 164 ? 6.097   1.752   -3.167  1.00 11.76 ? 170 ARG B O   1 
ATOM   1371 C CB  . ARG A 1 164 ? 8.846   2.821   -2.068  1.00 13.22 ? 170 ARG B CB  1 
ATOM   1372 C CG  . ARG A 1 164 ? 10.292  3.302   -2.294  1.00 15.28 ? 170 ARG B CG  1 
ATOM   1373 C CD  . ARG A 1 164 ? 10.826  4.286   -1.291  1.00 17.59 ? 170 ARG B CD  1 
ATOM   1374 N NE  . ARG A 1 164 ? 10.982  3.659   -0.001  1.00 16.18 ? 170 ARG B NE  1 
ATOM   1375 C CZ  . ARG A 1 164 ? 11.457  4.295   1.060   1.00 17.06 ? 170 ARG B CZ  1 
ATOM   1376 N NH1 . ARG A 1 164 ? 11.875  5.531   0.931   1.00 18.76 ? 170 ARG B NH1 1 
ATOM   1377 N NH2 . ARG A 1 164 ? 11.529  3.675   2.208   1.00 16.44 ? 170 ARG B NH2 1 
ATOM   1378 N N   . PRO A 1 165 ? 7.054   0.058   -2.014  1.00 11.35 ? 171 PRO B N   1 
ATOM   1379 C CA  . PRO A 1 165 ? 5.755   -0.424  -1.531  1.00 10.75 ? 171 PRO B CA  1 
ATOM   1380 C C   . PRO A 1 165 ? 5.128   0.674   -0.666  1.00 10.43 ? 171 PRO B C   1 
ATOM   1381 O O   . PRO A 1 165 ? 5.812   1.362   0.096   1.00 11.91 ? 171 PRO B O   1 
ATOM   1382 C CB  . PRO A 1 165 ? 6.107   -1.654  -0.706  1.00 11.40 ? 171 PRO B CB  1 
ATOM   1383 C CG  . PRO A 1 165 ? 7.472   -2.127  -1.244  1.00 13.34 ? 171 PRO B CG  1 
ATOM   1384 C CD  . PRO A 1 165 ? 8.156   -0.839  -1.623  1.00 13.52 ? 171 PRO B CD  1 
ATOM   1385 N N   . PHE A 1 166 ? 3.817   0.844   -0.765  1.00 10.11 ? 172 PHE B N   1 
ATOM   1386 C CA  . PHE A 1 166 ? 3.073   1.933   -0.117  1.00 10.45 ? 172 PHE B CA  1 
ATOM   1387 C C   . PHE A 1 166 ? 1.944   1.323   0.722   1.00 10.13 ? 172 PHE B C   1 
ATOM   1388 O O   . PHE A 1 166 ? 1.194   0.411   0.268   1.00 10.56 ? 172 PHE B O   1 
ATOM   1389 C CB  . PHE A 1 166 ? 2.485   2.858   -1.172  1.00 10.78 ? 172 PHE B CB  1 
ATOM   1390 C CG  . PHE A 1 166 ? 1.570   3.910   -0.601  1.00 11.33 ? 172 PHE B CG  1 
ATOM   1391 C CD1 . PHE A 1 166 ? 2.088   5.043   0.014   1.00 11.91 ? 172 PHE B CD1 1 
ATOM   1392 C CD2 . PHE A 1 166 ? 0.190   3.753   -0.605  1.00 11.96 ? 172 PHE B CD2 1 
ATOM   1393 C CE1 . PHE A 1 166 ? 1.248   5.994   0.585   1.00 12.05 ? 172 PHE B CE1 1 
ATOM   1394 C CE2 . PHE A 1 166 ? -0.648  4.700   -0.018  1.00 11.51 ? 172 PHE B CE2 1 
ATOM   1395 C CZ  . PHE A 1 166 ? -0.110  5.822   0.546   1.00 12.28 ? 172 PHE B CZ  1 
ATOM   1396 N N   . PHE A 1 167 ? 1.725   1.879   1.930   1.00 10.40 ? 173 PHE B N   1 
ATOM   1397 C CA  . PHE A 1 167 ? 0.730   1.377   2.904   1.00 10.44 ? 173 PHE B CA  1 
ATOM   1398 C C   . PHE A 1 167 ? 0.038   2.557   3.578   1.00 10.56 ? 173 PHE B C   1 
ATOM   1399 O O   . PHE A 1 167 ? 0.727   3.509   3.979   1.00 11.30 ? 173 PHE B O   1 
ATOM   1400 C CB  . PHE A 1 167 ? 1.366   0.510   4.007   1.00 11.02 ? 173 PHE B CB  1 
ATOM   1401 C CG  . PHE A 1 167 ? 2.235   -0.598  3.446   1.00 10.54 ? 173 PHE B CG  1 
ATOM   1402 C CD1 . PHE A 1 167 ? 3.567   -0.364  3.114   1.00 11.31 ? 173 PHE B CD1 1 
ATOM   1403 C CD2 . PHE A 1 167 ? 1.738   -1.893  3.292   1.00 12.76 ? 173 PHE B CD2 1 
ATOM   1404 C CE1 . PHE A 1 167 ? 4.364   -1.356  2.556   1.00 11.63 ? 173 PHE B CE1 1 
ATOM   1405 C CE2 . PHE A 1 167 ? 2.546   -2.888  2.772   1.00 12.59 ? 173 PHE B CE2 1 
ATOM   1406 C CZ  . PHE A 1 167 ? 3.852   -2.613  2.417   1.00 12.31 ? 173 PHE B CZ  1 
ATOM   1407 N N   . ASN A 1 168 ? -1.250  2.442   3.831   1.00 11.25 ? 174 ASN B N   1 
ATOM   1408 C CA  . ASN A 1 168 ? -2.002  3.374   4.706   1.00 10.69 ? 174 ASN B CA  1 
ATOM   1409 C C   . ASN A 1 168 ? -2.864  2.503   5.596   1.00 11.28 ? 174 ASN B C   1 
ATOM   1410 O O   . ASN A 1 168 ? -3.729  1.802   5.097   1.00 11.98 ? 174 ASN B O   1 
ATOM   1411 C CB  . ASN A 1 168 ? -2.847  4.381   3.914   1.00 11.33 ? 174 ASN B CB  1 
ATOM   1412 C CG  . ASN A 1 168 ? -3.489  5.441   4.779   1.00 13.87 ? 174 ASN B CG  1 
ATOM   1413 O OD1 . ASN A 1 168 ? -3.400  5.408   5.998   1.00 13.80 ? 174 ASN B OD1 1 
ATOM   1414 N ND2 . ASN A 1 168 ? -4.160  6.373   4.134   1.00 15.51 ? 174 ASN B ND2 1 
ATOM   1415 N N   . VAL A 1 169 ? -2.641  2.555   6.913   1.00 11.35 ? 175 VAL B N   1 
ATOM   1416 C CA  . VAL A 1 169 ? -3.474  1.737   7.836   1.00 11.78 ? 175 VAL B CA  1 
ATOM   1417 C C   . VAL A 1 169 ? -4.865  2.364   8.034   1.00 13.37 ? 175 VAL B C   1 
ATOM   1418 O O   . VAL A 1 169 ? -5.720  1.689   8.645   1.00 13.99 ? 175 VAL B O   1 
ATOM   1419 C CB  . VAL A 1 169 ? -2.811  1.487   9.211   1.00 13.33 ? 175 VAL B CB  1 
ATOM   1420 C CG1 . VAL A 1 169 ? -1.519  0.743   9.042   1.00 14.04 ? 175 VAL B CG1 1 
ATOM   1421 C CG2 . VAL A 1 169 ? -2.569  2.780   9.973   1.00 13.79 ? 175 VAL B CG2 1 
ATOM   1422 N N   . GLY A 1 170 ? -5.025  3.603   7.587   1.00 13.58 ? 176 GLY B N   1 
ATOM   1423 C CA  . GLY A 1 170 ? -6.275  4.358   7.805   1.00 14.91 ? 176 GLY B CA  1 
ATOM   1424 C C   . GLY A 1 170 ? -6.451  4.924   9.189   1.00 15.76 ? 176 GLY B C   1 
ATOM   1425 O O   . GLY A 1 170 ? -5.775  4.515   10.151  1.00 15.25 ? 176 GLY B O   1 
ATOM   1426 N N   . PHE A 1 171 ? -7.405  5.865   9.215   0.30 16.32 ? 177 PHE B N   1 
ATOM   1427 C CA  . PHE A 1 171 ? -8.074  6.470   10.382  0.30 16.27 ? 177 PHE B CA  1 
ATOM   1428 C C   . PHE A 1 171 ? -8.596  5.433   11.372  0.30 15.48 ? 177 PHE B C   1 
ATOM   1429 O O   . PHE A 1 171 ? -8.950  4.335   10.915  0.30 14.89 ? 177 PHE B O   1 
ATOM   1430 C CB  . PHE A 1 171 ? -7.605  7.883   10.707  0.30 16.96 ? 177 PHE B CB  1 
ATOM   1431 C CG  . PHE A 1 171 ? -7.541  8.868   9.564   0.30 16.61 ? 177 PHE B CG  1 
ATOM   1432 C CD1 . PHE A 1 171 ? -6.515  9.794   9.497   0.30 16.65 ? 177 PHE B CD1 1 
ATOM   1433 C CD2 . PHE A 1 171 ? -8.519  8.898   8.585   0.30 16.83 ? 177 PHE B CD2 1 
ATOM   1434 C CE1 . PHE A 1 171 ? -6.454  10.717  8.467   0.30 16.67 ? 177 PHE B CE1 1 
ATOM   1435 C CE2 . PHE A 1 171 ? -8.462  9.822   7.549   0.30 17.64 ? 177 PHE B CE2 1 
ATOM   1436 C CZ  . PHE A 1 171 ? -7.424  10.723  7.486   0.30 16.07 ? 177 PHE B CZ  1 
ATOM   1437 N N   . ASN A 1 172 ? -8.692  5.748   12.666  1.00 15.04 ? 178 ASN B N   1 
ATOM   1438 C CA  . ASN A 1 172 ? -9.509  4.889   13.549  1.00 13.17 ? 178 ASN B CA  1 
ATOM   1439 C C   . ASN A 1 172 ? -10.440 5.803   14.355  1.00 12.28 ? 178 ASN B C   1 
ATOM   1440 O O   . ASN A 1 172 ? -10.538 5.606   15.574  1.00 14.28 ? 178 ASN B O   1 
ATOM   1441 C CB  . ASN A 1 172 ? -8.655  3.988   14.392  1.00 14.38 ? 178 ASN B CB  1 
ATOM   1442 C CG  . ASN A 1 172 ? -9.456  2.968   15.152  1.00 14.56 ? 178 ASN B CG  1 
ATOM   1443 O OD1 . ASN A 1 172 ? -10.512 2.567   14.724  1.00 14.74 ? 178 ASN B OD1 1 
ATOM   1444 N ND2 . ASN A 1 172 ? -8.974  2.557   16.295  1.00 16.09 ? 178 ASN B ND2 1 
ATOM   1445 N N   . TYR A 1 173 ? -11.173 6.663   13.697  1.00 13.74 ? 179 TYR B N   1 
ATOM   1446 C CA  . TYR A 1 173 ? -12.204 7.498   14.391  1.00 12.17 ? 179 TYR B CA  1 
ATOM   1447 C C   . TYR A 1 173 ? -13.315 6.603   14.931  1.00 14.57 ? 179 TYR B C   1 
ATOM   1448 O O   . TYR A 1 173 ? -13.947 6.981   15.951  1.00 15.49 ? 179 TYR B O   1 
ATOM   1449 C CB  . TYR A 1 173 ? -12.766 8.543   13.412  1.00 13.55 ? 179 TYR B CB  1 
ATOM   1450 C CG  . TYR A 1 173 ? -11.792 9.619   12.994  1.00 15.92 ? 179 TYR B CG  1 
ATOM   1451 C CD1 . TYR A 1 173 ? -11.430 10.642  13.860  1.00 19.48 ? 179 TYR B CD1 1 
ATOM   1452 C CD2 . TYR A 1 173 ? -11.288 9.635   11.698  1.00 19.02 ? 179 TYR B CD2 1 
ATOM   1453 C CE1 . TYR A 1 173 ? -10.481 11.599  13.495  1.00 20.59 ? 179 TYR B CE1 1 
ATOM   1454 C CE2 . TYR A 1 173 ? -10.343 10.596  11.326  1.00 18.53 ? 179 TYR B CE2 1 
ATOM   1455 C CZ  . TYR A 1 173 ? -9.957  11.570  12.217  1.00 20.73 ? 179 TYR B CZ  1 
ATOM   1456 O OH  . TYR A 1 173 ? -9.037  12.550  11.863  1.00 25.45 ? 179 TYR B OH  1 
ATOM   1457 N N   . SER A 1 174 ? -13.649 5.499   14.279  1.00 13.61 ? 180 SER B N   1 
ATOM   1458 C CA  . SER A 1 174 ? -14.814 4.634   14.587  1.00 14.38 ? 180 SER B CA  1 
ATOM   1459 C C   . SER A 1 174 ? -14.516 3.699   15.763  1.00 14.39 ? 180 SER B C   1 
ATOM   1460 O O   . SER A 1 174 ? -15.466 3.112   16.283  1.00 16.17 ? 180 SER B O   1 
ATOM   1461 C CB  . SER A 1 174 ? -15.200 3.788   13.396  1.00 15.49 ? 180 SER B CB  1 
ATOM   1462 O OG  . SER A 1 174 ? -14.118 2.915   13.086  1.00 15.56 ? 180 SER B OG  1 
ATOM   1463 N N   . GLY A 1 175 ? -13.231 3.464   16.055  1.00 13.74 ? 181 GLY B N   1 
ATOM   1464 C CA  . GLY A 1 175 ? -12.858 2.366   16.972  1.00 14.83 ? 181 GLY B CA  1 
ATOM   1465 C C   . GLY A 1 175 ? -12.970 0.994   16.329  1.00 16.59 ? 181 GLY B C   1 
ATOM   1466 O O   . GLY A 1 175 ? -12.800 0.006   17.027  1.00 19.71 ? 181 GLY B O   1 
ATOM   1467 N N   . GLY A 1 176 ? -13.310 0.905   15.048  1.00 14.25 ? 182 GLY B N   1 
ATOM   1468 C CA  . GLY A 1 176 ? -13.448 -0.382  14.361  1.00 14.09 ? 182 GLY B CA  1 
ATOM   1469 C C   . GLY A 1 176 ? -12.300 -0.643  13.379  1.00 13.95 ? 182 GLY B C   1 
ATOM   1470 O O   . GLY A 1 176 ? -12.349 -1.703  12.699  1.00 15.64 ? 182 GLY B O   1 
ATOM   1471 N N   . ASN A 1 177 ? -11.286 0.208   13.337  1.00 12.40 ? 183 ASN B N   1 
ATOM   1472 C CA  . ASN A 1 177 ? -10.193 0.067   12.370  1.00 12.08 ? 183 ASN B CA  1 
ATOM   1473 C C   . ASN A 1 177 ? -8.815  0.006   13.020  1.00 12.80 ? 183 ASN B C   1 
ATOM   1474 O O   . ASN A 1 177 ? -7.840  0.339   12.376  1.00 13.92 ? 183 ASN B O   1 
ATOM   1475 C CB  . ASN A 1 177 ? -10.222 1.194   11.333  1.00 12.63 ? 183 ASN B CB  1 
ATOM   1476 C CG  . ASN A 1 177 ? -9.413  0.872   10.092  1.00 12.76 ? 183 ASN B CG  1 
ATOM   1477 O OD1 . ASN A 1 177 ? -9.389  -0.273  9.676   1.00 13.61 ? 183 ASN B OD1 1 
ATOM   1478 N ND2 . ASN A 1 177 ? -8.742  1.887   9.574   1.00 12.71 ? 183 ASN B ND2 1 
ATOM   1479 N N   . ALA A 1 178 ? -8.692  -0.563  14.216  1.00 13.71 ? 184 ALA B N   1 
ATOM   1480 C CA  . ALA A 1 178 ? -7.384  -0.651  14.910  1.00 13.86 ? 184 ALA B CA  1 
ATOM   1481 C C   . ALA A 1 178 ? -6.494  -1.769  14.352  1.00 14.13 ? 184 ALA B C   1 
ATOM   1482 O O   . ALA A 1 178 ? -5.272  -1.689  14.602  1.00 16.20 ? 184 ALA B O   1 
ATOM   1483 C CB  . ALA A 1 178 ? -7.633  -0.913  16.405  1.00 14.00 ? 184 ALA B CB  1 
ATOM   1484 N N   . ALA A 1 179 ? -7.065  -2.753  13.651  1.00 13.60 ? 185 ALA B N   1 
ATOM   1485 C CA  . ALA A 1 179 ? -6.274  -3.932  13.234  1.00 14.14 ? 185 ALA B CA  1 
ATOM   1486 C C   . ALA A 1 179 ? -5.091  -3.516  12.361  1.00 14.20 ? 185 ALA B C   1 
ATOM   1487 O O   . ALA A 1 179 ? -5.129  -2.541  11.599  1.00 13.59 ? 185 ALA B O   1 
ATOM   1488 C CB  . ALA A 1 179 ? -7.132  -4.963  12.558  1.00 14.10 ? 185 ALA B CB  1 
ATOM   1489 N N   . PRO A 1 180 ? -3.988  -4.288  12.401  1.00 14.46 ? 186 PRO B N   1 
ATOM   1490 C CA  . PRO A 1 180 ? -2.794  -3.986  11.618  1.00 13.48 ? 186 PRO B CA  1 
ATOM   1491 C C   . PRO A 1 180 ? -2.913  -4.377  10.124  1.00 12.26 ? 186 PRO B C   1 
ATOM   1492 O O   . PRO A 1 180 ? -3.769  -5.183  9.750   1.00 14.00 ? 186 PRO B O   1 
ATOM   1493 C CB  . PRO A 1 180 ? -1.716  -4.872  12.290  1.00 15.31 ? 186 PRO B CB  1 
ATOM   1494 C CG  . PRO A 1 180 ? -2.485  -6.046  12.776  1.00 16.62 ? 186 PRO B CG  1 
ATOM   1495 C CD  . PRO A 1 180 ? -3.784  -5.440  13.295  1.00 16.21 ? 186 PRO B CD  1 
ATOM   1496 N N   . LEU A 1 181 ? -2.039  -3.770  9.318   1.00 13.10 ? 187 LEU B N   1 
ATOM   1497 C CA  . LEU A 1 181 ? -1.627  -4.360  8.031   1.00 12.43 ? 187 LEU B CA  1 
ATOM   1498 C C   . LEU A 1 181 ? -0.468  -5.307  8.345   1.00 13.71 ? 187 LEU B C   1 
ATOM   1499 O O   . LEU A 1 181 ? 0.481   -4.868  9.071   1.00 15.72 ? 187 LEU B O   1 
ATOM   1500 C CB  . LEU A 1 181 ? -1.242  -3.270  7.042   1.00 12.92 ? 187 LEU B CB  1 
ATOM   1501 C CG  . LEU A 1 181 ? -2.345  -2.311  6.580   1.00 13.80 ? 187 LEU B CG  1 
ATOM   1502 C CD1 . LEU A 1 181 ? -1.789  -1.200  5.700   1.00 13.95 ? 187 LEU B CD1 1 
ATOM   1503 C CD2 . LEU A 1 181 ? -3.438  -3.072  5.835   1.00 14.87 ? 187 LEU B CD2 1 
ATOM   1504 N N   . LYS A 1 182 ? -0.459  -6.497  7.749   1.00 13.25 ? 188 LYS B N   1 
ATOM   1505 C CA  . LYS A 1 182 ? 0.635   -7.475  7.958   1.00 14.25 ? 188 LYS B CA  1 
ATOM   1506 C C   . LYS A 1 182 ? 1.159   -7.941  6.615   1.00 14.54 ? 188 LYS B C   1 
ATOM   1507 O O   . LYS A 1 182 ? 0.358   -8.425  5.782   1.00 15.02 ? 188 LYS B O   1 
ATOM   1508 C CB  . LYS A 1 182 ? 0.165   -8.673  8.790   1.00 16.43 ? 188 LYS B CB  1 
ATOM   1509 C CG  . LYS A 1 182 ? -0.545  -8.386  10.094  1.00 20.37 ? 188 LYS B CG  1 
ATOM   1510 C CD  . LYS A 1 182 ? -0.749  -9.670  10.921  1.00 24.41 ? 188 LYS B CD  1 
ATOM   1511 C CE  . LYS A 1 182 ? -1.628  -9.505  12.137  1.00 28.28 ? 188 LYS B CE  1 
ATOM   1512 N NZ  . LYS A 1 182 ? -1.975  -10.844 12.685  1.00 32.05 ? 188 LYS B NZ  1 
ATOM   1513 N N   . LEU A 1 183 ? 2.459   -7.936  6.424   1.00 14.20 ? 189 LEU B N   1 
ATOM   1514 C CA  . LEU A 1 183 ? 3.087   -8.580  5.232   1.00 14.67 ? 189 LEU B CA  1 
ATOM   1515 C C   . LEU A 1 183 ? 3.088   -10.098 5.442   1.00 16.44 ? 189 LEU B C   1 
ATOM   1516 O O   . LEU A 1 183 ? 3.637   -10.568 6.478   1.00 19.14 ? 189 LEU B O   1 
ATOM   1517 C CB  . LEU A 1 183 ? 4.478   -7.983  5.032   1.00 15.14 ? 189 LEU B CB  1 
ATOM   1518 C CG  . LEU A 1 183 ? 4.438   -6.596  4.390   1.00 15.71 ? 189 LEU B CG  1 
ATOM   1519 C CD1 . LEU A 1 183 ? 5.628   -5.704  4.751   1.00 20.93 ? 189 LEU B CD1 1 
ATOM   1520 C CD2 . LEU A 1 183 ? 4.176   -6.680  2.883   1.00 14.45 ? 189 LEU B CD2 1 
ATOM   1521 N N   . CYS A 1 184 ? 2.428   -10.828 4.547   1.00 17.73 ? 190 CYS B N   1 
ATOM   1522 C CA  . CYS A 1 184 ? 2.227   -12.312 4.670   1.00 19.14 ? 190 CYS B CA  1 
ATOM   1523 C C   . CYS A 1 184 ? 3.482   -13.043 4.249   1.00 22.31 ? 190 CYS B C   1 
ATOM   1524 O O   . CYS A 1 184 ? 4.146   -12.656 3.317   1.00 22.23 ? 190 CYS B O   1 
ATOM   1525 C CB  . CYS A 1 184 ? 1.169   -12.835 3.716   1.00 21.58 ? 190 CYS B CB  1 
ATOM   1526 S SG  . CYS A 1 184 ? -0.373  -11.927 3.756   1.00 23.32 ? 190 CYS B SG  1 
ATOM   1527 N N   . PRO A 1 185 ? 3.812   -14.166 4.920   1.00 26.72 ? 191 PRO B N   1 
ATOM   1528 C CA  . PRO A 1 185 ? 4.956   -14.970 4.547   1.00 31.31 ? 191 PRO B CA  1 
ATOM   1529 C C   . PRO A 1 185 ? 4.776   -15.540 3.140   1.00 30.71 ? 191 PRO B C   1 
ATOM   1530 O O   . PRO A 1 185 ? 3.651   -15.787 2.742   1.00 30.66 ? 191 PRO B O   1 
ATOM   1531 C CB  . PRO A 1 185 ? 4.998   -16.056 5.642   1.00 31.25 ? 191 PRO B CB  1 
ATOM   1532 C CG  . PRO A 1 185 ? 3.608   -16.106 6.212   1.00 32.54 ? 191 PRO B CG  1 
ATOM   1533 C CD  . PRO A 1 185 ? 3.086   -14.694 6.085   1.00 29.67 ? 191 PRO B CD  1 
ATOM   1534 N N   . LEU A 1 186 ? 5.913   -15.685 2.464   1.00 37.66 ? 192 LEU B N   1 
ATOM   1535 C CA  . LEU A 1 186 ? 6.167   -16.430 1.203   1.00 43.04 ? 192 LEU B CA  1 
ATOM   1536 C C   . LEU A 1 186 ? 5.785   -17.903 1.373   1.00 48.85 ? 192 LEU B C   1 
ATOM   1537 O O   . LEU A 1 186 ? 5.471   -18.551 0.365   1.00 52.88 ? 192 LEU B O   1 
ATOM   1538 C CB  . LEU A 1 186 ? 7.661   -16.291 0.892   1.00 41.87 ? 192 LEU B CB  1 
HETATM 1539 C C10 . JGP B 2 .   ? -8.253  8.561   15.119  0.30 19.31 ? 201 JGP B C10 1 
HETATM 1540 C C13 . JGP B 2 .   ? -8.233  11.058  16.518  0.30 19.84 ? 201 JGP B C13 1 
HETATM 1541 C C15 . JGP B 2 .   ? -6.125  9.772   15.768  0.30 18.75 ? 201 JGP B C15 1 
HETATM 1542 C C17 . JGP B 2 .   ? -3.041  13.089  11.107  0.30 16.74 ? 201 JGP B C17 1 
HETATM 1543 C C01 . JGP B 2 .   ? -4.318  8.981   12.474  0.30 16.43 ? 201 JGP B C01 1 
HETATM 1544 C C02 . JGP B 2 .   ? -3.245  9.613   11.844  0.30 16.45 ? 201 JGP B C02 1 
HETATM 1545 C C03 . JGP B 2 .   ? -3.386  10.937  11.567  0.30 16.50 ? 201 JGP B C03 1 
HETATM 1546 C C04 . JGP B 2 .   ? -4.530  11.629  11.910  0.30 16.86 ? 201 JGP B C04 1 
HETATM 1547 C C05 . JGP B 2 .   ? -5.599  11.026  12.511  0.30 16.20 ? 201 JGP B C05 1 
HETATM 1548 C C06 . JGP B 2 .   ? -5.471  9.662   12.821  0.30 16.63 ? 201 JGP B C06 1 
HETATM 1549 C C07 . JGP B 2 .   ? -6.590  8.882   13.462  0.30 16.63 ? 201 JGP B C07 1 
HETATM 1550 O O08 . JGP B 2 .   ? -7.192  8.040   12.800  0.30 14.61 ? 201 JGP B O08 1 
HETATM 1551 N N09 . JGP B 2 .   ? -6.938  9.102   14.742  0.30 18.25 ? 201 JGP B N09 1 
HETATM 1552 C C11 . JGP B 2 .   ? -8.547  8.515   16.610  0.30 19.85 ? 201 JGP B C11 1 
HETATM 1553 C C12 . JGP B 2 .   ? -8.770  9.862   17.263  0.30 20.37 ? 201 JGP B C12 1 
HETATM 1554 C C14 . JGP B 2 .   ? -6.727  11.067  16.295  0.30 19.44 ? 201 JGP B C14 1 
HETATM 1555 O O16 . JGP B 2 .   ? -4.400  12.945  11.528  0.30 17.19 ? 201 JGP B O16 1 
HETATM 1556 O O18 . JGP B 2 .   ? -2.471  11.784  10.979  0.30 16.54 ? 201 JGP B O18 1 
HETATM 1557 C C1  . EDO C 3 .   ? -2.601  23.614  7.637   1.00 35.47 ? 202 EDO B C1  1 
HETATM 1558 O O1  . EDO C 3 .   ? -1.914  22.405  7.342   1.00 29.93 ? 202 EDO B O1  1 
HETATM 1559 C C2  . EDO C 3 .   ? -4.043  23.515  7.393   1.00 35.90 ? 202 EDO B C2  1 
HETATM 1560 O O2  . EDO C 3 .   ? -4.628  22.733  8.397   1.00 46.24 ? 202 EDO B O2  1 
HETATM 1561 S S   . SO4 D 4 .   ? -4.197  16.978  -5.285  1.00 42.23 ? 203 SO4 B S   1 
HETATM 1562 O O1  . SO4 D 4 .   ? -3.061  16.349  -4.639  1.00 26.88 ? 203 SO4 B O1  1 
HETATM 1563 O O2  . SO4 D 4 .   ? -3.996  18.392  -5.322  1.00 47.05 ? 203 SO4 B O2  1 
HETATM 1564 O O3  . SO4 D 4 .   ? -4.318  16.485  -6.642  1.00 47.59 ? 203 SO4 B O3  1 
HETATM 1565 O O4  . SO4 D 4 .   ? -5.417  16.689  -4.573  1.00 45.48 ? 203 SO4 B O4  1 
HETATM 1566 O O   . HOH E 5 .   ? -7.923  -15.068 2.751   1.00 28.89 ? 301 HOH B O   1 
HETATM 1567 O O   . HOH E 5 .   ? -15.231 4.360   -0.970  1.00 35.49 ? 302 HOH B O   1 
HETATM 1568 O O   . HOH E 5 .   ? 2.032   10.207  23.212  1.00 22.80 ? 303 HOH B O   1 
HETATM 1569 O O   . HOH E 5 .   ? 3.817   9.779   -14.544 1.00 23.25 ? 304 HOH B O   1 
HETATM 1570 O O   . HOH E 5 .   ? -0.309  3.493   21.530  1.00 32.67 ? 305 HOH B O   1 
HETATM 1571 O O   . HOH E 5 .   ? -16.538 -2.594  11.444  1.00 35.16 ? 306 HOH B O   1 
HETATM 1572 O O   . HOH E 5 .   ? -4.093  -0.210  16.482  1.00 24.73 ? 307 HOH B O   1 
HETATM 1573 O O   . HOH E 5 .   ? 11.939  8.351   2.479   1.00 24.86 ? 308 HOH B O   1 
HETATM 1574 O O   . HOH E 5 .   ? 15.161  -6.787  -13.752 1.00 47.06 ? 309 HOH B O   1 
HETATM 1575 O O   . HOH E 5 .   ? 12.366  8.246   21.344  1.00 42.43 ? 310 HOH B O   1 
HETATM 1576 O O   . HOH E 5 .   ? 15.149  4.199   -11.128 1.00 17.20 ? 311 HOH B O   1 
HETATM 1577 O O   . HOH E 5 .   ? 12.567  -3.361  14.204  1.00 35.21 ? 312 HOH B O   1 
HETATM 1578 O O   . HOH E 5 .   ? 14.006  -0.744  -15.796 1.00 16.82 ? 313 HOH B O   1 
HETATM 1579 O O   . HOH E 5 .   ? -0.164  6.567   -19.050 1.00 38.76 ? 314 HOH B O   1 
HETATM 1580 O O   . HOH E 5 .   ? -13.668 -3.922  12.472  1.00 38.27 ? 315 HOH B O   1 
HETATM 1581 O O   . HOH E 5 .   ? 7.732   14.062  16.121  1.00 25.34 ? 316 HOH B O   1 
HETATM 1582 O O   . HOH E 5 .   ? -1.273  -16.668 -2.860  1.00 32.53 ? 317 HOH B O   1 
HETATM 1583 O O   . HOH E 5 .   ? -17.318 1.448   15.474  1.00 30.32 ? 318 HOH B O   1 
HETATM 1584 O O   . HOH E 5 .   ? -3.254  -0.790  -21.618 1.00 28.42 ? 319 HOH B O   1 
HETATM 1585 O O   . HOH E 5 .   ? 2.231   12.823  -1.978  1.00 36.55 ? 320 HOH B O   1 
HETATM 1586 O O   . HOH E 5 .   ? -7.525  9.438   -6.858  1.00 25.69 ? 321 HOH B O   1 
HETATM 1587 O O   . HOH E 5 .   ? -14.158 -17.591 -3.193  1.00 43.87 ? 322 HOH B O   1 
HETATM 1588 O O   . HOH E 5 .   ? 11.522  9.913   -8.308  1.00 27.89 ? 323 HOH B O   1 
HETATM 1589 O O   . HOH E 5 .   ? 9.334   16.310  2.844   1.00 28.32 ? 324 HOH B O   1 
HETATM 1590 O O   . HOH E 5 .   ? -0.326  12.903  21.007  1.00 39.57 ? 325 HOH B O   1 
HETATM 1591 O O   . HOH E 5 .   ? -11.024 -5.973  2.652   1.00 15.41 ? 326 HOH B O   1 
HETATM 1592 O O   . HOH E 5 .   ? 1.424   -1.298  -19.834 1.00 19.27 ? 327 HOH B O   1 
HETATM 1593 O O   . HOH E 5 .   ? -5.522  14.401  7.873   1.00 36.61 ? 328 HOH B O   1 
HETATM 1594 O O   . HOH E 5 .   ? 6.432   17.357  9.543   1.00 28.88 ? 329 HOH B O   1 
HETATM 1595 O O   . HOH E 5 .   ? 3.489   -8.471  -16.861 1.00 26.52 ? 330 HOH B O   1 
HETATM 1596 O O   . HOH E 5 .   ? 11.518  -12.053 -10.508 1.00 35.66 ? 331 HOH B O   1 
HETATM 1597 O O   . HOH E 5 .   ? -4.688  13.758  -8.557  1.00 36.04 ? 332 HOH B O   1 
HETATM 1598 O O   . HOH E 5 .   ? -5.648  3.354   24.013  1.00 43.76 ? 333 HOH B O   1 
HETATM 1599 O O   . HOH E 5 .   ? -10.944 5.195   18.212  1.00 35.45 ? 334 HOH B O   1 
HETATM 1600 O O   . HOH E 5 .   ? -0.770  -8.162  -14.417 1.00 25.85 ? 335 HOH B O   1 
HETATM 1601 O O   . HOH E 5 .   ? -2.397  20.489  5.493   1.00 21.02 ? 336 HOH B O   1 
HETATM 1602 O O   . HOH E 5 .   ? -15.527 8.229   -10.468 1.00 38.09 ? 337 HOH B O   1 
HETATM 1603 O O   . HOH E 5 .   ? 6.859   -9.788  1.436   1.00 18.85 ? 338 HOH B O   1 
HETATM 1604 O O   . HOH E 5 .   ? 3.576   13.417  -4.979  1.00 19.62 ? 339 HOH B O   1 
HETATM 1605 O O   . HOH E 5 .   ? -3.312  5.537   -7.079  1.00 13.25 ? 340 HOH B O   1 
HETATM 1606 O O   . HOH E 5 .   ? -4.428  -7.771  -15.898 1.00 18.95 ? 341 HOH B O   1 
HETATM 1607 O O   . HOH E 5 .   ? 4.141   -10.566 1.578   1.00 17.33 ? 342 HOH B O   1 
HETATM 1608 O O   . HOH E 5 .   ? 17.247  -0.343  -12.813 1.00 29.87 ? 343 HOH B O   1 
HETATM 1609 O O   . HOH E 5 .   ? 8.076   15.569  -3.854  1.00 42.39 ? 344 HOH B O   1 
HETATM 1610 O O   . HOH E 5 .   ? -5.769  2.792   -14.766 1.00 17.98 ? 345 HOH B O   1 
HETATM 1611 O O   . HOH E 5 .   ? -20.095 9.273   3.020   1.00 20.47 ? 346 HOH B O   1 
HETATM 1612 O O   . HOH E 5 .   ? 7.725   12.792  -7.832  1.00 23.81 ? 347 HOH B O   1 
HETATM 1613 O O   . HOH E 5 .   ? 17.523  -2.283  -10.925 1.00 36.44 ? 348 HOH B O   1 
HETATM 1614 O O   . HOH E 5 .   ? 9.955   -6.762  -16.255 1.00 30.43 ? 349 HOH B O   1 
HETATM 1615 O O   . HOH E 5 .   ? -6.013  2.331   11.911  1.00 16.52 ? 350 HOH B O   1 
HETATM 1616 O O   . HOH E 5 .   ? -15.433 -0.180  5.311   1.00 16.72 ? 351 HOH B O   1 
HETATM 1617 O O   . HOH E 5 .   ? -13.897 -3.860  -11.618 1.00 17.81 ? 352 HOH B O   1 
HETATM 1618 O O   . HOH E 5 .   ? 1.737   15.421  -4.847  1.00 32.40 ? 353 HOH B O   1 
HETATM 1619 O O   . HOH E 5 .   ? -7.520  -15.310 6.101   1.00 36.12 ? 354 HOH B O   1 
HETATM 1620 O O   . HOH E 5 .   ? -8.575  -13.595 8.059   1.00 26.92 ? 355 HOH B O   1 
HETATM 1621 O O   . HOH E 5 .   ? -18.741 6.709   0.645   1.00 21.50 ? 356 HOH B O   1 
HETATM 1622 O O   . HOH E 5 .   ? -12.857 -1.392  -11.807 1.00 19.46 ? 357 HOH B O   1 
HETATM 1623 O O   . HOH E 5 .   ? -5.406  -7.263  10.551  1.00 23.56 ? 358 HOH B O   1 
HETATM 1624 O O   . HOH E 5 .   ? 5.741   17.769  14.030  1.00 17.63 ? 359 HOH B O   1 
HETATM 1625 O O   . HOH E 5 .   ? 0.938   14.098  4.515   1.00 17.11 ? 360 HOH B O   1 
HETATM 1626 O O   . HOH E 5 .   ? -18.968 3.917   0.010   1.00 27.29 ? 361 HOH B O   1 
HETATM 1627 O O   . HOH E 5 .   ? 14.340  -0.072  6.966   1.00 38.11 ? 362 HOH B O   1 
HETATM 1628 O O   . HOH E 5 .   ? 17.202  3.287   -9.333  1.00 29.95 ? 363 HOH B O   1 
HETATM 1629 O O   . HOH E 5 .   ? 7.172   -7.705  -19.247 1.00 29.80 ? 364 HOH B O   1 
HETATM 1630 O O   . HOH E 5 .   ? 4.983   -10.820 11.407  1.00 26.25 ? 365 HOH B O   1 
HETATM 1631 O O   . HOH E 5 .   ? -12.781 -5.134  -9.423  1.00 17.58 ? 366 HOH B O   1 
HETATM 1632 O O   . HOH E 5 .   ? -9.188  -19.070 -2.504  1.00 43.92 ? 367 HOH B O   1 
HETATM 1633 O O   . HOH E 5 .   ? 6.006   6.019   13.963  1.00 21.49 ? 368 HOH B O   1 
HETATM 1634 O O   . HOH E 5 .   ? 9.574   13.292  -0.933  1.00 32.55 ? 369 HOH B O   1 
HETATM 1635 O O   . HOH E 5 .   ? 3.511   -10.662 9.276   1.00 29.23 ? 370 HOH B O   1 
HETATM 1636 O O   . HOH E 5 .   ? -15.991 2.616   9.090   1.00 26.40 ? 371 HOH B O   1 
HETATM 1637 O O   . HOH E 5 .   ? -11.734 -10.999 -11.466 1.00 18.11 ? 372 HOH B O   1 
HETATM 1638 O O   . HOH E 5 .   ? 13.333  10.812  12.834  1.00 26.07 ? 373 HOH B O   1 
HETATM 1639 O O   . HOH E 5 .   ? 11.619  -9.394  8.697   1.00 33.94 ? 374 HOH B O   1 
HETATM 1640 O O   . HOH E 5 .   ? -5.114  16.448  6.071   1.00 37.77 ? 375 HOH B O   1 
HETATM 1641 O O   . HOH E 5 .   ? -6.593  7.826   1.185   1.00 37.13 ? 376 HOH B O   1 
HETATM 1642 O O   . HOH E 5 .   ? -10.271 -4.982  5.130   1.00 13.98 ? 377 HOH B O   1 
HETATM 1643 O O   . HOH E 5 .   ? -16.063 -9.785  -7.932  1.00 32.78 ? 378 HOH B O   1 
HETATM 1644 O O   . HOH E 5 .   ? -9.383  6.346   7.218   1.00 18.50 ? 379 HOH B O   1 
HETATM 1645 O O   . HOH E 5 .   ? 13.334  9.422   17.089  1.00 37.12 ? 380 HOH B O   1 
HETATM 1646 O O   . HOH E 5 .   ? -1.810  20.840  2.487   1.00 27.36 ? 381 HOH B O   1 
HETATM 1647 O O   . HOH E 5 .   ? -5.550  -17.782 -3.426  1.00 34.60 ? 382 HOH B O   1 
HETATM 1648 O O   . HOH E 5 .   ? 1.272   14.345  16.419  1.00 29.40 ? 383 HOH B O   1 
HETATM 1649 O O   . HOH E 5 .   ? 5.443   14.458  10.369  1.00 33.67 ? 384 HOH B O   1 
HETATM 1650 O O   . HOH E 5 .   ? -16.142 -2.809  4.866   1.00 32.19 ? 385 HOH B O   1 
HETATM 1651 O O   . HOH E 5 .   ? 15.317  8.821   -7.302  1.00 23.52 ? 386 HOH B O   1 
HETATM 1652 O O   . HOH E 5 .   ? -9.989  -3.314  12.948  1.00 17.78 ? 387 HOH B O   1 
HETATM 1653 O O   . HOH E 5 .   ? 3.857   2.307   -19.653 1.00 25.56 ? 388 HOH B O   1 
HETATM 1654 O O   . HOH E 5 .   ? -12.105 -10.264 -6.355  1.00 18.66 ? 389 HOH B O   1 
HETATM 1655 O O   . HOH E 5 .   ? -4.154  0.298   12.448  1.00 14.78 ? 390 HOH B O   1 
HETATM 1656 O O   . HOH E 5 .   ? 14.061  -6.419  -15.887 1.00 40.65 ? 391 HOH B O   1 
HETATM 1657 O O   . HOH E 5 .   ? 16.116  1.770   -7.214  1.00 28.48 ? 392 HOH B O   1 
HETATM 1658 O O   . HOH E 5 .   ? 15.403  -2.730  -8.914  1.00 31.39 ? 393 HOH B O   1 
HETATM 1659 O O   . HOH E 5 .   ? 18.612  1.249   -10.499 1.00 29.63 ? 394 HOH B O   1 
HETATM 1660 O O   . HOH E 5 .   ? -16.606 -1.945  -4.116  1.00 22.20 ? 395 HOH B O   1 
HETATM 1661 O O   . HOH E 5 .   ? -14.467 3.431   6.370   1.00 22.45 ? 396 HOH B O   1 
HETATM 1662 O O   . HOH E 5 .   ? -6.311  3.418   17.093  1.00 36.66 ? 397 HOH B O   1 
HETATM 1663 O O   . HOH E 5 .   ? 2.065   -2.416  -0.674  1.00 14.32 ? 398 HOH B O   1 
HETATM 1664 O O   . HOH E 5 .   ? -14.492 -4.321  7.298   1.00 49.35 ? 399 HOH B O   1 
HETATM 1665 O O   . HOH E 5 .   ? -9.001  -16.765 -9.916  1.00 46.88 ? 400 HOH B O   1 
HETATM 1666 O O   . HOH E 5 .   ? 11.177  6.088   13.653  1.00 26.68 ? 401 HOH B O   1 
HETATM 1667 O O   . HOH E 5 .   ? 12.236  -9.915  -12.429 1.00 29.98 ? 402 HOH B O   1 
HETATM 1668 O O   . HOH E 5 .   ? -14.540 -11.359 -5.298  1.00 25.95 ? 403 HOH B O   1 
HETATM 1669 O O   . HOH E 5 .   ? 0.946   6.283   -14.671 1.00 18.10 ? 404 HOH B O   1 
HETATM 1670 O O   . HOH E 5 .   ? 2.770   -3.389  14.837  1.00 24.16 ? 405 HOH B O   1 
HETATM 1671 O O   . HOH E 5 .   ? 13.250  -10.798 -1.453  1.00 35.38 ? 406 HOH B O   1 
HETATM 1672 O O   . HOH E 5 .   ? -6.080  8.353   5.231   1.00 30.67 ? 407 HOH B O   1 
HETATM 1673 O O   . HOH E 5 .   ? 0.894   -5.171  14.671  1.00 25.73 ? 408 HOH B O   1 
HETATM 1674 O O   . HOH E 5 .   ? 6.921   13.465  13.516  1.00 46.90 ? 409 HOH B O   1 
HETATM 1675 O O   . HOH E 5 .   ? -12.472 -8.187  -8.183  1.00 17.48 ? 410 HOH B O   1 
HETATM 1676 O O   . HOH E 5 .   ? -6.933  21.804  10.051  1.00 42.36 ? 411 HOH B O   1 
HETATM 1677 O O   . HOH E 5 .   ? 16.095  -1.836  -2.213  1.00 28.25 ? 412 HOH B O   1 
HETATM 1678 O O   . HOH E 5 .   ? 7.118   -5.947  18.054  1.00 30.59 ? 413 HOH B O   1 
HETATM 1679 O O   . HOH E 5 .   ? 4.163   12.210  11.175  1.00 25.31 ? 414 HOH B O   1 
HETATM 1680 O O   . HOH E 5 .   ? -9.798  -12.979 -12.408 1.00 24.38 ? 415 HOH B O   1 
HETATM 1681 O O   . HOH E 5 .   ? -15.766 -4.816  3.177   1.00 31.52 ? 416 HOH B O   1 
HETATM 1682 O O   . HOH E 5 .   ? 11.274  16.728  15.953  1.00 26.25 ? 417 HOH B O   1 
HETATM 1683 O O   . HOH E 5 .   ? 15.454  13.829  -0.121  1.00 35.57 ? 418 HOH B O   1 
HETATM 1684 O O   . HOH E 5 .   ? 1.424   9.061   -14.050 1.00 34.26 ? 419 HOH B O   1 
HETATM 1685 O O   . HOH E 5 .   ? -6.476  -13.952 -11.738 1.00 32.87 ? 420 HOH B O   1 
HETATM 1686 O O   . HOH E 5 .   ? -1.692  1.273   21.119  1.00 44.91 ? 421 HOH B O   1 
HETATM 1687 O O   . HOH E 5 .   ? 3.664   4.822   23.074  1.00 33.70 ? 422 HOH B O   1 
HETATM 1688 O O   . HOH E 5 .   ? -10.037 1.173   18.870  1.00 23.67 ? 423 HOH B O   1 
HETATM 1689 O O   . HOH E 5 .   ? 5.960   -12.623 7.943   1.00 38.93 ? 424 HOH B O   1 
HETATM 1690 O O   . HOH E 5 .   ? 7.806   -8.826  15.538  1.00 29.55 ? 425 HOH B O   1 
HETATM 1691 O O   . HOH E 5 .   ? 6.057   14.239  -6.430  1.00 33.09 ? 426 HOH B O   1 
HETATM 1692 O O   . HOH E 5 .   ? -3.731  -16.448 -4.815  1.00 34.14 ? 427 HOH B O   1 
HETATM 1693 O O   . HOH E 5 .   ? 3.924   16.325  11.883  1.00 42.64 ? 428 HOH B O   1 
HETATM 1694 O O   . HOH E 5 .   ? -17.625 -4.358  1.457   1.00 38.24 ? 429 HOH B O   1 
HETATM 1695 O O   . HOH E 5 .   ? 15.366  -5.394  -18.187 1.00 31.80 ? 430 HOH B O   1 
HETATM 1696 O O   . HOH E 5 .   ? 12.449  -9.821  14.486  1.00 32.73 ? 431 HOH B O   1 
HETATM 1697 O O   . HOH E 5 .   ? 13.664  8.240   19.171  1.00 52.53 ? 432 HOH B O   1 
HETATM 1698 O O   . HOH E 5 .   ? -1.333  6.307   -15.907 1.00 37.33 ? 433 HOH B O   1 
HETATM 1699 O O   . HOH E 5 .   ? -5.704  -0.483  19.255  1.00 40.03 ? 434 HOH B O   1 
HETATM 1700 O O   . HOH E 5 .   ? 11.579  18.571  11.653  1.00 39.09 ? 435 HOH B O   1 
HETATM 1701 O O   . HOH E 5 .   ? 1.717   -12.556 9.596   1.00 37.92 ? 436 HOH B O   1 
HETATM 1702 O O   . HOH E 5 .   ? 9.845   18.483  3.883   1.00 39.41 ? 437 HOH B O   1 
HETATM 1703 O O   . HOH E 5 .   ? -1.801  -7.505  -17.012 1.00 31.49 ? 438 HOH B O   1 
HETATM 1704 O O   . HOH E 5 .   ? 6.784   19.416  7.720   1.00 39.82 ? 439 HOH B O   1 
HETATM 1705 O O   . HOH E 5 .   ? -6.458  5.298   -15.551 1.00 25.44 ? 440 HOH B O   1 
HETATM 1706 O O   . HOH E 5 .   ? 0.073   -3.876  -20.476 1.00 33.09 ? 441 HOH B O   1 
HETATM 1707 O O   . HOH E 5 .   ? 0.544   8.917   -17.856 1.00 30.69 ? 442 HOH B O   1 
HETATM 1708 O O   . HOH E 5 .   ? -7.400  10.657  4.539   1.00 39.85 ? 443 HOH B O   1 
# 
